data_1PRC
#
_entry.id   1PRC
#
_cell.length_a   223.500
_cell.length_b   223.500
_cell.length_c   113.600
_cell.angle_alpha   90.00
_cell.angle_beta   90.00
_cell.angle_gamma   90.00
#
_symmetry.space_group_name_H-M   'P 43 21 2'
#
loop_
_entity.id
_entity.type
_entity.pdbx_description
1 polymer 'PHOTOSYNTHETIC REACTION CENTER'
2 polymer 'PHOTOSYNTHETIC REACTION CENTER'
3 polymer 'PHOTOSYNTHETIC REACTION CENTER'
4 polymer 'PHOTOSYNTHETIC REACTION CENTER'
5 non-polymer 'HEME C'
6 non-polymer 'BACTERIOCHLOROPHYLL B'
7 non-polymer 'BACTERIOPHEOPHYTIN B'
8 non-polymer UBIQUINONE-1
9 non-polymer 'FE (III) ION'
10 non-polymer 'SULFATE ION'
11 non-polymer MENAQUINONE-7
12 non-polymer 15-trans-1,2-dihydroneurosporene
13 non-polymer 'LAURYL DIMETHYLAMINE-N-OXIDE'
14 water water
#
loop_
_entity_poly.entity_id
_entity_poly.type
_entity_poly.pdbx_seq_one_letter_code
_entity_poly.pdbx_strand_id
1 'polypeptide(L)'
;CFEPPPATTTQTGFRGLSMGEVLHPATVKAKKERDAQYPPALAAVKAEGPPVSQVYKNVKVLGNLTEAEFLRTMTAITEW
VSPQEGCTYCHDENNLASEAKYPYVVARRMLEMTRAINTNWTQHVAQTGVTCYTCHRGTPLPPYVRYLEPTLPLNNRETP
THVERVETRSGYVVRLAKYTAYSALNYDPFTMFLANDKRQVRVVPQTALPLVGVSRGKERRPLSDAYATFALMMSISDSL
GTNCTFCHNAQTFESWGKKSTPQRAIAWWGIRMVRDLNMNYLAPLNASLPASRLGRQGEAPQADCRTCHQGVTKPLFGAS
RLKDYPELGPIKAAAK
;
C
2 'polypeptide(L)'
;ALLSFERKYRVRGGTLIGGDLFDFWVGPYFVGFFGVSAIFFIFLGVSLIGYAASQGPTWDPFAISINPPDLKYGLGAAPL
LEGGFWQAITVCALGAFISWMLREVEISRKLGIGWHVPLAFCVPIFMFCVLQVFRPLLLGSWGHAFPYGILSHLDWVNNF
GYQYLNWHYNPGHMSSVSFLFVNAMALGLHGGLILSVANPGDGDKVKTAEHENQYFRDVVGYSIGALSIHRLGLFLASNI
FLTGAFGTIASGPFWTRGWPEWWGWWLDIPFWS
;
L
3 'polypeptide(L)'
;ADYQTIYTQIQARGPHITVSGEWGDNDRVGKPFYSYWLGKIGDAQIGPIYLGASGIAAFAFGSTAILIILFNMAAEVHFD
PLQFFRQFFWLGLYPPKAQYGMGIPPLHDGGWWLMAGLFMTLSLGSWWIRVYSRARALGLGTHIAWNFAAAIFFVLCIGC
IHPTLVGSWSEGVPFGIWPHIDWLTAFSIRYGNFYYCPWHGFSIGFAYGCGLLFAAHGATILAVARFGGDREIEQITDRG
TAVERAALFWRWTIGFNATIESVHRWGWFFSLMVMVSASVGILLTGTFVDNWYLWCVKHGAAPDYPAYLPATPDPASLPG
APK
;
M
4 'polypeptide(L)'
;(FME)YHGALAQHLDIAQLVWYAQWLVIWTVVLLYLRREDRREGYPLVEPLGLVKLAPEDGQVYELPYPKTFVLPHGGTV
TVPRRRPETRELKLAQTDGFEGAPLQPTGNPLVDAVGPASYAERAEVVDATVDGKAKIVPLRVATDFSIAEGDVDPRGLP
VVAADGVEAGTVTDLWVDRSEHYFRYLELSVAGSARTALIPLGFCDVKKDKIVVTSILSEQFANVPRLQSRDQITLREED
KVSAYYAGGLLYATPERAESLL
;
H
#
loop_
_chem_comp.id
_chem_comp.type
_chem_comp.name
_chem_comp.formula
BCB non-polymer 'BACTERIOCHLOROPHYLL B' 'C55 H72 Mg N4 O6 2'
BPB non-polymer 'BACTERIOPHEOPHYTIN B' 'C55 H74 N4 O6'
FE non-polymer 'FE (III) ION' 'Fe 3'
HEC non-polymer 'HEME C' 'C34 H34 Fe N4 O4'
LDA non-polymer 'LAURYL DIMETHYLAMINE-N-OXIDE' 'C14 H31 N O'
MQ7 non-polymer MENAQUINONE-7 'C46 H64 O2'
NS1 non-polymer 15-trans-1,2-dihydroneurosporene 'C40 H60'
SO4 non-polymer 'SULFATE ION' 'O4 S -2'
UQ1 non-polymer UBIQUINONE-1 'C14 H18 O4'
#
# COMPACT_ATOMS: atom_id res chain seq x y z
N CYS A 1 -1.94 -17.32 -17.11
CA CYS A 1 -1.66 -16.22 -16.21
C CYS A 1 -1.81 -16.56 -14.71
N PHE A 2 -2.76 -17.46 -14.36
CA PHE A 2 -2.96 -17.76 -12.97
C PHE A 2 -2.92 -19.27 -12.71
N GLU A 3 -2.57 -19.74 -11.54
CA GLU A 3 -2.60 -21.18 -11.40
C GLU A 3 -3.88 -21.36 -10.60
N PRO A 4 -4.69 -22.42 -10.75
CA PRO A 4 -5.96 -22.49 -9.96
C PRO A 4 -5.94 -23.32 -8.68
N PRO A 5 -6.83 -22.99 -7.69
CA PRO A 5 -6.89 -23.77 -6.46
C PRO A 5 -7.34 -25.21 -6.70
N PRO A 6 -7.25 -26.03 -5.66
CA PRO A 6 -6.71 -25.59 -4.39
C PRO A 6 -5.16 -25.48 -4.45
N ALA A 7 -4.59 -25.19 -3.29
CA ALA A 7 -3.17 -25.05 -3.07
C ALA A 7 -2.90 -25.79 -1.78
N THR A 8 -1.78 -26.50 -1.78
CA THR A 8 -1.34 -27.26 -0.64
C THR A 8 -0.50 -26.32 0.19
N THR A 9 -0.83 -26.23 1.47
CA THR A 9 -0.02 -25.36 2.30
C THR A 9 0.47 -26.15 3.45
N THR A 10 1.61 -25.69 3.93
CA THR A 10 2.22 -26.36 5.09
C THR A 10 2.61 -25.29 6.04
N GLN A 11 2.87 -25.65 7.30
CA GLN A 11 3.25 -24.75 8.38
C GLN A 11 4.67 -24.98 8.85
N THR A 12 5.48 -23.95 8.94
CA THR A 12 6.90 -24.10 9.33
C THR A 12 7.20 -23.21 10.52
N GLY A 13 6.17 -22.49 10.96
CA GLY A 13 6.31 -21.53 12.04
C GLY A 13 5.18 -21.56 13.06
N PHE A 14 5.35 -20.85 14.14
CA PHE A 14 4.32 -20.76 15.16
C PHE A 14 3.06 -20.24 14.52
N ARG A 15 1.92 -20.66 15.04
CA ARG A 15 0.57 -20.27 14.56
C ARG A 15 0.40 -18.79 14.35
N GLY A 16 0.01 -18.38 13.19
CA GLY A 16 -0.22 -16.95 13.01
C GLY A 16 0.97 -16.14 12.53
N LEU A 17 2.06 -16.79 12.16
CA LEU A 17 3.15 -15.97 11.65
C LEU A 17 3.21 -16.03 10.16
N SER A 18 2.34 -16.84 9.61
CA SER A 18 2.28 -16.95 8.18
C SER A 18 3.49 -17.53 7.56
N MET A 19 3.99 -18.57 8.21
CA MET A 19 5.19 -19.19 7.72
C MET A 19 4.92 -20.55 7.20
N GLY A 20 5.34 -20.83 5.98
CA GLY A 20 5.11 -22.17 5.49
C GLY A 20 5.28 -22.16 4.02
N GLU A 21 5.05 -23.32 3.42
CA GLU A 21 5.12 -23.53 1.99
C GLU A 21 3.75 -23.40 1.32
N VAL A 22 3.82 -22.96 0.08
CA VAL A 22 2.66 -22.78 -0.77
C VAL A 22 2.96 -23.46 -2.09
N LEU A 23 2.37 -24.64 -2.30
CA LEU A 23 2.62 -25.42 -3.49
C LEU A 23 1.41 -25.59 -4.40
N HIS A 24 1.66 -25.64 -5.70
CA HIS A 24 0.57 -25.89 -6.64
C HIS A 24 0.54 -27.41 -6.76
N PRO A 25 -0.60 -28.07 -6.51
CA PRO A 25 -0.51 -29.50 -6.60
C PRO A 25 0.00 -30.08 -7.93
N ALA A 26 -0.41 -29.56 -9.06
CA ALA A 26 0.12 -30.14 -10.28
C ALA A 26 1.62 -29.95 -10.42
N THR A 27 2.10 -28.74 -10.07
CA THR A 27 3.53 -28.52 -10.26
C THR A 27 4.28 -29.64 -9.58
N VAL A 28 3.87 -29.95 -8.36
CA VAL A 28 4.54 -30.99 -7.61
C VAL A 28 4.49 -32.37 -8.28
N LYS A 29 3.30 -32.74 -8.81
CA LYS A 29 3.09 -34.03 -9.50
C LYS A 29 3.95 -34.10 -10.75
N ALA A 30 4.16 -32.99 -11.46
CA ALA A 30 5.04 -33.17 -12.57
C ALA A 30 6.44 -33.47 -12.07
N LYS A 31 6.90 -32.67 -11.15
CA LYS A 31 8.24 -32.94 -10.65
C LYS A 31 8.36 -34.31 -10.03
N LYS A 32 7.33 -34.75 -9.33
CA LYS A 32 7.32 -36.03 -8.61
C LYS A 32 7.66 -37.21 -9.51
N GLU A 33 7.04 -37.13 -10.71
CA GLU A 33 7.08 -38.10 -11.77
C GLU A 33 8.33 -38.02 -12.61
N ARG A 34 8.97 -36.86 -12.62
CA ARG A 34 10.14 -36.73 -13.50
C ARG A 34 11.31 -37.20 -12.70
N ASP A 35 11.11 -36.97 -11.45
CA ASP A 35 12.07 -37.41 -10.50
C ASP A 35 11.90 -38.91 -10.31
N ALA A 36 10.70 -39.42 -10.60
CA ALA A 36 10.42 -40.84 -10.45
C ALA A 36 11.23 -41.73 -11.40
N GLN A 37 11.72 -41.10 -12.48
CA GLN A 37 12.52 -41.74 -13.49
C GLN A 37 13.84 -42.28 -12.84
N TYR A 38 14.07 -42.02 -11.53
CA TYR A 38 15.29 -42.57 -10.93
C TYR A 38 15.28 -44.11 -11.02
N PRO A 39 16.17 -44.66 -11.86
CA PRO A 39 16.27 -46.11 -11.97
C PRO A 39 16.49 -46.83 -10.65
N PRO A 40 15.77 -47.95 -10.49
CA PRO A 40 15.88 -48.78 -9.29
C PRO A 40 17.24 -49.31 -9.26
N ALA A 41 17.56 -49.66 -8.06
CA ALA A 41 18.80 -50.25 -7.76
C ALA A 41 18.95 -51.60 -8.44
N LEU A 42 20.18 -51.84 -8.94
CA LEU A 42 20.54 -53.10 -9.58
C LEU A 42 20.55 -54.17 -8.49
N ALA A 43 20.14 -55.38 -8.90
CA ALA A 43 20.07 -56.53 -8.03
C ALA A 43 21.41 -56.77 -7.37
N ALA A 44 21.32 -57.15 -6.11
CA ALA A 44 22.52 -57.44 -5.37
C ALA A 44 23.26 -58.62 -6.00
N VAL A 45 24.58 -58.54 -5.90
CA VAL A 45 25.46 -59.54 -6.40
C VAL A 45 26.31 -60.04 -5.26
N LYS A 46 26.57 -61.35 -5.24
CA LYS A 46 27.43 -61.84 -4.18
C LYS A 46 28.89 -61.81 -4.54
N ALA A 47 29.64 -61.37 -3.53
CA ALA A 47 31.07 -61.19 -3.52
C ALA A 47 31.86 -62.49 -3.52
N GLU A 48 32.22 -62.91 -4.70
CA GLU A 48 33.01 -64.10 -4.91
C GLU A 48 34.32 -63.63 -5.56
N GLY A 49 35.44 -64.12 -5.07
CA GLY A 49 36.69 -63.78 -5.71
C GLY A 49 37.62 -62.78 -5.08
N PRO A 50 38.64 -62.49 -5.87
CA PRO A 50 39.71 -61.58 -5.52
C PRO A 50 39.30 -60.14 -5.77
N PRO A 51 39.84 -59.23 -4.99
CA PRO A 51 39.59 -57.82 -5.23
C PRO A 51 40.01 -57.53 -6.66
N VAL A 52 39.32 -56.63 -7.32
CA VAL A 52 39.71 -56.29 -8.68
C VAL A 52 41.10 -55.66 -8.77
N SER A 53 41.69 -55.29 -7.64
CA SER A 53 43.00 -54.70 -7.74
C SER A 53 43.99 -55.76 -8.23
N GLN A 54 43.68 -57.00 -7.86
CA GLN A 54 44.55 -58.01 -8.37
C GLN A 54 44.12 -58.21 -9.83
N VAL A 55 42.82 -58.54 -9.97
CA VAL A 55 42.08 -58.81 -11.21
C VAL A 55 42.24 -57.85 -12.39
N TYR A 56 41.91 -56.57 -12.22
CA TYR A 56 42.09 -55.64 -13.34
C TYR A 56 43.40 -54.91 -13.28
N LYS A 57 43.62 -54.16 -14.35
CA LYS A 57 44.83 -53.38 -14.54
C LYS A 57 44.88 -52.03 -13.81
N ASN A 58 44.21 -51.06 -14.43
CA ASN A 58 44.11 -49.66 -14.02
C ASN A 58 42.87 -49.32 -13.21
N VAL A 59 42.71 -49.90 -12.01
CA VAL A 59 41.55 -49.60 -11.15
C VAL A 59 41.98 -48.90 -9.85
N LYS A 60 41.92 -47.55 -9.86
CA LYS A 60 42.36 -46.70 -8.73
C LYS A 60 41.45 -46.58 -7.49
N VAL A 61 40.17 -46.37 -7.79
CA VAL A 61 39.18 -46.12 -6.78
C VAL A 61 38.37 -47.26 -6.20
N LEU A 62 37.78 -48.06 -7.07
CA LEU A 62 36.93 -49.09 -6.56
C LEU A 62 37.61 -50.42 -6.37
N GLY A 63 38.97 -50.39 -6.32
CA GLY A 63 39.82 -51.59 -6.18
C GLY A 63 39.47 -52.56 -5.04
N ASN A 64 38.59 -52.18 -4.08
CA ASN A 64 38.18 -53.08 -3.01
C ASN A 64 37.09 -54.03 -3.53
N LEU A 65 36.39 -53.61 -4.56
CA LEU A 65 35.27 -54.41 -5.07
C LEU A 65 35.69 -55.68 -5.84
N THR A 66 34.87 -56.70 -5.72
CA THR A 66 35.06 -57.91 -6.45
C THR A 66 34.76 -57.62 -7.93
N GLU A 67 34.81 -58.63 -8.79
CA GLU A 67 34.52 -58.35 -10.18
C GLU A 67 33.01 -58.11 -10.33
N ALA A 68 32.26 -58.98 -9.71
CA ALA A 68 30.83 -58.97 -9.80
C ALA A 68 30.22 -57.66 -9.34
N GLU A 69 30.64 -57.26 -8.14
CA GLU A 69 30.28 -56.00 -7.49
C GLU A 69 30.71 -54.82 -8.34
N PHE A 70 31.98 -54.83 -8.74
CA PHE A 70 32.51 -53.75 -9.57
C PHE A 70 31.72 -53.56 -10.84
N LEU A 71 31.47 -54.68 -11.50
CA LEU A 71 30.73 -54.61 -12.73
C LEU A 71 29.38 -54.00 -12.48
N ARG A 72 28.77 -54.45 -11.41
CA ARG A 72 27.54 -53.87 -11.03
C ARG A 72 27.60 -52.34 -11.01
N THR A 73 28.69 -51.80 -10.40
CA THR A 73 28.85 -50.36 -10.35
C THR A 73 28.88 -49.76 -11.73
N MET A 74 29.79 -50.30 -12.54
CA MET A 74 29.97 -49.88 -13.91
C MET A 74 28.65 -49.82 -14.63
N THR A 75 27.78 -50.78 -14.33
CA THR A 75 26.50 -50.80 -15.01
C THR A 75 25.60 -49.69 -14.52
N ALA A 76 25.60 -49.52 -13.19
CA ALA A 76 24.83 -48.47 -12.52
C ALA A 76 25.31 -47.13 -13.10
N ILE A 77 26.64 -46.91 -13.04
CA ILE A 77 27.23 -45.70 -13.58
C ILE A 77 26.74 -45.45 -14.99
N THR A 78 26.70 -46.54 -15.77
CA THR A 78 26.31 -46.42 -17.13
C THR A 78 24.91 -45.91 -17.33
N GLU A 79 24.08 -46.39 -16.45
CA GLU A 79 22.67 -46.11 -16.51
C GLU A 79 22.36 -44.73 -16.05
N TRP A 80 23.13 -44.28 -15.05
CA TRP A 80 22.85 -42.96 -14.52
C TRP A 80 23.44 -41.86 -15.37
N VAL A 81 24.69 -42.03 -15.73
CA VAL A 81 25.40 -41.04 -16.55
C VAL A 81 25.20 -41.00 -18.05
N SER A 82 25.48 -42.12 -18.74
CA SER A 82 25.43 -42.17 -20.20
C SER A 82 24.75 -43.41 -20.77
N PRO A 83 23.47 -43.53 -20.54
CA PRO A 83 22.70 -44.69 -20.98
C PRO A 83 22.50 -44.84 -22.50
N GLN A 84 22.43 -43.72 -23.19
CA GLN A 84 22.26 -43.81 -24.62
C GLN A 84 23.54 -44.06 -25.35
N GLU A 85 24.62 -43.86 -24.64
CA GLU A 85 25.97 -43.96 -25.13
C GLU A 85 26.54 -45.33 -24.80
N GLY A 86 26.23 -45.84 -23.63
CA GLY A 86 26.79 -47.11 -23.27
C GLY A 86 28.20 -47.01 -22.72
N CYS A 87 28.79 -48.16 -22.42
CA CYS A 87 30.13 -48.25 -21.84
C CYS A 87 31.18 -47.53 -22.65
N THR A 88 30.98 -47.50 -23.96
CA THR A 88 31.89 -46.91 -24.95
C THR A 88 32.03 -45.42 -24.74
N TYR A 89 31.27 -44.90 -23.80
CA TYR A 89 31.32 -43.47 -23.64
C TYR A 89 32.62 -42.98 -23.07
N CYS A 90 32.98 -43.74 -22.09
CA CYS A 90 34.22 -43.56 -21.37
C CYS A 90 35.27 -44.59 -21.82
N HIS A 91 34.83 -45.76 -22.34
CA HIS A 91 35.80 -46.81 -22.63
C HIS A 91 36.22 -47.01 -24.05
N ASP A 92 37.40 -47.65 -24.18
CA ASP A 92 37.89 -48.07 -25.51
C ASP A 92 37.33 -49.45 -25.63
N GLU A 93 36.64 -49.73 -26.74
CA GLU A 93 36.01 -51.02 -27.02
C GLU A 93 36.93 -52.18 -26.66
N ASN A 94 38.23 -52.05 -26.98
CA ASN A 94 39.22 -53.09 -26.70
C ASN A 94 40.11 -52.89 -25.49
N ASN A 95 40.48 -51.66 -25.20
CA ASN A 95 41.28 -51.50 -24.01
C ASN A 95 40.48 -50.85 -22.88
N LEU A 96 39.78 -51.73 -22.14
CA LEU A 96 38.95 -51.31 -21.02
C LEU A 96 39.76 -50.64 -19.94
N ALA A 97 41.06 -50.55 -20.15
CA ALA A 97 41.90 -49.88 -19.17
C ALA A 97 42.50 -48.59 -19.72
N SER A 98 42.11 -48.28 -20.95
CA SER A 98 42.53 -47.09 -21.67
C SER A 98 41.81 -45.80 -21.24
N GLU A 99 42.66 -44.85 -20.85
CA GLU A 99 42.33 -43.51 -20.37
C GLU A 99 42.25 -42.53 -21.53
N ALA A 100 42.23 -43.04 -22.76
CA ALA A 100 42.23 -42.22 -23.98
C ALA A 100 41.18 -41.14 -24.05
N LYS A 101 39.94 -41.58 -23.77
CA LYS A 101 38.72 -40.80 -23.82
C LYS A 101 38.54 -39.95 -22.57
N TYR A 102 38.38 -38.66 -22.75
CA TYR A 102 38.25 -37.88 -21.55
C TYR A 102 37.21 -38.34 -20.51
N PRO A 103 36.00 -38.71 -20.94
CA PRO A 103 35.03 -39.12 -19.95
C PRO A 103 35.59 -40.13 -18.94
N TYR A 104 36.64 -40.82 -19.27
CA TYR A 104 37.15 -41.76 -18.28
C TYR A 104 37.78 -41.06 -17.07
N VAL A 105 38.72 -40.14 -17.30
CA VAL A 105 39.36 -39.50 -16.15
C VAL A 105 38.39 -38.69 -15.33
N VAL A 106 37.46 -38.03 -16.02
CA VAL A 106 36.46 -37.23 -15.34
C VAL A 106 35.67 -38.15 -14.41
N ALA A 107 35.11 -39.18 -15.01
CA ALA A 107 34.32 -40.17 -14.35
C ALA A 107 35.03 -40.67 -13.16
N ARG A 108 36.36 -40.67 -13.30
CA ARG A 108 37.21 -41.10 -12.20
C ARG A 108 37.21 -40.12 -11.05
N ARG A 109 37.34 -38.85 -11.35
CA ARG A 109 37.37 -37.80 -10.33
C ARG A 109 35.99 -37.77 -9.64
N MET A 110 35.02 -37.92 -10.55
CA MET A 110 33.61 -37.94 -10.23
C MET A 110 33.34 -38.99 -9.17
N LEU A 111 34.03 -40.12 -9.33
CA LEU A 111 33.83 -41.16 -8.36
C LEU A 111 34.38 -40.72 -7.04
N GLU A 112 35.51 -40.00 -7.09
CA GLU A 112 36.13 -39.56 -5.84
C GLU A 112 35.27 -38.53 -5.09
N MET A 113 34.71 -37.62 -5.89
CA MET A 113 33.86 -36.55 -5.46
C MET A 113 32.57 -37.04 -4.88
N THR A 114 32.04 -37.99 -5.61
CA THR A 114 30.80 -38.54 -5.20
C THR A 114 30.96 -39.15 -3.84
N ARG A 115 32.01 -39.89 -3.75
CA ARG A 115 32.32 -40.59 -2.56
C ARG A 115 32.64 -39.62 -1.41
N ALA A 116 32.97 -38.39 -1.77
CA ALA A 116 33.28 -37.33 -0.81
C ALA A 116 31.98 -36.67 -0.30
N ILE A 117 31.08 -36.42 -1.21
CA ILE A 117 29.85 -35.86 -0.78
C ILE A 117 29.17 -36.77 0.23
N ASN A 118 29.18 -38.05 -0.07
CA ASN A 118 28.58 -39.01 0.79
C ASN A 118 29.34 -39.25 2.08
N THR A 119 30.65 -38.96 2.11
CA THR A 119 31.41 -39.25 3.31
C THR A 119 31.68 -38.06 4.21
N ASN A 120 32.09 -36.94 3.60
CA ASN A 120 32.42 -35.71 4.32
C ASN A 120 31.27 -34.75 4.64
N TRP A 121 30.40 -34.61 3.66
CA TRP A 121 29.25 -33.73 3.67
C TRP A 121 27.94 -34.34 4.23
N THR A 122 28.07 -35.27 5.18
CA THR A 122 26.89 -35.86 5.81
C THR A 122 26.02 -34.76 6.41
N GLN A 123 26.64 -33.67 6.90
CA GLN A 123 25.92 -32.60 7.55
C GLN A 123 24.81 -32.09 6.68
N HIS A 124 25.05 -32.11 5.38
CA HIS A 124 24.10 -31.72 4.43
C HIS A 124 23.37 -32.90 3.83
N VAL A 125 24.06 -33.97 3.43
CA VAL A 125 23.28 -34.99 2.72
C VAL A 125 22.69 -36.10 3.54
N ALA A 126 23.01 -36.14 4.82
CA ALA A 126 22.47 -37.13 5.71
C ALA A 126 22.54 -38.57 5.21
N GLN A 127 21.56 -39.34 5.60
CA GLN A 127 21.48 -40.72 5.21
C GLN A 127 20.87 -40.88 3.84
N THR A 128 20.74 -39.78 3.11
CA THR A 128 20.16 -39.85 1.78
C THR A 128 21.22 -40.16 0.77
N GLY A 129 22.13 -39.24 0.62
CA GLY A 129 23.27 -39.46 -0.24
C GLY A 129 23.05 -38.94 -1.65
N VAL A 130 24.15 -38.83 -2.42
CA VAL A 130 24.01 -38.52 -3.81
C VAL A 130 24.57 -39.65 -4.71
N THR A 131 24.04 -39.78 -5.91
CA THR A 131 24.60 -40.72 -6.84
C THR A 131 24.82 -39.96 -8.12
N CYS A 132 25.45 -40.61 -9.07
CA CYS A 132 25.70 -39.92 -10.29
C CYS A 132 24.43 -39.34 -10.81
N TYR A 133 23.37 -40.16 -10.67
CA TYR A 133 22.06 -39.81 -11.21
C TYR A 133 21.59 -38.42 -10.78
N THR A 134 21.78 -38.17 -9.49
CA THR A 134 21.36 -36.94 -8.84
C THR A 134 21.55 -35.72 -9.66
N CYS A 135 22.75 -35.57 -10.26
CA CYS A 135 23.13 -34.45 -11.07
C CYS A 135 22.95 -34.71 -12.55
N HIS A 136 23.42 -35.87 -12.98
CA HIS A 136 23.40 -36.22 -14.40
C HIS A 136 22.02 -36.46 -15.03
N ARG A 137 21.16 -37.06 -14.23
CA ARG A 137 19.87 -37.41 -14.74
C ARG A 137 19.91 -38.22 -16.05
N GLY A 138 20.88 -39.14 -16.25
CA GLY A 138 20.89 -39.97 -17.44
C GLY A 138 21.50 -39.28 -18.64
N THR A 139 22.33 -38.29 -18.36
CA THR A 139 23.06 -37.57 -19.41
C THR A 139 24.42 -37.15 -18.92
N PRO A 140 25.32 -37.29 -19.84
CA PRO A 140 26.69 -37.00 -19.55
C PRO A 140 26.91 -35.59 -19.06
N LEU A 141 26.16 -34.68 -19.64
CA LEU A 141 26.17 -33.28 -19.24
C LEU A 141 24.96 -33.09 -18.33
N PRO A 142 25.24 -32.80 -17.08
CA PRO A 142 24.15 -32.55 -16.17
C PRO A 142 23.29 -31.40 -16.75
N PRO A 143 21.99 -31.47 -16.56
CA PRO A 143 21.12 -30.45 -17.12
C PRO A 143 21.14 -29.15 -16.34
N TYR A 144 21.61 -29.16 -15.12
CA TYR A 144 21.61 -27.91 -14.38
C TYR A 144 22.99 -27.57 -13.81
N VAL A 145 23.67 -26.69 -14.52
CA VAL A 145 25.05 -26.29 -14.23
C VAL A 145 25.26 -24.83 -14.50
N ARG A 146 26.37 -24.30 -13.97
CA ARG A 146 26.65 -22.88 -14.12
C ARG A 146 28.03 -22.53 -14.64
N TYR A 147 28.07 -21.45 -15.42
CA TYR A 147 29.36 -20.97 -15.87
C TYR A 147 29.72 -19.75 -15.01
N LEU A 148 30.69 -18.95 -15.46
CA LEU A 148 31.14 -17.78 -14.76
C LEU A 148 30.29 -16.62 -15.21
N GLU A 149 29.29 -16.96 -16.05
CA GLU A 149 28.26 -16.02 -16.54
C GLU A 149 26.88 -16.66 -16.60
N PRO A 150 25.89 -15.83 -16.42
CA PRO A 150 24.57 -16.35 -16.44
C PRO A 150 24.27 -16.84 -17.81
N THR A 151 23.83 -18.05 -17.77
CA THR A 151 23.53 -18.84 -18.90
C THR A 151 22.07 -19.02 -18.99
N LEU A 152 21.61 -19.30 -20.18
CA LEU A 152 20.20 -19.56 -20.26
C LEU A 152 19.88 -20.32 -21.55
N PRO A 153 18.92 -21.23 -21.58
CA PRO A 153 18.01 -21.61 -20.55
C PRO A 153 18.74 -22.36 -19.52
N LEU A 154 17.96 -22.58 -18.46
CA LEU A 154 18.40 -23.07 -17.21
C LEU A 154 18.72 -24.52 -17.31
N ASN A 155 17.91 -25.11 -18.11
CA ASN A 155 18.05 -26.47 -18.42
C ASN A 155 18.83 -26.53 -19.74
N ASN A 156 20.05 -27.02 -19.71
CA ASN A 156 20.80 -27.00 -20.97
C ASN A 156 20.25 -27.95 -22.03
N ARG A 157 19.23 -28.76 -21.65
CA ARG A 157 18.63 -29.65 -22.62
C ARG A 157 17.69 -28.86 -23.56
N GLU A 158 17.36 -27.62 -23.21
CA GLU A 158 16.53 -26.85 -24.12
C GLU A 158 17.38 -26.09 -25.10
N THR A 159 16.80 -25.76 -26.24
CA THR A 159 17.56 -25.01 -27.19
C THR A 159 17.25 -23.54 -26.98
N PRO A 160 18.29 -22.73 -26.84
CA PRO A 160 18.20 -21.29 -26.60
C PRO A 160 17.66 -20.49 -27.77
N THR A 161 16.99 -19.37 -27.46
CA THR A 161 16.49 -18.47 -28.50
C THR A 161 17.69 -17.58 -28.89
N HIS A 162 17.59 -16.75 -29.97
CA HIS A 162 18.73 -15.92 -30.36
C HIS A 162 19.32 -15.18 -29.17
N VAL A 163 18.42 -14.37 -28.55
CA VAL A 163 18.57 -13.48 -27.40
C VAL A 163 19.14 -14.12 -26.12
N GLU A 164 18.75 -15.39 -25.85
CA GLU A 164 19.25 -16.13 -24.67
C GLU A 164 20.74 -16.46 -24.77
N ARG A 165 21.26 -16.60 -26.01
CA ARG A 165 22.68 -16.95 -26.24
C ARG A 165 23.55 -15.91 -25.60
N VAL A 166 24.48 -16.45 -24.79
CA VAL A 166 25.46 -15.77 -23.93
C VAL A 166 26.27 -14.77 -24.68
N GLU A 167 26.11 -14.87 -26.03
CA GLU A 167 26.78 -13.98 -27.00
C GLU A 167 25.96 -12.72 -27.24
N THR A 168 24.65 -12.80 -27.06
CA THR A 168 23.83 -11.64 -27.30
C THR A 168 23.83 -10.67 -26.13
N ARG A 169 24.53 -9.55 -26.33
CA ARG A 169 24.72 -8.58 -25.29
C ARG A 169 23.45 -8.04 -24.63
N SER A 170 22.33 -7.93 -25.36
CA SER A 170 21.10 -7.38 -24.80
C SER A 170 20.27 -8.26 -23.85
N GLY A 171 20.40 -9.56 -24.01
CA GLY A 171 19.60 -10.46 -23.18
C GLY A 171 20.19 -10.74 -21.81
N TYR A 172 21.34 -10.08 -21.53
CA TYR A 172 22.02 -10.21 -20.27
C TYR A 172 21.08 -10.03 -19.11
N VAL A 173 20.34 -8.92 -19.11
CA VAL A 173 19.44 -8.64 -18.00
C VAL A 173 18.41 -9.75 -17.86
N VAL A 174 17.93 -10.22 -18.97
CA VAL A 174 16.97 -11.31 -18.86
C VAL A 174 17.67 -12.52 -18.28
N ARG A 175 18.83 -12.74 -18.74
CA ARG A 175 19.53 -13.93 -18.33
C ARG A 175 19.76 -13.95 -16.87
N LEU A 176 19.98 -12.72 -16.36
CA LEU A 176 20.27 -12.48 -14.96
C LEU A 176 19.02 -12.66 -14.11
N ALA A 177 17.93 -11.94 -14.46
CA ALA A 177 16.64 -12.09 -13.76
C ALA A 177 16.24 -13.57 -13.68
N LYS A 178 16.43 -14.32 -14.78
CA LYS A 178 16.04 -15.72 -14.71
C LYS A 178 16.73 -16.57 -13.67
N TYR A 179 17.89 -16.08 -13.26
CA TYR A 179 18.70 -16.72 -12.25
C TYR A 179 18.27 -16.39 -10.81
N THR A 180 17.68 -15.22 -10.70
CA THR A 180 17.20 -14.72 -9.44
C THR A 180 15.67 -14.64 -9.42
N ALA A 181 14.97 -15.72 -9.69
CA ALA A 181 13.48 -15.67 -9.75
C ALA A 181 12.83 -14.44 -10.39
N TYR A 182 13.33 -13.94 -11.48
CA TYR A 182 12.68 -12.83 -12.16
C TYR A 182 12.85 -11.45 -11.58
N SER A 183 13.71 -11.34 -10.58
CA SER A 183 13.97 -10.07 -9.94
C SER A 183 14.87 -9.21 -10.79
N ALA A 184 14.88 -7.92 -10.51
CA ALA A 184 15.69 -6.99 -11.24
C ALA A 184 16.99 -6.80 -10.54
N LEU A 185 17.30 -7.71 -9.58
CA LEU A 185 18.57 -7.55 -8.79
C LEU A 185 19.70 -7.68 -9.71
N ASN A 186 20.57 -6.71 -9.65
CA ASN A 186 21.70 -6.64 -10.57
C ASN A 186 22.89 -7.48 -10.18
N TYR A 187 22.67 -8.70 -9.73
CA TYR A 187 23.81 -9.47 -9.33
C TYR A 187 23.74 -10.95 -9.71
N ASP A 188 24.87 -11.62 -9.68
CA ASP A 188 24.98 -13.05 -9.94
C ASP A 188 25.58 -13.74 -8.72
N PRO A 189 24.66 -14.22 -7.85
CA PRO A 189 24.99 -14.91 -6.62
C PRO A 189 25.84 -16.15 -6.82
N PHE A 190 25.92 -16.68 -8.04
CA PHE A 190 26.76 -17.84 -8.24
C PHE A 190 28.22 -17.42 -8.24
N THR A 191 28.60 -16.57 -9.16
CA THR A 191 30.01 -16.16 -9.15
C THR A 191 30.48 -15.48 -7.88
N MET A 192 29.57 -14.72 -7.28
CA MET A 192 29.95 -14.03 -6.07
C MET A 192 29.99 -14.91 -4.86
N PHE A 193 28.97 -15.75 -4.79
CA PHE A 193 28.79 -16.63 -3.64
C PHE A 193 29.19 -18.08 -3.68
N LEU A 194 28.91 -18.76 -4.78
CA LEU A 194 29.05 -20.19 -4.85
C LEU A 194 30.30 -20.87 -5.40
N ALA A 195 31.07 -20.15 -6.20
CA ALA A 195 32.27 -20.66 -6.81
C ALA A 195 33.44 -20.54 -5.88
N ASN A 196 33.32 -19.57 -4.98
CA ASN A 196 34.37 -19.17 -4.06
C ASN A 196 34.03 -19.32 -2.64
N ASP A 197 35.07 -19.17 -1.84
CA ASP A 197 34.81 -19.11 -0.42
C ASP A 197 35.15 -17.67 -0.01
N LYS A 198 35.21 -16.82 -1.01
CA LYS A 198 35.64 -15.43 -1.01
C LYS A 198 34.77 -14.37 -0.34
N ARG A 199 33.47 -14.35 -0.65
CA ARG A 199 32.50 -13.38 -0.12
C ARG A 199 31.65 -13.89 1.09
N GLN A 200 31.15 -12.98 1.89
CA GLN A 200 30.38 -13.30 3.10
C GLN A 200 28.89 -13.01 2.84
N VAL A 201 28.02 -14.01 3.16
CA VAL A 201 26.57 -13.96 2.89
C VAL A 201 25.81 -12.97 3.72
N ARG A 202 26.22 -12.97 4.96
CA ARG A 202 25.65 -12.21 6.00
C ARG A 202 25.98 -10.76 5.89
N VAL A 203 24.92 -9.95 6.04
CA VAL A 203 25.06 -8.51 5.94
C VAL A 203 24.41 -7.67 7.00
N VAL A 204 23.64 -8.27 7.88
CA VAL A 204 22.88 -7.54 8.88
C VAL A 204 23.71 -7.42 10.13
N PRO A 205 23.71 -6.25 10.78
CA PRO A 205 24.46 -6.00 12.00
C PRO A 205 23.94 -6.79 13.16
N GLN A 206 24.79 -7.15 14.07
CA GLN A 206 24.39 -7.98 15.20
C GLN A 206 24.21 -7.17 16.47
N THR A 207 24.25 -5.84 16.33
CA THR A 207 24.04 -4.94 17.49
C THR A 207 22.97 -3.94 17.16
N ALA A 208 22.29 -3.44 18.16
CA ALA A 208 21.29 -2.42 17.86
C ALA A 208 21.92 -1.14 17.33
N LEU A 209 23.11 -0.81 17.86
CA LEU A 209 23.77 0.44 17.44
C LEU A 209 25.00 0.32 16.57
N PRO A 210 25.20 1.36 15.81
CA PRO A 210 26.30 1.33 14.90
C PRO A 210 27.60 1.44 15.65
N LEU A 211 28.40 0.30 15.68
CA LEU A 211 29.64 0.25 16.38
C LEU A 211 30.62 1.19 15.69
N VAL A 212 31.22 1.98 16.54
CA VAL A 212 32.15 2.97 16.08
C VAL A 212 33.42 2.30 15.68
N GLY A 213 33.73 2.50 14.40
CA GLY A 213 34.89 1.92 13.76
C GLY A 213 34.50 1.13 12.52
N VAL A 214 33.24 0.73 12.41
CA VAL A 214 32.84 0.06 11.21
C VAL A 214 31.65 0.75 10.54
N SER A 215 31.12 1.84 11.11
CA SER A 215 29.93 2.41 10.52
C SER A 215 30.09 3.63 9.69
N ARG A 216 31.30 4.13 9.55
CA ARG A 216 31.36 5.32 8.76
C ARG A 216 32.26 5.19 7.53
N GLY A 217 31.86 5.86 6.46
CA GLY A 217 32.63 5.94 5.22
C GLY A 217 33.07 4.66 4.54
N LYS A 218 34.30 4.67 3.98
CA LYS A 218 34.87 3.51 3.31
C LYS A 218 35.05 2.30 4.25
N GLU A 219 34.69 2.46 5.56
CA GLU A 219 34.88 1.40 6.56
C GLU A 219 33.74 0.43 6.49
N ARG A 220 32.77 0.91 5.77
CA ARG A 220 31.50 0.26 5.57
C ARG A 220 31.44 -0.71 4.44
N ARG A 221 30.37 -1.42 4.54
CA ARG A 221 30.11 -2.28 3.47
C ARG A 221 29.17 -1.52 2.59
N PRO A 222 29.35 -1.73 1.32
CA PRO A 222 28.46 -1.07 0.41
C PRO A 222 27.07 -1.70 0.60
N LEU A 223 26.00 -0.99 0.18
CA LEU A 223 24.67 -1.53 0.26
C LEU A 223 24.53 -2.63 -0.80
N SER A 224 25.40 -2.60 -1.82
CA SER A 224 25.42 -3.63 -2.86
C SER A 224 25.30 -4.95 -2.24
N ASP A 225 26.16 -5.13 -1.21
CA ASP A 225 26.19 -6.42 -0.53
C ASP A 225 24.81 -6.98 -0.21
N ALA A 226 23.99 -6.12 0.34
CA ALA A 226 22.60 -6.44 0.68
C ALA A 226 21.79 -6.90 -0.54
N TYR A 227 21.90 -6.21 -1.65
CA TYR A 227 21.15 -6.64 -2.83
C TYR A 227 21.62 -8.01 -3.23
N ALA A 228 22.92 -8.19 -3.14
CA ALA A 228 23.57 -9.44 -3.47
C ALA A 228 23.09 -10.65 -2.71
N THR A 229 23.05 -10.53 -1.43
CA THR A 229 22.58 -11.61 -0.57
C THR A 229 21.12 -11.80 -0.83
N PHE A 230 20.39 -10.74 -1.15
CA PHE A 230 18.96 -10.93 -1.37
C PHE A 230 18.73 -11.83 -2.53
N ALA A 231 19.45 -11.47 -3.59
CA ALA A 231 19.50 -12.13 -4.87
C ALA A 231 19.90 -13.61 -4.72
N LEU A 232 20.94 -13.88 -3.93
CA LEU A 232 21.38 -15.23 -3.70
C LEU A 232 20.28 -16.05 -3.12
N MET A 233 19.49 -15.39 -2.23
CA MET A 233 18.39 -16.02 -1.53
C MET A 233 17.24 -16.32 -2.43
N MET A 234 17.04 -15.42 -3.39
CA MET A 234 15.99 -15.67 -4.31
C MET A 234 16.41 -16.87 -5.16
N SER A 235 17.68 -17.02 -5.39
CA SER A 235 18.10 -18.08 -6.25
C SER A 235 17.94 -19.41 -5.52
N ILE A 236 18.45 -19.47 -4.30
CA ILE A 236 18.32 -20.64 -3.48
C ILE A 236 16.87 -21.06 -3.38
N SER A 237 15.99 -20.06 -3.23
CA SER A 237 14.58 -20.30 -3.04
C SER A 237 14.00 -20.85 -4.28
N ASP A 238 14.33 -20.21 -5.34
CA ASP A 238 13.77 -20.70 -6.52
C ASP A 238 14.39 -22.05 -6.88
N SER A 239 15.59 -22.32 -6.40
CA SER A 239 16.19 -23.59 -6.77
C SER A 239 15.60 -24.73 -6.00
N LEU A 240 15.04 -24.49 -4.82
CA LEU A 240 14.47 -25.60 -4.06
C LEU A 240 12.95 -25.62 -4.25
N GLY A 241 12.50 -24.72 -5.15
CA GLY A 241 11.05 -24.55 -5.30
C GLY A 241 10.39 -24.20 -3.96
N THR A 242 10.99 -23.25 -3.25
CA THR A 242 10.46 -22.88 -1.93
C THR A 242 10.35 -21.36 -1.74
N ASN A 243 10.26 -20.92 -0.49
CA ASN A 243 10.10 -19.52 -0.15
C ASN A 243 10.91 -19.24 1.10
N CYS A 244 11.26 -17.99 1.31
CA CYS A 244 12.11 -17.61 2.41
C CYS A 244 11.71 -18.30 3.72
N THR A 245 10.39 -18.38 3.99
CA THR A 245 9.87 -18.93 5.24
C THR A 245 10.01 -20.41 5.38
N PHE A 246 10.57 -21.00 4.40
CA PHE A 246 10.85 -22.37 4.56
C PHE A 246 12.06 -22.39 5.47
N CYS A 247 12.81 -21.29 5.43
CA CYS A 247 14.05 -21.16 6.19
C CYS A 247 14.11 -20.16 7.34
N HIS A 248 13.63 -18.95 7.08
CA HIS A 248 13.71 -17.93 8.10
C HIS A 248 12.36 -17.43 8.60
N ASN A 249 12.40 -16.83 9.76
CA ASN A 249 11.26 -16.07 10.22
C ASN A 249 11.57 -14.61 9.91
N ALA A 250 10.88 -14.07 8.93
CA ALA A 250 11.15 -12.70 8.45
C ALA A 250 11.16 -11.62 9.49
N GLN A 251 10.86 -11.97 10.74
CA GLN A 251 10.88 -11.04 11.81
C GLN A 251 12.30 -10.54 11.91
N THR A 252 13.21 -11.47 11.81
CA THR A 252 14.61 -11.19 11.87
C THR A 252 15.32 -12.25 11.01
N PHE A 253 15.59 -11.98 9.74
CA PHE A 253 16.29 -12.94 8.88
C PHE A 253 17.59 -13.43 9.43
N GLU A 254 18.19 -12.52 10.19
CA GLU A 254 19.50 -12.62 10.78
C GLU A 254 19.67 -13.49 11.97
N SER A 255 18.58 -13.84 12.65
CA SER A 255 18.62 -14.59 13.87
C SER A 255 18.45 -16.09 13.65
N TRP A 256 18.92 -16.87 14.60
CA TRP A 256 18.84 -18.30 14.53
C TRP A 256 18.08 -18.66 15.76
N GLY A 257 18.24 -19.88 16.30
CA GLY A 257 17.45 -20.13 17.47
C GLY A 257 16.01 -20.37 17.02
N LYS A 258 15.00 -19.65 17.58
CA LYS A 258 13.64 -19.96 17.16
C LYS A 258 13.23 -19.18 15.96
N LYS A 259 14.14 -18.39 15.45
CA LYS A 259 13.87 -17.63 14.27
C LYS A 259 14.23 -18.38 12.99
N SER A 260 14.85 -19.52 13.15
CA SER A 260 15.24 -20.18 11.96
C SER A 260 14.74 -21.57 12.06
N THR A 261 14.55 -22.26 10.92
CA THR A 261 14.11 -23.66 10.85
C THR A 261 15.35 -24.55 10.69
N PRO A 262 15.19 -25.82 10.98
CA PRO A 262 16.31 -26.71 10.85
C PRO A 262 16.88 -26.74 9.45
N GLN A 263 16.04 -26.30 8.50
CA GLN A 263 16.44 -26.30 7.10
C GLN A 263 17.44 -25.24 6.79
N ARG A 264 17.37 -24.17 7.55
CA ARG A 264 18.29 -23.11 7.30
C ARG A 264 19.70 -23.59 7.56
N ALA A 265 19.77 -24.30 8.65
CA ALA A 265 21.00 -24.87 9.09
C ALA A 265 21.53 -25.85 8.10
N ILE A 266 20.62 -26.61 7.49
CA ILE A 266 21.08 -27.57 6.46
C ILE A 266 21.63 -26.86 5.22
N ALA A 267 20.92 -25.84 4.76
CA ALA A 267 21.33 -25.06 3.61
C ALA A 267 22.63 -24.33 3.92
N TRP A 268 22.86 -24.08 5.21
CA TRP A 268 24.07 -23.45 5.58
C TRP A 268 25.20 -24.34 5.11
N TRP A 269 25.08 -25.65 5.43
CA TRP A 269 26.11 -26.60 5.06
C TRP A 269 26.21 -26.82 3.56
N GLY A 270 25.06 -26.65 2.94
CA GLY A 270 24.91 -26.81 1.55
C GLY A 270 25.77 -25.79 0.84
N ILE A 271 25.90 -24.61 1.44
CA ILE A 271 26.71 -23.55 0.86
C ILE A 271 28.17 -23.98 0.83
N ARG A 272 28.63 -24.44 1.95
CA ARG A 272 30.00 -24.87 2.10
C ARG A 272 30.32 -25.97 1.09
N MET A 273 29.46 -26.95 1.17
CA MET A 273 29.59 -28.09 0.33
C MET A 273 29.68 -27.74 -1.14
N VAL A 274 28.79 -26.91 -1.61
CA VAL A 274 28.88 -26.51 -3.04
C VAL A 274 30.14 -25.67 -3.32
N ARG A 275 30.65 -25.03 -2.27
CA ARG A 275 31.88 -24.27 -2.41
C ARG A 275 33.07 -25.23 -2.64
N ASP A 276 33.07 -26.30 -1.86
CA ASP A 276 34.03 -27.39 -1.94
C ASP A 276 34.06 -28.03 -3.30
N LEU A 277 32.92 -28.59 -3.68
CA LEU A 277 32.83 -29.26 -4.96
C LEU A 277 33.27 -28.30 -6.04
N ASN A 278 32.80 -27.07 -5.92
CA ASN A 278 33.21 -26.13 -6.90
C ASN A 278 34.73 -25.89 -6.95
N MET A 279 35.30 -25.42 -5.88
CA MET A 279 36.70 -25.08 -5.87
C MET A 279 37.70 -26.22 -6.10
N ASN A 280 37.53 -27.26 -5.33
CA ASN A 280 38.32 -28.47 -5.28
C ASN A 280 37.93 -29.67 -6.18
N TYR A 281 36.87 -29.60 -7.01
CA TYR A 281 36.45 -30.77 -7.79
C TYR A 281 35.96 -30.44 -9.20
N LEU A 282 34.92 -29.64 -9.26
CA LEU A 282 34.34 -29.31 -10.54
C LEU A 282 35.16 -28.33 -11.37
N ALA A 283 35.74 -27.28 -10.76
CA ALA A 283 36.51 -26.27 -11.53
C ALA A 283 37.82 -26.72 -12.13
N PRO A 284 38.57 -27.57 -11.42
CA PRO A 284 39.83 -28.07 -11.91
C PRO A 284 39.70 -28.97 -13.14
N LEU A 285 38.46 -29.36 -13.45
CA LEU A 285 38.23 -30.16 -14.64
C LEU A 285 38.39 -29.36 -15.93
N ASN A 286 38.71 -28.09 -15.87
CA ASN A 286 38.83 -27.51 -17.18
C ASN A 286 40.08 -28.02 -17.87
N ALA A 287 40.99 -28.63 -17.09
CA ALA A 287 42.23 -29.16 -17.64
C ALA A 287 41.93 -30.35 -18.55
N SER A 288 41.10 -31.26 -18.06
CA SER A 288 40.64 -32.40 -18.83
C SER A 288 39.46 -32.21 -19.78
N LEU A 289 38.88 -31.03 -19.99
CA LEU A 289 37.72 -30.98 -20.90
C LEU A 289 37.94 -30.40 -22.33
N PRO A 290 37.09 -30.83 -23.27
CA PRO A 290 37.16 -30.29 -24.61
C PRO A 290 36.76 -28.84 -24.57
N ALA A 291 37.27 -28.07 -25.49
CA ALA A 291 36.81 -26.69 -25.50
C ALA A 291 35.29 -26.57 -25.61
N SER A 292 34.62 -27.57 -26.22
CA SER A 292 33.16 -27.67 -26.42
C SER A 292 32.40 -27.49 -25.12
N ARG A 293 33.09 -27.95 -24.07
CA ARG A 293 32.61 -27.95 -22.69
C ARG A 293 32.87 -26.67 -21.95
N LEU A 294 33.96 -25.96 -22.31
CA LEU A 294 34.27 -24.81 -21.51
C LEU A 294 33.47 -23.59 -21.80
N GLY A 295 33.54 -22.65 -20.85
CA GLY A 295 32.82 -21.40 -20.96
C GLY A 295 33.66 -20.30 -21.59
N ARG A 296 33.03 -19.11 -21.74
CA ARG A 296 33.70 -17.99 -22.33
C ARG A 296 35.00 -17.58 -21.63
N GLN A 297 35.26 -17.98 -20.37
CA GLN A 297 36.54 -17.62 -19.75
C GLN A 297 37.38 -18.78 -19.28
N GLY A 298 37.23 -19.84 -20.07
CA GLY A 298 37.90 -21.12 -19.94
C GLY A 298 37.52 -21.92 -18.72
N GLU A 299 36.39 -21.56 -18.08
CA GLU A 299 35.93 -22.24 -16.87
C GLU A 299 35.12 -23.47 -17.21
N ALA A 300 35.25 -24.51 -16.33
CA ALA A 300 34.44 -25.75 -16.42
C ALA A 300 33.06 -25.39 -15.99
N PRO A 301 32.08 -26.22 -16.28
CA PRO A 301 30.75 -25.90 -15.77
C PRO A 301 30.77 -26.32 -14.34
N GLN A 302 30.19 -25.52 -13.45
CA GLN A 302 30.19 -25.86 -12.05
C GLN A 302 28.79 -26.07 -11.50
N ALA A 303 28.68 -26.44 -10.23
CA ALA A 303 27.37 -26.67 -9.64
C ALA A 303 26.77 -25.55 -8.72
N ASP A 304 25.42 -25.56 -8.54
CA ASP A 304 24.69 -24.60 -7.68
C ASP A 304 23.71 -25.40 -6.90
N CYS A 305 22.78 -24.84 -6.21
CA CYS A 305 21.83 -25.67 -5.47
C CYS A 305 20.99 -26.46 -6.44
N ARG A 306 20.60 -25.77 -7.51
CA ARG A 306 19.76 -26.33 -8.56
C ARG A 306 20.28 -27.63 -9.15
N THR A 307 21.59 -27.73 -9.36
CA THR A 307 22.22 -28.93 -9.97
C THR A 307 21.65 -30.25 -9.46
N CYS A 308 21.71 -30.42 -8.13
CA CYS A 308 21.16 -31.52 -7.39
C CYS A 308 19.67 -31.45 -7.19
N HIS A 309 19.19 -30.32 -6.59
CA HIS A 309 17.77 -30.06 -6.25
C HIS A 309 16.79 -29.97 -7.41
N GLN A 310 17.17 -29.34 -8.49
CA GLN A 310 16.22 -29.30 -9.57
C GLN A 310 14.80 -28.84 -9.15
N GLY A 311 14.74 -27.89 -8.23
CA GLY A 311 13.44 -27.31 -7.86
C GLY A 311 12.68 -28.06 -6.82
N VAL A 312 13.39 -28.80 -6.00
CA VAL A 312 12.67 -29.57 -4.97
C VAL A 312 13.40 -29.44 -3.65
N THR A 313 12.66 -29.28 -2.60
CA THR A 313 13.29 -29.14 -1.32
C THR A 313 14.30 -30.27 -1.02
N LYS A 314 13.89 -31.50 -1.33
CA LYS A 314 14.76 -32.66 -1.21
C LYS A 314 15.00 -33.10 -2.69
N PRO A 315 16.23 -33.39 -3.10
CA PRO A 315 16.42 -33.75 -4.51
C PRO A 315 15.80 -35.11 -4.72
N LEU A 316 15.11 -35.35 -5.82
CA LEU A 316 14.49 -36.67 -6.06
C LEU A 316 13.52 -37.07 -4.96
N PHE A 317 12.93 -36.05 -4.38
CA PHE A 317 11.98 -36.19 -3.33
C PHE A 317 12.52 -37.03 -2.20
N GLY A 318 13.81 -36.98 -1.97
CA GLY A 318 14.27 -37.77 -0.84
C GLY A 318 14.64 -39.21 -1.13
N ALA A 319 14.61 -39.63 -2.40
CA ALA A 319 14.97 -40.97 -2.78
C ALA A 319 16.43 -41.26 -2.51
N SER A 320 16.78 -42.45 -2.05
CA SER A 320 18.21 -42.78 -1.83
C SER A 320 18.64 -44.13 -2.40
N ARG A 321 19.92 -44.29 -2.79
CA ARG A 321 20.37 -45.56 -3.29
C ARG A 321 21.57 -45.92 -2.44
N LEU A 322 21.70 -45.12 -1.38
CA LEU A 322 22.82 -45.21 -0.44
C LEU A 322 23.25 -46.58 0.01
N LYS A 323 22.25 -47.37 0.42
CA LYS A 323 22.42 -48.71 0.95
C LYS A 323 22.73 -49.68 -0.15
N ASP A 324 22.26 -49.30 -1.33
CA ASP A 324 22.32 -50.04 -2.57
C ASP A 324 23.70 -49.98 -3.27
N TYR A 325 24.44 -48.91 -3.12
CA TYR A 325 25.73 -48.83 -3.73
C TYR A 325 26.76 -48.32 -2.73
N PRO A 326 27.04 -49.08 -1.70
CA PRO A 326 27.96 -48.60 -0.66
C PRO A 326 29.30 -48.10 -1.20
N GLU A 327 29.59 -48.51 -2.43
CA GLU A 327 30.81 -48.13 -3.13
C GLU A 327 30.96 -46.64 -3.25
N LEU A 328 29.86 -45.96 -3.07
CA LEU A 328 29.90 -44.52 -3.26
C LEU A 328 29.79 -43.71 -2.02
N GLY A 329 29.99 -44.36 -0.87
CA GLY A 329 29.91 -43.66 0.38
C GLY A 329 28.69 -44.05 1.20
N PRO A 330 28.87 -43.92 2.51
CA PRO A 330 30.08 -43.41 3.18
C PRO A 330 31.18 -44.45 3.45
N ILE A 331 32.43 -43.97 3.56
CA ILE A 331 33.70 -44.69 3.76
C ILE A 331 34.40 -44.81 5.18
N LYS A 332 35.13 -45.93 5.39
CA LYS A 332 35.93 -46.19 6.62
C LYS A 332 37.41 -45.88 6.30
N ALA A 333 37.88 -44.74 6.58
N ALA B 1 -23.56 21.38 26.56
CA ALA B 1 -23.78 19.97 26.35
C ALA B 1 -24.25 19.69 24.93
N LEU B 2 -24.81 20.74 24.31
CA LEU B 2 -25.34 20.75 22.94
C LEU B 2 -24.61 21.83 22.17
N LEU B 3 -24.35 21.62 20.89
CA LEU B 3 -23.66 22.69 20.16
C LEU B 3 -24.61 23.85 20.03
N SER B 4 -24.06 25.03 19.76
CA SER B 4 -24.85 26.24 19.59
C SER B 4 -26.11 26.02 18.76
N PHE B 5 -25.97 25.18 17.72
CA PHE B 5 -26.96 24.88 16.70
C PHE B 5 -27.44 23.44 16.64
N GLU B 6 -27.04 22.61 17.60
CA GLU B 6 -27.45 21.24 17.55
C GLU B 6 -28.92 21.02 17.70
N ARG B 7 -29.43 21.59 18.79
CA ARG B 7 -30.82 21.45 19.21
C ARG B 7 -31.86 21.17 18.13
N LYS B 8 -31.92 22.05 17.14
CA LYS B 8 -32.89 21.93 16.11
C LYS B 8 -32.89 20.64 15.29
N TYR B 9 -31.76 20.01 15.11
CA TYR B 9 -31.64 18.78 14.35
C TYR B 9 -32.03 17.54 15.10
N ARG B 10 -32.06 17.60 16.44
CA ARG B 10 -32.34 16.46 17.32
C ARG B 10 -33.77 15.90 17.38
N VAL B 11 -34.35 15.50 16.27
CA VAL B 11 -35.70 15.00 16.26
C VAL B 11 -35.69 13.52 16.20
N ARG B 12 -36.80 12.87 16.59
CA ARG B 12 -36.87 11.41 16.50
C ARG B 12 -37.02 10.97 15.07
N GLY B 13 -36.59 9.72 14.77
CA GLY B 13 -36.73 9.13 13.44
C GLY B 13 -35.43 8.79 12.74
N GLY B 14 -35.55 8.12 11.63
CA GLY B 14 -34.45 7.73 10.81
C GLY B 14 -33.97 6.36 11.22
N THR B 15 -34.60 5.80 12.25
CA THR B 15 -34.17 4.49 12.67
C THR B 15 -34.24 3.48 11.52
N LEU B 16 -33.32 2.56 11.60
CA LEU B 16 -33.27 1.51 10.65
C LEU B 16 -34.14 0.38 11.18
N ILE B 17 -34.01 0.05 12.44
CA ILE B 17 -34.76 -1.01 13.13
C ILE B 17 -34.83 -0.49 14.56
N GLY B 18 -35.87 -0.77 15.33
CA GLY B 18 -35.87 -0.26 16.70
C GLY B 18 -36.84 0.87 17.02
N GLY B 19 -36.89 1.90 16.21
CA GLY B 19 -37.85 2.99 16.47
C GLY B 19 -37.45 3.87 17.65
N ASP B 20 -38.48 4.33 18.35
CA ASP B 20 -38.37 5.19 19.49
C ASP B 20 -37.63 4.54 20.62
N LEU B 21 -37.56 3.19 20.58
CA LEU B 21 -36.88 2.40 21.63
C LEU B 21 -35.54 2.92 22.17
N PHE B 22 -34.58 3.01 21.25
CA PHE B 22 -33.23 3.44 21.47
C PHE B 22 -32.97 4.74 20.74
N ASP B 23 -34.04 5.33 20.17
CA ASP B 23 -33.84 6.60 19.44
C ASP B 23 -33.56 7.75 20.41
N PHE B 24 -32.33 7.85 20.91
CA PHE B 24 -31.94 8.91 21.83
C PHE B 24 -30.44 8.98 21.93
N TRP B 25 -30.00 9.97 22.71
CA TRP B 25 -28.63 10.28 22.94
C TRP B 25 -28.17 10.14 24.36
N VAL B 26 -26.87 9.90 24.47
CA VAL B 26 -26.22 9.80 25.76
C VAL B 26 -25.03 10.67 25.63
N GLY B 27 -25.09 11.88 26.18
CA GLY B 27 -23.98 12.72 25.92
C GLY B 27 -24.13 13.20 24.49
N PRO B 28 -23.02 13.19 23.75
CA PRO B 28 -23.05 13.63 22.37
C PRO B 28 -23.36 12.44 21.47
N TYR B 29 -23.21 11.23 22.04
CA TYR B 29 -23.39 10.02 21.29
C TYR B 29 -24.83 9.67 20.96
N PHE B 30 -25.13 9.42 19.72
CA PHE B 30 -26.46 8.95 19.48
C PHE B 30 -26.45 7.46 19.77
N VAL B 31 -27.55 6.92 20.26
CA VAL B 31 -27.54 5.52 20.59
C VAL B 31 -28.08 4.63 19.48
N GLY B 32 -29.37 4.26 19.50
CA GLY B 32 -29.94 3.45 18.40
C GLY B 32 -29.66 2.00 18.70
N PHE B 33 -30.34 1.11 17.99
CA PHE B 33 -30.12 -0.28 18.25
C PHE B 33 -28.65 -0.68 18.07
N PHE B 34 -28.12 -0.27 16.91
CA PHE B 34 -26.73 -0.60 16.56
C PHE B 34 -25.79 0.07 17.50
N GLY B 35 -26.29 1.06 18.22
CA GLY B 35 -25.38 1.62 19.15
C GLY B 35 -25.38 0.64 20.31
N VAL B 36 -26.51 -0.01 20.49
CA VAL B 36 -26.60 -0.94 21.56
C VAL B 36 -25.88 -2.21 21.16
N SER B 37 -25.98 -2.62 19.90
CA SER B 37 -25.20 -3.81 19.58
C SER B 37 -23.69 -3.45 19.44
N ALA B 38 -23.35 -2.28 18.93
CA ALA B 38 -21.92 -1.96 18.88
C ALA B 38 -21.26 -2.17 20.23
N ILE B 39 -21.88 -1.63 21.31
CA ILE B 39 -21.35 -1.75 22.66
C ILE B 39 -21.25 -3.16 23.16
N PHE B 40 -22.23 -3.92 22.78
CA PHE B 40 -22.27 -5.26 23.21
C PHE B 40 -21.04 -6.05 22.79
N PHE B 41 -20.78 -5.98 21.46
CA PHE B 41 -19.69 -6.67 20.84
C PHE B 41 -18.38 -6.15 21.45
N ILE B 42 -18.19 -4.84 21.43
CA ILE B 42 -17.00 -4.24 22.01
C ILE B 42 -16.70 -4.81 23.37
N PHE B 43 -17.73 -4.69 24.20
CA PHE B 43 -17.63 -5.21 25.53
C PHE B 43 -17.11 -6.65 25.47
N LEU B 44 -17.84 -7.56 24.79
CA LEU B 44 -17.36 -8.91 24.66
C LEU B 44 -15.99 -8.98 24.10
N GLY B 45 -15.76 -8.37 22.95
CA GLY B 45 -14.46 -8.44 22.34
C GLY B 45 -13.36 -8.00 23.26
N VAL B 46 -13.51 -6.90 23.94
CA VAL B 46 -12.39 -6.40 24.80
C VAL B 46 -12.12 -7.26 26.04
N SER B 47 -13.18 -7.84 26.58
CA SER B 47 -13.10 -8.81 27.65
C SER B 47 -12.40 -10.10 27.10
N LEU B 48 -12.69 -10.50 25.84
CA LEU B 48 -12.05 -11.70 25.31
C LEU B 48 -10.55 -11.48 25.23
N ILE B 49 -10.16 -10.29 24.78
CA ILE B 49 -8.78 -9.87 24.68
C ILE B 49 -8.09 -9.82 26.03
N GLY B 50 -8.82 -9.31 27.00
CA GLY B 50 -8.28 -9.23 28.35
C GLY B 50 -8.04 -10.63 28.88
N TYR B 51 -9.03 -11.50 28.81
CA TYR B 51 -8.84 -12.85 29.32
C TYR B 51 -7.81 -13.58 28.57
N ALA B 52 -7.82 -13.46 27.27
CA ALA B 52 -6.87 -14.27 26.51
C ALA B 52 -5.42 -13.89 26.83
N ALA B 53 -5.20 -12.59 26.91
CA ALA B 53 -3.92 -11.98 27.20
C ALA B 53 -3.49 -12.26 28.62
N SER B 54 -4.47 -12.41 29.51
CA SER B 54 -4.18 -12.69 30.92
C SER B 54 -3.63 -14.08 31.12
N GLN B 55 -3.63 -14.85 30.03
CA GLN B 55 -3.19 -16.23 30.01
C GLN B 55 -1.94 -16.44 29.15
N GLY B 56 -1.41 -15.33 28.66
CA GLY B 56 -0.19 -15.28 27.89
C GLY B 56 0.93 -14.82 28.83
N PRO B 57 2.15 -14.76 28.36
CA PRO B 57 3.24 -14.44 29.27
C PRO B 57 3.55 -12.98 29.51
N THR B 58 3.13 -12.12 28.61
CA THR B 58 3.50 -10.75 28.76
C THR B 58 2.32 -9.81 28.82
N TRP B 59 2.56 -8.62 29.43
CA TRP B 59 1.55 -7.56 29.49
C TRP B 59 2.05 -6.35 28.70
N ASP B 60 3.32 -6.40 28.29
CA ASP B 60 3.83 -5.30 27.47
C ASP B 60 2.88 -5.22 26.29
N PRO B 61 2.24 -4.08 26.15
CA PRO B 61 1.25 -3.95 25.09
C PRO B 61 1.79 -4.31 23.73
N PHE B 62 3.05 -3.96 23.47
CA PHE B 62 3.69 -4.24 22.19
C PHE B 62 3.85 -5.73 21.87
N ALA B 63 4.24 -6.49 22.87
CA ALA B 63 4.51 -7.89 22.69
C ALA B 63 3.34 -8.89 22.78
N ILE B 64 2.27 -8.47 23.42
CA ILE B 64 1.08 -9.30 23.55
C ILE B 64 0.59 -9.63 22.15
N SER B 65 0.15 -10.86 21.96
CA SER B 65 -0.36 -11.25 20.69
C SER B 65 -1.31 -12.46 20.84
N ILE B 66 -2.50 -12.31 20.30
CA ILE B 66 -3.55 -13.33 20.32
C ILE B 66 -3.65 -13.90 18.90
N ASN B 67 -3.26 -15.18 18.72
CA ASN B 67 -3.12 -15.88 17.42
C ASN B 67 -4.15 -16.90 17.03
N PRO B 68 -4.33 -16.97 15.72
CA PRO B 68 -5.29 -17.90 15.12
C PRO B 68 -4.73 -19.27 15.30
N PRO B 69 -5.50 -20.27 14.92
CA PRO B 69 -5.06 -21.62 15.15
C PRO B 69 -4.03 -22.12 14.16
N ASP B 70 -3.51 -23.30 14.45
CA ASP B 70 -2.54 -24.02 13.66
C ASP B 70 -3.29 -24.48 12.41
N LEU B 71 -2.63 -24.66 11.26
CA LEU B 71 -3.35 -25.11 10.06
C LEU B 71 -4.15 -26.36 10.27
N LYS B 72 -3.51 -27.29 11.01
CA LYS B 72 -4.08 -28.59 11.30
C LYS B 72 -5.55 -28.48 11.60
N TYR B 73 -5.88 -27.48 12.37
CA TYR B 73 -7.27 -27.34 12.74
C TYR B 73 -8.21 -26.95 11.64
N GLY B 74 -7.80 -26.89 10.40
CA GLY B 74 -8.74 -26.57 9.36
C GLY B 74 -9.57 -25.31 9.60
N LEU B 75 -10.85 -25.46 9.22
CA LEU B 75 -11.90 -24.43 9.29
C LEU B 75 -12.79 -24.67 10.48
N GLY B 76 -12.37 -25.61 11.33
CA GLY B 76 -13.18 -25.94 12.51
C GLY B 76 -12.87 -25.16 13.78
N ALA B 77 -13.77 -25.34 14.76
CA ALA B 77 -13.55 -24.62 15.97
C ALA B 77 -12.41 -25.25 16.71
N ALA B 78 -11.57 -24.36 17.19
CA ALA B 78 -10.31 -24.72 17.86
C ALA B 78 -10.30 -24.50 19.37
N PRO B 79 -9.37 -25.20 20.03
CA PRO B 79 -9.21 -25.07 21.47
C PRO B 79 -9.10 -23.62 21.83
N LEU B 80 -9.66 -23.32 22.95
CA LEU B 80 -9.69 -21.97 23.42
C LEU B 80 -8.39 -21.18 23.38
N LEU B 81 -7.40 -21.69 24.09
CA LEU B 81 -6.13 -21.00 24.18
C LEU B 81 -5.27 -21.29 22.99
N GLU B 82 -5.79 -22.11 22.06
CA GLU B 82 -4.95 -22.41 20.91
C GLU B 82 -5.55 -21.90 19.64
N GLY B 83 -6.26 -20.76 19.67
CA GLY B 83 -6.91 -20.28 18.44
C GLY B 83 -8.36 -19.90 18.70
N GLY B 84 -8.96 -20.59 19.66
CA GLY B 84 -10.36 -20.33 19.96
C GLY B 84 -10.68 -18.90 20.28
N PHE B 85 -9.86 -18.35 21.14
CA PHE B 85 -10.11 -16.97 21.51
C PHE B 85 -10.11 -16.07 20.27
N TRP B 86 -9.13 -16.34 19.42
CA TRP B 86 -8.95 -15.63 18.20
C TRP B 86 -10.21 -15.71 17.40
N GLN B 87 -10.74 -16.92 17.30
CA GLN B 87 -11.98 -17.05 16.54
C GLN B 87 -13.09 -16.18 17.10
N ALA B 88 -13.34 -16.33 18.37
CA ALA B 88 -14.39 -15.54 19.00
C ALA B 88 -14.09 -14.07 18.96
N ILE B 89 -12.80 -13.71 18.89
CA ILE B 89 -12.50 -12.29 18.87
C ILE B 89 -12.89 -11.67 17.55
N THR B 90 -12.70 -12.49 16.54
CA THR B 90 -12.95 -12.16 15.16
C THR B 90 -14.38 -11.93 14.89
N VAL B 91 -15.13 -12.73 15.57
CA VAL B 91 -16.54 -12.54 15.38
C VAL B 91 -16.94 -11.21 16.03
N CYS B 92 -16.48 -10.96 17.27
CA CYS B 92 -16.88 -9.69 17.87
C CYS B 92 -16.44 -8.49 17.04
N ALA B 93 -15.19 -8.58 16.53
CA ALA B 93 -14.71 -7.56 15.68
C ALA B 93 -15.76 -7.21 14.63
N LEU B 94 -16.16 -8.20 13.84
CA LEU B 94 -17.11 -8.00 12.77
C LEU B 94 -18.42 -7.49 13.32
N GLY B 95 -18.75 -7.93 14.54
CA GLY B 95 -20.01 -7.53 15.14
C GLY B 95 -20.03 -6.04 15.38
N ALA B 96 -18.93 -5.57 15.89
CA ALA B 96 -18.73 -4.18 16.19
C ALA B 96 -18.61 -3.38 14.92
N PHE B 97 -17.79 -3.86 14.02
CA PHE B 97 -17.67 -3.06 12.81
C PHE B 97 -19.01 -2.90 12.14
N ILE B 98 -19.77 -3.99 12.04
CA ILE B 98 -21.02 -3.84 11.31
C ILE B 98 -22.08 -2.98 12.00
N SER B 99 -22.13 -3.02 13.30
CA SER B 99 -23.06 -2.18 13.98
C SER B 99 -22.68 -0.73 13.79
N TRP B 100 -21.38 -0.51 13.73
CA TRP B 100 -20.83 0.80 13.66
C TRP B 100 -21.37 1.46 12.47
N MET B 101 -21.25 0.62 11.45
CA MET B 101 -21.68 0.98 10.11
C MET B 101 -23.17 1.30 10.08
N LEU B 102 -24.00 0.33 10.44
CA LEU B 102 -25.42 0.55 10.38
C LEU B 102 -25.83 1.75 11.20
N ARG B 103 -25.16 1.91 12.31
CA ARG B 103 -25.43 3.03 13.15
C ARG B 103 -25.28 4.29 12.37
N GLU B 104 -24.25 4.31 11.55
CA GLU B 104 -23.97 5.50 10.76
C GLU B 104 -25.07 5.76 9.73
N VAL B 105 -25.69 4.72 9.33
CA VAL B 105 -26.78 4.95 8.46
C VAL B 105 -27.95 5.64 9.13
N GLU B 106 -28.28 5.22 10.35
CA GLU B 106 -29.43 5.87 10.99
C GLU B 106 -29.09 7.30 11.31
N ILE B 107 -27.82 7.56 11.65
CA ILE B 107 -27.45 8.91 11.97
C ILE B 107 -27.65 9.80 10.77
N SER B 108 -27.32 9.23 9.62
CA SER B 108 -27.48 9.92 8.38
C SER B 108 -28.94 10.15 8.01
N ARG B 109 -29.86 9.14 8.14
CA ARG B 109 -31.29 9.33 7.76
C ARG B 109 -31.93 10.43 8.63
N LYS B 110 -31.51 10.50 9.87
CA LYS B 110 -32.02 11.49 10.77
C LYS B 110 -31.62 12.89 10.30
N LEU B 111 -30.36 12.98 9.87
CA LEU B 111 -29.93 14.29 9.45
C LEU B 111 -30.36 14.69 8.06
N GLY B 112 -30.98 13.76 7.35
CA GLY B 112 -31.36 14.07 6.00
C GLY B 112 -30.19 14.10 5.02
N ILE B 113 -29.03 13.56 5.37
CA ILE B 113 -28.01 13.60 4.36
C ILE B 113 -27.78 12.22 3.76
N GLY B 114 -26.93 12.22 2.73
CA GLY B 114 -26.58 11.04 1.94
C GLY B 114 -26.00 9.89 2.79
N TRP B 115 -26.00 8.69 2.26
CA TRP B 115 -25.41 7.60 3.03
C TRP B 115 -23.94 7.36 2.74
N HIS B 116 -23.30 8.23 1.93
CA HIS B 116 -21.91 8.01 1.56
C HIS B 116 -20.92 7.64 2.65
N VAL B 117 -21.12 8.10 3.88
CA VAL B 117 -20.11 7.75 4.85
C VAL B 117 -20.06 6.29 5.28
N PRO B 118 -21.18 5.69 5.71
CA PRO B 118 -21.19 4.31 6.09
C PRO B 118 -20.83 3.50 4.91
N LEU B 119 -21.28 4.02 3.78
CA LEU B 119 -21.01 3.36 2.54
C LEU B 119 -19.54 3.20 2.29
N ALA B 120 -18.83 4.30 2.43
CA ALA B 120 -17.40 4.39 2.34
C ALA B 120 -16.73 3.49 3.38
N PHE B 121 -17.29 3.49 4.58
CA PHE B 121 -16.79 2.63 5.66
C PHE B 121 -16.82 1.12 5.34
N CYS B 122 -17.66 0.68 4.42
CA CYS B 122 -17.72 -0.74 4.07
C CYS B 122 -16.42 -1.24 3.46
N VAL B 123 -15.78 -0.31 2.76
CA VAL B 123 -14.57 -0.65 2.10
C VAL B 123 -13.57 -1.22 3.12
N PRO B 124 -13.18 -0.51 4.21
CA PRO B 124 -12.31 -1.17 5.17
C PRO B 124 -12.89 -2.45 5.81
N ILE B 125 -14.19 -2.60 6.03
CA ILE B 125 -14.72 -3.83 6.59
C ILE B 125 -14.52 -5.02 5.67
N PHE B 126 -14.81 -4.72 4.41
CA PHE B 126 -14.66 -5.71 3.37
C PHE B 126 -13.23 -6.23 3.32
N MET B 127 -12.30 -5.30 3.43
CA MET B 127 -10.95 -5.76 3.45
C MET B 127 -10.61 -6.59 4.68
N PHE B 128 -11.22 -6.25 5.79
CA PHE B 128 -10.89 -7.03 6.96
C PHE B 128 -11.36 -8.48 6.69
N CYS B 129 -12.54 -8.61 6.01
CA CYS B 129 -13.08 -9.90 5.67
C CYS B 129 -12.20 -10.62 4.66
N VAL B 130 -11.47 -9.87 3.85
CA VAL B 130 -10.69 -10.54 2.85
C VAL B 130 -9.52 -11.22 3.50
N LEU B 131 -8.85 -10.45 4.30
CA LEU B 131 -7.75 -11.01 5.00
C LEU B 131 -8.15 -12.08 5.98
N GLN B 132 -9.17 -11.82 6.79
CA GLN B 132 -9.58 -12.74 7.85
C GLN B 132 -10.65 -13.76 7.53
N VAL B 133 -11.48 -13.56 6.52
CA VAL B 133 -12.53 -14.55 6.28
C VAL B 133 -12.41 -15.28 4.93
N PHE B 134 -12.46 -14.52 3.84
CA PHE B 134 -12.35 -15.04 2.51
C PHE B 134 -11.06 -15.77 2.14
N ARG B 135 -9.88 -15.25 2.50
CA ARG B 135 -8.61 -15.86 2.07
C ARG B 135 -8.40 -17.19 2.75
N PRO B 136 -8.53 -17.20 4.06
CA PRO B 136 -8.44 -18.47 4.78
C PRO B 136 -9.49 -19.48 4.30
N LEU B 137 -10.71 -19.05 3.94
CA LEU B 137 -11.72 -20.00 3.49
C LEU B 137 -11.16 -20.59 2.22
N LEU B 138 -10.67 -19.69 1.37
CA LEU B 138 -10.12 -20.11 0.10
C LEU B 138 -8.97 -21.07 0.24
N LEU B 139 -8.14 -20.85 1.28
CA LEU B 139 -6.98 -21.67 1.52
C LEU B 139 -7.31 -22.88 2.33
N GLY B 140 -8.48 -22.87 2.97
CA GLY B 140 -8.91 -24.03 3.75
C GLY B 140 -8.61 -24.07 5.24
N SER B 141 -7.98 -23.03 5.87
CA SER B 141 -7.69 -22.99 7.35
C SER B 141 -7.86 -21.56 7.90
N TRP B 142 -8.34 -21.39 9.15
CA TRP B 142 -8.40 -20.07 9.75
C TRP B 142 -6.96 -19.73 10.16
N GLY B 143 -6.05 -20.69 10.08
CA GLY B 143 -4.69 -20.47 10.52
C GLY B 143 -3.85 -19.65 9.55
N HIS B 144 -4.42 -19.16 8.47
CA HIS B 144 -3.73 -18.30 7.53
C HIS B 144 -4.08 -16.84 7.78
N ALA B 145 -4.93 -16.63 8.76
CA ALA B 145 -5.37 -15.24 9.05
C ALA B 145 -4.31 -14.52 9.86
N PHE B 146 -4.51 -13.26 10.09
CA PHE B 146 -3.53 -12.52 10.84
C PHE B 146 -3.82 -12.45 12.37
N PRO B 147 -2.75 -12.34 13.14
CA PRO B 147 -2.78 -12.33 14.59
C PRO B 147 -3.12 -10.94 15.16
N TYR B 148 -3.65 -10.88 16.33
CA TYR B 148 -4.03 -9.63 16.98
C TYR B 148 -2.95 -9.31 17.98
N GLY B 149 -2.05 -8.40 17.59
CA GLY B 149 -0.89 -7.96 18.38
C GLY B 149 -0.40 -6.66 17.76
N ILE B 150 -0.03 -5.71 18.56
CA ILE B 150 0.35 -4.45 17.96
C ILE B 150 1.46 -4.62 16.97
N LEU B 151 2.57 -5.27 17.39
CA LEU B 151 3.68 -5.49 16.46
C LEU B 151 3.54 -6.84 15.78
N SER B 152 3.10 -7.84 16.53
CA SER B 152 3.07 -9.15 15.91
C SER B 152 2.22 -9.26 14.66
N HIS B 153 1.37 -8.28 14.40
CA HIS B 153 0.58 -8.39 13.19
C HIS B 153 1.39 -8.06 11.95
N LEU B 154 2.49 -7.31 12.19
CA LEU B 154 3.46 -6.85 11.21
C LEU B 154 4.30 -8.04 10.84
N ASP B 155 4.50 -8.91 11.82
CA ASP B 155 5.25 -10.11 11.54
C ASP B 155 4.49 -11.01 10.58
N TRP B 156 3.14 -11.01 10.68
CA TRP B 156 2.36 -11.79 9.73
C TRP B 156 2.45 -11.09 8.38
N VAL B 157 2.19 -9.80 8.33
CA VAL B 157 2.33 -9.11 7.06
C VAL B 157 3.61 -9.47 6.33
N ASN B 158 4.72 -9.39 7.05
CA ASN B 158 6.09 -9.64 6.58
C ASN B 158 6.31 -11.01 5.99
N ASN B 159 6.07 -11.98 6.82
CA ASN B 159 6.25 -13.32 6.32
C ASN B 159 5.29 -13.59 5.19
N PHE B 160 4.09 -13.04 5.28
CA PHE B 160 3.13 -13.29 4.25
C PHE B 160 3.73 -12.79 2.97
N GLY B 161 4.39 -11.69 3.07
CA GLY B 161 4.89 -11.13 1.82
C GLY B 161 5.99 -12.00 1.31
N TYR B 162 6.83 -12.34 2.20
CA TYR B 162 7.97 -13.06 1.82
C TYR B 162 7.72 -14.46 1.32
N GLN B 163 6.59 -15.00 1.65
CA GLN B 163 6.21 -16.27 1.09
C GLN B 163 6.08 -16.23 -0.44
N TYR B 164 5.86 -15.05 -0.95
CA TYR B 164 5.74 -14.87 -2.36
C TYR B 164 7.02 -14.23 -2.92
N LEU B 165 8.11 -14.33 -2.15
CA LEU B 165 9.45 -13.95 -2.53
C LEU B 165 9.73 -12.47 -2.60
N ASN B 166 8.90 -11.77 -3.35
CA ASN B 166 9.03 -10.32 -3.39
C ASN B 166 7.64 -9.75 -3.64
N TRP B 167 6.99 -9.47 -2.55
CA TRP B 167 5.68 -9.03 -2.55
C TRP B 167 5.46 -7.79 -3.36
N HIS B 168 6.52 -6.98 -3.49
CA HIS B 168 6.40 -5.71 -4.21
C HIS B 168 6.00 -5.92 -5.66
N TYR B 169 6.28 -7.12 -6.20
CA TYR B 169 5.96 -7.34 -7.58
C TYR B 169 4.55 -7.78 -7.81
N ASN B 170 3.83 -7.96 -6.71
CA ASN B 170 2.43 -8.33 -6.82
C ASN B 170 1.70 -7.16 -7.44
N PRO B 171 1.15 -7.40 -8.59
CA PRO B 171 0.44 -6.38 -9.34
C PRO B 171 -0.71 -5.69 -8.62
N GLY B 172 -1.50 -6.38 -7.79
CA GLY B 172 -2.59 -5.67 -7.05
C GLY B 172 -1.99 -4.81 -5.92
N HIS B 173 -0.76 -5.21 -5.49
CA HIS B 173 -0.01 -4.45 -4.52
C HIS B 173 0.49 -3.18 -5.21
N MET B 174 0.93 -3.34 -6.45
CA MET B 174 1.35 -2.11 -7.06
C MET B 174 0.17 -1.16 -7.20
N SER B 175 -0.97 -1.67 -7.53
CA SER B 175 -2.04 -0.74 -7.72
C SER B 175 -2.46 -0.18 -6.40
N SER B 176 -2.42 -1.05 -5.41
CA SER B 176 -2.78 -0.67 -4.06
C SER B 176 -1.92 0.43 -3.53
N VAL B 177 -0.59 0.18 -3.59
CA VAL B 177 0.39 1.15 -3.10
C VAL B 177 0.24 2.51 -3.76
N SER B 178 -0.08 2.44 -5.02
CA SER B 178 -0.21 3.59 -5.86
C SER B 178 -1.38 4.47 -5.54
N PHE B 179 -2.45 3.92 -5.01
CA PHE B 179 -3.57 4.72 -4.61
C PHE B 179 -3.26 5.25 -3.25
N LEU B 180 -2.63 4.38 -2.41
CA LEU B 180 -2.23 4.87 -1.12
C LEU B 180 -1.45 6.17 -1.27
N PHE B 181 -0.53 6.19 -2.22
CA PHE B 181 0.34 7.38 -2.44
C PHE B 181 -0.38 8.56 -3.03
N VAL B 182 -1.23 8.34 -4.07
CA VAL B 182 -1.93 9.47 -4.68
C VAL B 182 -2.84 10.15 -3.73
N ASN B 183 -3.47 9.33 -2.96
CA ASN B 183 -4.48 9.81 -2.07
C ASN B 183 -3.87 10.62 -0.97
N ALA B 184 -2.72 10.14 -0.50
CA ALA B 184 -2.05 10.89 0.56
C ALA B 184 -1.71 12.27 0.04
N MET B 185 -1.34 12.34 -1.24
CA MET B 185 -0.96 13.61 -1.92
C MET B 185 -2.14 14.52 -2.19
N ALA B 186 -3.21 13.93 -2.76
CA ALA B 186 -4.39 14.67 -2.97
C ALA B 186 -4.92 15.27 -1.69
N LEU B 187 -4.80 14.52 -0.60
CA LEU B 187 -5.31 15.07 0.65
C LEU B 187 -4.61 16.39 0.95
N GLY B 188 -3.27 16.36 0.87
CA GLY B 188 -2.42 17.54 1.13
C GLY B 188 -2.76 18.72 0.22
N LEU B 189 -2.97 18.48 -1.05
CA LEU B 189 -3.33 19.53 -1.97
C LEU B 189 -4.72 20.11 -1.72
N HIS B 190 -5.66 19.15 -1.50
CA HIS B 190 -7.02 19.55 -1.22
C HIS B 190 -7.04 20.41 0.03
N GLY B 191 -6.43 19.93 1.10
CA GLY B 191 -6.42 20.72 2.31
C GLY B 191 -5.54 21.98 2.23
N GLY B 192 -4.40 21.89 1.59
CA GLY B 192 -3.61 23.10 1.44
C GLY B 192 -4.34 24.11 0.60
N LEU B 193 -5.08 23.63 -0.37
CA LEU B 193 -5.71 24.57 -1.24
C LEU B 193 -6.81 25.35 -0.51
N ILE B 194 -7.57 24.61 0.26
CA ILE B 194 -8.65 25.22 0.94
C ILE B 194 -8.20 26.29 1.85
N LEU B 195 -7.21 25.94 2.67
CA LEU B 195 -6.64 26.80 3.67
C LEU B 195 -5.93 27.95 3.01
N SER B 196 -5.31 27.75 1.82
CA SER B 196 -4.56 28.81 1.10
C SER B 196 -5.51 29.92 0.68
N VAL B 197 -6.68 29.50 0.31
CA VAL B 197 -7.73 30.42 -0.08
C VAL B 197 -8.42 31.12 1.10
N ALA B 198 -8.62 30.49 2.24
CA ALA B 198 -9.31 31.15 3.33
C ALA B 198 -8.36 31.84 4.30
N ASN B 199 -7.09 31.51 4.13
CA ASN B 199 -6.07 32.06 4.98
C ASN B 199 -4.83 32.62 4.21
N PRO B 200 -5.09 33.59 3.38
CA PRO B 200 -4.02 34.19 2.62
C PRO B 200 -2.92 34.83 3.51
N GLY B 201 -3.26 35.40 4.66
CA GLY B 201 -2.21 35.96 5.52
C GLY B 201 -2.31 37.47 5.55
N ASP B 202 -1.63 38.09 6.51
CA ASP B 202 -1.77 39.54 6.67
C ASP B 202 -3.24 39.77 6.98
N GLY B 203 -3.83 40.64 6.18
CA GLY B 203 -5.21 41.07 6.18
C GLY B 203 -5.68 41.17 4.75
N ASP B 204 -5.13 40.25 3.91
CA ASP B 204 -5.60 40.23 2.55
C ASP B 204 -6.94 39.55 2.63
N LYS B 205 -7.67 39.77 1.61
CA LYS B 205 -8.98 39.26 1.48
C LYS B 205 -9.00 37.76 1.28
N VAL B 206 -9.97 37.11 1.94
CA VAL B 206 -10.20 35.70 1.72
C VAL B 206 -10.44 35.56 0.23
N LYS B 207 -9.92 34.53 -0.40
CA LYS B 207 -10.12 34.41 -1.85
C LYS B 207 -11.44 33.78 -2.30
N THR B 208 -11.51 33.32 -3.54
CA THR B 208 -12.77 32.82 -4.03
C THR B 208 -12.64 31.46 -4.67
N ALA B 209 -13.78 30.95 -5.07
CA ALA B 209 -13.86 29.75 -5.82
C ALA B 209 -13.04 29.95 -7.09
N GLU B 210 -13.18 31.13 -7.70
CA GLU B 210 -12.41 31.35 -8.89
C GLU B 210 -10.91 31.20 -8.70
N HIS B 211 -10.40 31.67 -7.56
CA HIS B 211 -8.97 31.54 -7.37
C HIS B 211 -8.48 30.10 -7.24
N GLU B 212 -9.29 29.25 -6.62
CA GLU B 212 -8.95 27.85 -6.43
C GLU B 212 -8.72 27.25 -7.79
N ASN B 213 -9.60 27.67 -8.69
CA ASN B 213 -9.51 27.12 -10.02
C ASN B 213 -8.40 27.69 -10.86
N GLN B 214 -8.01 28.95 -10.66
CA GLN B 214 -6.89 29.46 -11.49
C GLN B 214 -5.59 28.83 -11.02
N TYR B 215 -5.52 28.61 -9.74
CA TYR B 215 -4.35 28.07 -9.15
C TYR B 215 -3.85 26.79 -9.81
N PHE B 216 -4.74 25.82 -9.93
CA PHE B 216 -4.35 24.56 -10.53
C PHE B 216 -4.24 24.59 -12.04
N ARG B 217 -5.04 25.44 -12.70
CA ARG B 217 -4.85 25.46 -14.16
C ARG B 217 -3.46 25.97 -14.40
N ASP B 218 -3.18 27.01 -13.64
CA ASP B 218 -1.89 27.61 -13.77
C ASP B 218 -0.82 26.57 -13.52
N VAL B 219 -1.07 25.68 -12.57
CA VAL B 219 0.01 24.84 -12.16
C VAL B 219 0.27 23.63 -13.02
N VAL B 220 -0.74 22.83 -13.10
CA VAL B 220 -0.75 21.59 -13.81
C VAL B 220 -1.68 21.68 -15.02
N GLY B 221 -2.24 22.86 -15.30
CA GLY B 221 -3.06 23.04 -16.48
C GLY B 221 -4.49 22.51 -16.36
N TYR B 222 -4.76 21.98 -15.18
CA TYR B 222 -6.10 21.51 -15.03
C TYR B 222 -6.62 21.45 -13.59
N SER B 223 -7.87 21.88 -13.44
CA SER B 223 -8.55 21.86 -12.15
C SER B 223 -9.89 21.09 -12.21
N ILE B 224 -9.94 20.13 -11.32
CA ILE B 224 -11.02 19.24 -11.15
C ILE B 224 -12.29 19.85 -10.66
N GLY B 225 -12.20 20.84 -9.79
CA GLY B 225 -13.46 21.40 -9.31
C GLY B 225 -13.68 20.98 -7.85
N ALA B 226 -14.34 21.86 -7.18
CA ALA B 226 -14.61 21.68 -5.80
C ALA B 226 -15.40 20.36 -5.44
N LEU B 227 -16.62 20.14 -5.93
CA LEU B 227 -17.32 18.91 -5.60
C LEU B 227 -16.57 17.66 -6.11
N SER B 228 -16.03 17.74 -7.31
CA SER B 228 -15.35 16.62 -7.94
C SER B 228 -14.09 16.09 -7.27
N ILE B 229 -13.39 16.95 -6.55
CA ILE B 229 -12.18 16.51 -5.79
C ILE B 229 -12.62 15.76 -4.53
N HIS B 230 -13.87 15.89 -4.11
CA HIS B 230 -14.33 15.13 -2.96
C HIS B 230 -14.71 13.75 -3.45
N ARG B 231 -15.38 13.73 -4.61
CA ARG B 231 -15.70 12.47 -5.30
C ARG B 231 -14.39 11.76 -5.67
N LEU B 232 -13.38 12.49 -6.12
CA LEU B 232 -12.19 11.77 -6.46
C LEU B 232 -11.49 11.23 -5.20
N GLY B 233 -11.26 12.07 -4.19
CA GLY B 233 -10.63 11.58 -2.97
C GLY B 233 -11.39 10.40 -2.38
N LEU B 234 -12.76 10.33 -2.62
CA LEU B 234 -13.44 9.19 -2.11
C LEU B 234 -13.06 7.95 -2.94
N PHE B 235 -12.83 8.19 -4.20
CA PHE B 235 -12.46 7.13 -5.09
C PHE B 235 -11.04 6.65 -4.86
N LEU B 236 -10.05 7.58 -4.75
CA LEU B 236 -8.69 7.10 -4.52
C LEU B 236 -8.45 6.34 -3.24
N ALA B 237 -9.07 6.78 -2.12
CA ALA B 237 -8.87 6.09 -0.86
C ALA B 237 -9.46 4.67 -0.92
N SER B 238 -10.67 4.56 -1.41
CA SER B 238 -11.33 3.28 -1.57
C SER B 238 -10.60 2.28 -2.43
N ASN B 239 -10.08 2.75 -3.52
CA ASN B 239 -9.40 1.85 -4.39
C ASN B 239 -8.15 1.33 -3.74
N ILE B 240 -7.77 1.92 -2.61
CA ILE B 240 -6.57 1.42 -2.00
C ILE B 240 -6.90 -0.04 -1.64
N PHE B 241 -8.08 -0.28 -1.10
CA PHE B 241 -8.41 -1.60 -0.71
C PHE B 241 -9.14 -2.35 -1.79
N LEU B 242 -9.99 -1.67 -2.51
CA LEU B 242 -10.67 -2.41 -3.57
C LEU B 242 -9.65 -3.08 -4.49
N THR B 243 -8.64 -2.34 -4.94
CA THR B 243 -7.69 -3.02 -5.83
C THR B 243 -6.77 -4.00 -5.16
N GLY B 244 -6.36 -3.69 -3.93
CA GLY B 244 -5.48 -4.52 -3.15
C GLY B 244 -5.95 -5.95 -2.89
N ALA B 245 -7.23 -6.04 -2.55
CA ALA B 245 -8.01 -7.23 -2.27
C ALA B 245 -7.68 -8.28 -3.27
N PHE B 246 -7.59 -7.80 -4.51
CA PHE B 246 -7.27 -8.72 -5.61
C PHE B 246 -5.87 -9.33 -5.40
N GLY B 247 -4.92 -8.45 -5.15
CA GLY B 247 -3.58 -8.90 -4.92
C GLY B 247 -3.46 -9.90 -3.78
N THR B 248 -4.22 -9.63 -2.73
CA THR B 248 -4.18 -10.43 -1.53
C THR B 248 -4.78 -11.76 -1.79
N ILE B 249 -6.02 -11.69 -2.32
CA ILE B 249 -6.80 -12.84 -2.66
C ILE B 249 -6.17 -13.79 -3.68
N ALA B 250 -5.24 -13.33 -4.52
CA ALA B 250 -4.61 -14.18 -5.50
C ALA B 250 -3.44 -14.96 -4.98
N SER B 251 -2.92 -14.45 -3.88
CA SER B 251 -1.76 -14.96 -3.23
C SER B 251 -2.09 -16.16 -2.42
N GLY B 252 -1.84 -17.32 -3.06
CA GLY B 252 -2.16 -18.62 -2.48
C GLY B 252 -3.27 -19.33 -3.29
N PRO B 253 -4.50 -18.85 -3.17
CA PRO B 253 -5.61 -19.44 -3.92
C PRO B 253 -5.35 -19.47 -5.46
N PHE B 254 -5.03 -18.30 -6.08
CA PHE B 254 -4.77 -18.13 -7.51
C PHE B 254 -3.31 -18.11 -8.02
N TRP B 255 -2.35 -18.09 -7.11
CA TRP B 255 -0.94 -18.01 -7.49
C TRP B 255 -0.04 -18.52 -6.39
N THR B 256 0.98 -19.34 -6.80
CA THR B 256 1.88 -19.85 -5.77
C THR B 256 3.31 -19.65 -6.01
N ARG B 257 3.71 -19.02 -7.09
CA ARG B 257 5.14 -18.90 -7.21
C ARG B 257 5.45 -17.55 -6.65
N GLY B 258 6.69 -17.10 -6.80
CA GLY B 258 7.09 -15.80 -6.38
C GLY B 258 6.43 -14.74 -7.27
N TRP B 259 6.07 -13.57 -6.69
CA TRP B 259 5.43 -12.59 -7.55
C TRP B 259 6.25 -12.14 -8.74
N PRO B 260 7.55 -11.96 -8.60
CA PRO B 260 8.26 -11.43 -9.75
C PRO B 260 8.06 -12.29 -10.99
N GLU B 261 8.13 -13.60 -10.78
CA GLU B 261 7.96 -14.61 -11.80
C GLU B 261 6.61 -14.47 -12.46
N TRP B 262 5.68 -13.79 -11.80
CA TRP B 262 4.38 -13.59 -12.42
C TRP B 262 4.51 -12.83 -13.73
N TRP B 263 5.48 -11.91 -13.77
CA TRP B 263 5.73 -11.02 -14.91
C TRP B 263 6.32 -11.67 -16.14
N GLY B 264 6.48 -12.97 -16.03
CA GLY B 264 6.96 -13.77 -17.14
C GLY B 264 6.05 -13.65 -18.32
N TRP B 265 4.75 -13.50 -18.03
CA TRP B 265 3.72 -13.33 -19.04
C TRP B 265 4.09 -12.22 -20.01
N TRP B 266 4.96 -11.32 -19.57
CA TRP B 266 5.39 -10.22 -20.40
C TRP B 266 6.69 -10.58 -21.03
N LEU B 267 7.62 -10.76 -20.13
CA LEU B 267 8.97 -11.03 -20.42
C LEU B 267 9.15 -12.20 -21.36
N ASP B 268 8.29 -13.21 -21.19
CA ASP B 268 8.43 -14.45 -21.96
C ASP B 268 7.65 -14.60 -23.24
N ILE B 269 6.94 -13.54 -23.65
CA ILE B 269 6.24 -13.56 -24.91
C ILE B 269 7.27 -14.07 -25.92
N PRO B 270 6.88 -15.02 -26.73
CA PRO B 270 7.86 -15.62 -27.63
C PRO B 270 8.51 -14.74 -28.71
N PHE B 271 7.73 -13.79 -29.26
CA PHE B 271 8.14 -12.76 -30.23
C PHE B 271 9.53 -12.26 -29.84
N TRP B 272 9.60 -11.58 -28.71
CA TRP B 272 10.85 -11.01 -28.24
C TRP B 272 11.70 -11.85 -27.30
N SER B 273 11.47 -13.17 -27.14
CA SER B 273 12.36 -13.99 -26.28
C SER B 273 13.71 -14.37 -26.93
N ALA C 1 -31.29 8.37 -4.78
CA ALA C 1 -29.99 8.94 -4.51
C ALA C 1 -29.83 10.38 -4.99
N ASP C 2 -28.63 10.90 -4.83
CA ASP C 2 -28.25 12.23 -5.27
C ASP C 2 -27.24 11.89 -6.35
N TYR C 3 -27.74 11.89 -7.57
CA TYR C 3 -27.01 11.47 -8.72
C TYR C 3 -25.90 12.42 -9.03
N GLN C 4 -26.01 13.58 -8.42
CA GLN C 4 -25.08 14.65 -8.59
C GLN C 4 -23.80 14.19 -7.95
N THR C 5 -23.93 13.37 -6.91
CA THR C 5 -22.74 12.91 -6.27
C THR C 5 -22.00 11.89 -7.12
N ILE C 6 -22.67 11.30 -8.10
CA ILE C 6 -21.94 10.32 -8.90
C ILE C 6 -21.34 10.88 -10.16
N TYR C 7 -22.12 11.72 -10.82
CA TYR C 7 -21.66 12.36 -12.02
C TYR C 7 -22.67 13.46 -12.25
N THR C 8 -22.28 14.43 -13.02
CA THR C 8 -23.06 15.58 -13.33
C THR C 8 -24.15 15.34 -14.36
N GLN C 9 -25.39 15.45 -13.98
CA GLN C 9 -26.43 15.20 -14.96
C GLN C 9 -26.48 16.17 -16.13
N ILE C 10 -26.54 17.47 -15.85
CA ILE C 10 -26.62 18.48 -16.88
C ILE C 10 -25.39 19.41 -16.83
N GLN C 11 -24.52 19.23 -17.81
CA GLN C 11 -23.28 19.98 -17.83
C GLN C 11 -23.56 21.37 -18.32
N ALA C 12 -22.90 22.34 -17.70
CA ALA C 12 -23.00 23.73 -18.14
C ALA C 12 -21.74 24.10 -18.88
N ARG C 13 -21.88 25.06 -19.76
CA ARG C 13 -20.84 25.60 -20.61
C ARG C 13 -20.94 27.11 -20.61
N GLY C 14 -19.84 27.78 -20.41
CA GLY C 14 -19.97 29.22 -20.38
C GLY C 14 -18.66 29.87 -20.71
N PRO C 15 -18.58 31.19 -20.63
CA PRO C 15 -17.32 31.85 -20.97
C PRO C 15 -16.19 31.39 -20.07
N HIS C 16 -14.99 31.29 -20.64
CA HIS C 16 -13.84 30.90 -19.83
C HIS C 16 -13.53 31.98 -18.80
N ILE C 17 -13.03 31.59 -17.65
CA ILE C 17 -12.76 32.54 -16.57
C ILE C 17 -11.28 32.72 -16.33
N THR C 18 -10.86 33.98 -16.09
CA THR C 18 -9.47 34.28 -15.82
C THR C 18 -9.27 35.24 -14.64
N VAL C 19 -8.66 34.72 -13.55
CA VAL C 19 -8.32 35.51 -12.37
C VAL C 19 -6.89 35.95 -12.54
N SER C 20 -6.64 37.26 -12.49
CA SER C 20 -5.33 37.84 -12.69
C SER C 20 -4.40 37.81 -11.47
N GLY C 21 -3.11 37.59 -11.72
CA GLY C 21 -2.11 37.61 -10.67
C GLY C 21 -1.11 38.76 -10.87
N GLU C 22 -0.55 39.25 -9.73
CA GLU C 22 0.44 40.32 -9.67
C GLU C 22 1.43 40.25 -10.82
N TRP C 23 1.61 39.02 -11.34
CA TRP C 23 2.50 38.76 -12.45
C TRP C 23 2.14 37.55 -13.33
N GLY C 24 2.79 37.55 -14.48
CA GLY C 24 2.71 36.47 -15.42
C GLY C 24 1.40 36.28 -16.12
N ASP C 25 0.51 37.25 -16.12
CA ASP C 25 -0.71 36.93 -16.86
C ASP C 25 -0.49 36.65 -18.34
N ASN C 26 0.69 37.09 -18.82
CA ASN C 26 1.14 37.00 -20.18
C ASN C 26 1.87 35.72 -20.52
N ASP C 27 2.03 34.88 -19.48
CA ASP C 27 2.72 33.59 -19.59
C ASP C 27 1.82 32.38 -19.53
N ARG C 28 0.55 32.60 -19.84
CA ARG C 28 -0.47 31.58 -19.86
C ARG C 28 -0.74 31.14 -21.30
N VAL C 29 -0.19 29.99 -21.67
CA VAL C 29 -0.33 29.50 -23.01
C VAL C 29 -1.44 28.48 -23.27
N GLY C 30 -2.02 28.56 -24.44
CA GLY C 30 -3.00 27.55 -24.73
C GLY C 30 -4.33 28.15 -24.93
N LYS C 31 -5.09 27.35 -25.67
CA LYS C 31 -6.47 27.65 -26.01
C LYS C 31 -7.27 26.63 -25.25
N PRO C 32 -7.95 27.09 -24.22
CA PRO C 32 -8.74 26.15 -23.45
C PRO C 32 -9.70 25.43 -24.32
N PHE C 33 -9.74 24.12 -24.06
CA PHE C 33 -10.59 23.14 -24.72
C PHE C 33 -11.45 22.33 -23.70
N TYR C 34 -12.60 21.86 -24.19
CA TYR C 34 -13.54 21.15 -23.35
C TYR C 34 -13.72 19.73 -23.74
N SER C 35 -13.91 18.93 -22.71
CA SER C 35 -14.12 17.52 -22.93
C SER C 35 -15.40 17.18 -22.25
N TYR C 36 -16.32 16.64 -22.99
CA TYR C 36 -17.62 16.24 -22.49
C TYR C 36 -17.62 15.07 -21.51
N TRP C 37 -16.82 14.04 -21.78
CA TRP C 37 -16.80 12.85 -20.92
C TRP C 37 -16.24 13.15 -19.53
N LEU C 38 -15.17 13.90 -19.53
CA LEU C 38 -14.52 14.31 -18.35
C LEU C 38 -15.46 15.23 -17.62
N GLY C 39 -16.23 15.94 -18.43
CA GLY C 39 -17.17 16.88 -17.88
C GLY C 39 -18.19 16.26 -16.89
N LYS C 40 -18.36 14.95 -16.94
CA LYS C 40 -19.34 14.31 -16.10
C LYS C 40 -18.89 14.15 -14.68
N ILE C 41 -17.58 13.95 -14.53
CA ILE C 41 -17.03 13.66 -13.21
C ILE C 41 -16.11 14.73 -12.67
N GLY C 42 -15.88 15.74 -13.50
CA GLY C 42 -15.07 16.86 -13.08
C GLY C 42 -15.40 18.05 -13.94
N ASP C 43 -14.65 19.12 -13.76
CA ASP C 43 -14.81 20.33 -14.54
C ASP C 43 -14.43 19.90 -15.94
N ALA C 44 -14.99 20.51 -16.96
CA ALA C 44 -14.65 20.03 -18.31
C ALA C 44 -13.53 20.81 -19.00
N GLN C 45 -13.10 21.93 -18.43
CA GLN C 45 -12.10 22.70 -19.09
C GLN C 45 -10.69 22.13 -18.94
N ILE C 46 -10.04 21.81 -20.04
CA ILE C 46 -8.62 21.42 -19.91
C ILE C 46 -7.85 22.69 -20.36
N GLY C 47 -6.93 23.27 -19.57
CA GLY C 47 -6.19 24.44 -20.09
C GLY C 47 -6.78 25.81 -19.73
N PRO C 48 -5.96 26.86 -19.87
CA PRO C 48 -4.55 26.74 -20.29
C PRO C 48 -3.59 26.57 -19.10
N ILE C 49 -2.33 26.38 -19.42
CA ILE C 49 -1.35 26.23 -18.39
C ILE C 49 -0.44 27.41 -18.39
N TYR C 50 0.10 27.71 -17.27
CA TYR C 50 1.02 28.80 -17.19
C TYR C 50 2.43 28.26 -17.23
N LEU C 51 3.25 28.98 -17.99
CA LEU C 51 4.63 28.64 -18.17
C LEU C 51 5.52 29.24 -17.10
N GLY C 52 6.09 30.36 -17.50
CA GLY C 52 7.00 31.09 -16.63
C GLY C 52 8.35 30.44 -16.43
N ALA C 53 9.20 31.21 -15.76
CA ALA C 53 10.58 30.84 -15.52
C ALA C 53 10.78 29.53 -14.80
N SER C 54 10.33 29.50 -13.55
CA SER C 54 10.48 28.32 -12.71
C SER C 54 10.00 27.06 -13.40
N GLY C 55 8.78 27.14 -13.97
CA GLY C 55 8.24 25.99 -14.67
C GLY C 55 9.17 25.47 -15.78
N ILE C 56 9.44 26.35 -16.73
CA ILE C 56 10.28 26.09 -17.88
C ILE C 56 11.63 25.56 -17.45
N ALA C 57 12.11 26.10 -16.34
CA ALA C 57 13.34 25.62 -15.78
C ALA C 57 13.16 24.17 -15.36
N ALA C 58 12.07 23.94 -14.64
CA ALA C 58 11.77 22.61 -14.16
C ALA C 58 11.74 21.58 -15.27
N PHE C 59 11.08 21.92 -16.42
CA PHE C 59 11.03 21.07 -17.61
C PHE C 59 12.45 20.79 -18.04
N ALA C 60 13.24 21.85 -18.00
CA ALA C 60 14.63 21.77 -18.41
C ALA C 60 15.50 20.78 -17.67
N PHE C 61 15.71 20.94 -16.34
CA PHE C 61 16.49 20.05 -15.50
C PHE C 61 15.98 18.64 -15.51
N GLY C 62 14.66 18.57 -15.51
CA GLY C 62 13.97 17.34 -15.44
C GLY C 62 14.33 16.46 -16.62
N SER C 63 14.17 17.05 -17.75
CA SER C 63 14.42 16.37 -18.99
C SER C 63 15.83 15.90 -19.09
N THR C 64 16.75 16.71 -18.61
CA THR C 64 18.15 16.31 -18.58
C THR C 64 18.28 15.04 -17.77
N ALA C 65 17.72 15.07 -16.55
CA ALA C 65 17.68 13.92 -15.65
C ALA C 65 17.24 12.75 -16.45
N ILE C 66 16.16 12.94 -17.14
CA ILE C 66 15.63 11.79 -17.88
C ILE C 66 16.56 11.19 -18.95
N LEU C 67 17.06 12.00 -19.90
CA LEU C 67 17.97 11.46 -20.93
C LEU C 67 19.04 10.70 -20.24
N ILE C 68 19.58 11.34 -19.23
CA ILE C 68 20.58 10.54 -18.50
C ILE C 68 20.11 9.12 -18.15
N ILE C 69 18.91 8.98 -17.55
CA ILE C 69 18.41 7.66 -17.14
C ILE C 69 18.21 6.72 -18.30
N LEU C 70 17.37 7.16 -19.23
CA LEU C 70 17.11 6.44 -20.45
C LEU C 70 18.38 6.04 -21.17
N PHE C 71 19.38 6.88 -21.20
CA PHE C 71 20.53 6.48 -21.97
C PHE C 71 21.23 5.31 -21.37
N ASN C 72 21.43 5.40 -20.07
CA ASN C 72 22.11 4.34 -19.35
C ASN C 72 21.29 3.07 -19.41
N MET C 73 19.96 3.26 -19.40
CA MET C 73 19.15 2.07 -19.46
C MET C 73 19.35 1.47 -20.84
N ALA C 74 19.26 2.33 -21.84
CA ALA C 74 19.41 2.00 -23.24
C ALA C 74 20.68 1.21 -23.45
N ALA C 75 21.69 1.56 -22.69
CA ALA C 75 22.97 0.85 -22.78
C ALA C 75 22.85 -0.50 -22.15
N GLU C 76 22.09 -0.54 -21.07
CA GLU C 76 21.89 -1.79 -20.36
C GLU C 76 21.45 -2.94 -21.33
N VAL C 77 20.89 -2.61 -22.50
CA VAL C 77 20.50 -3.65 -23.47
C VAL C 77 21.21 -3.48 -24.82
N HIS C 78 22.48 -3.07 -24.73
CA HIS C 78 23.35 -2.85 -25.85
C HIS C 78 22.59 -2.28 -27.05
N PHE C 79 21.84 -1.20 -26.72
CA PHE C 79 20.99 -0.34 -27.56
C PHE C 79 20.03 -1.07 -28.50
N ASP C 80 19.52 -2.22 -28.07
CA ASP C 80 18.54 -2.96 -28.88
C ASP C 80 17.17 -2.38 -28.60
N PRO C 81 16.55 -1.80 -29.61
CA PRO C 81 15.28 -1.12 -29.43
C PRO C 81 14.20 -2.05 -28.90
N LEU C 82 14.20 -3.29 -29.37
CA LEU C 82 13.13 -4.18 -29.01
C LEU C 82 13.18 -4.79 -27.61
N GLN C 83 14.40 -5.07 -27.18
CA GLN C 83 14.66 -5.62 -25.87
C GLN C 83 14.55 -4.50 -24.90
N PHE C 84 14.60 -3.34 -25.48
CA PHE C 84 14.47 -2.19 -24.65
C PHE C 84 13.03 -2.11 -24.23
N PHE C 85 12.11 -2.03 -25.17
CA PHE C 85 10.74 -1.93 -24.75
C PHE C 85 10.43 -3.12 -23.81
N ARG C 86 10.88 -4.29 -24.21
CA ARG C 86 10.69 -5.48 -23.43
C ARG C 86 11.20 -5.49 -22.00
N GLN C 87 12.50 -5.18 -21.78
CA GLN C 87 13.04 -5.28 -20.44
C GLN C 87 12.86 -4.03 -19.56
N PHE C 88 12.35 -2.97 -20.14
CA PHE C 88 12.16 -1.70 -19.46
C PHE C 88 12.15 -1.71 -17.92
N PHE C 89 11.09 -2.31 -17.38
CA PHE C 89 10.87 -2.47 -15.94
C PHE C 89 12.11 -2.91 -15.18
N TRP C 90 12.96 -3.74 -15.82
CA TRP C 90 14.16 -4.32 -15.25
C TRP C 90 15.42 -3.44 -15.35
N LEU C 91 15.37 -2.49 -16.28
CA LEU C 91 16.53 -1.62 -16.46
C LEU C 91 16.55 -0.51 -15.44
N GLY C 92 17.77 -0.08 -15.13
CA GLY C 92 17.90 1.01 -14.20
C GLY C 92 19.28 1.55 -14.22
N LEU C 93 19.41 2.73 -13.57
CA LEU C 93 20.68 3.42 -13.39
C LEU C 93 21.04 3.33 -11.90
N TYR C 94 22.06 2.49 -11.58
CA TYR C 94 22.46 2.22 -10.20
C TYR C 94 23.42 3.18 -9.51
N PRO C 95 23.40 3.15 -8.18
CA PRO C 95 24.34 3.88 -7.41
C PRO C 95 25.61 3.09 -7.51
N PRO C 96 26.69 3.67 -7.00
CA PRO C 96 27.96 2.98 -6.96
C PRO C 96 27.88 1.58 -6.38
N LYS C 97 28.23 0.54 -7.14
CA LYS C 97 28.26 -0.76 -6.49
C LYS C 97 29.45 -0.90 -5.55
N ALA C 98 30.61 -0.32 -5.87
CA ALA C 98 31.75 -0.39 -4.93
C ALA C 98 31.72 0.67 -3.81
N GLN C 99 32.50 0.45 -2.80
CA GLN C 99 32.47 1.44 -1.76
C GLN C 99 33.38 2.60 -2.10
N TYR C 100 32.90 3.77 -2.39
CA TYR C 100 33.91 4.77 -2.58
C TYR C 100 33.87 5.76 -1.42
N GLY C 101 32.99 5.46 -0.47
CA GLY C 101 32.83 6.36 0.63
C GLY C 101 32.14 7.58 0.04
N MET C 102 32.66 8.78 0.24
CA MET C 102 32.02 9.98 -0.26
C MET C 102 32.53 10.49 -1.60
N GLY C 103 33.58 9.86 -2.11
CA GLY C 103 34.23 10.28 -3.35
C GLY C 103 33.33 10.21 -4.58
N ILE C 104 33.42 11.27 -5.43
CA ILE C 104 32.69 11.37 -6.69
C ILE C 104 33.19 10.19 -7.48
N PRO C 105 32.26 9.29 -7.70
CA PRO C 105 32.53 7.99 -8.25
C PRO C 105 32.66 7.96 -9.79
N PRO C 106 33.42 6.98 -10.29
CA PRO C 106 33.61 6.83 -11.72
C PRO C 106 32.25 6.84 -12.41
N LEU C 107 32.17 7.43 -13.62
CA LEU C 107 30.92 7.50 -14.39
C LEU C 107 30.24 6.17 -14.54
N HIS C 108 31.03 5.12 -14.78
CA HIS C 108 30.51 3.77 -15.01
C HIS C 108 29.87 3.11 -13.79
N ASP C 109 30.52 3.24 -12.62
CA ASP C 109 30.07 2.72 -11.33
C ASP C 109 29.33 3.77 -10.51
N GLY C 110 28.26 4.40 -11.03
CA GLY C 110 27.59 5.39 -10.16
C GLY C 110 27.68 6.87 -10.48
N GLY C 111 28.67 7.26 -11.28
CA GLY C 111 28.86 8.67 -11.67
C GLY C 111 27.61 9.23 -12.32
N TRP C 112 27.03 8.53 -13.33
CA TRP C 112 25.83 8.98 -14.01
C TRP C 112 24.61 9.03 -13.09
N TRP C 113 24.71 8.31 -12.00
CA TRP C 113 23.67 8.31 -11.03
C TRP C 113 23.62 9.60 -10.25
N LEU C 114 24.75 9.94 -9.72
CA LEU C 114 24.77 11.20 -9.01
C LEU C 114 24.43 12.37 -9.96
N MET C 115 24.53 12.24 -11.28
CA MET C 115 24.21 13.40 -12.11
C MET C 115 22.75 13.59 -12.30
N ALA C 116 22.15 12.43 -12.50
CA ALA C 116 20.74 12.31 -12.65
C ALA C 116 20.08 12.87 -11.41
N GLY C 117 20.68 12.48 -10.31
CA GLY C 117 20.21 12.85 -8.99
C GLY C 117 20.25 14.33 -8.81
N LEU C 118 21.32 14.91 -9.37
CA LEU C 118 21.50 16.34 -9.33
C LEU C 118 20.43 17.05 -10.15
N PHE C 119 20.37 16.72 -11.42
CA PHE C 119 19.37 17.36 -12.22
C PHE C 119 17.96 17.15 -11.68
N MET C 120 17.70 16.02 -11.03
CA MET C 120 16.35 15.79 -10.46
C MET C 120 16.09 16.72 -9.27
N THR C 121 17.12 16.90 -8.43
CA THR C 121 17.00 17.83 -7.34
C THR C 121 16.79 19.24 -7.88
N LEU C 122 17.53 19.62 -8.93
CA LEU C 122 17.37 20.96 -9.50
C LEU C 122 15.99 21.13 -10.05
N SER C 123 15.57 20.07 -10.73
CA SER C 123 14.25 19.99 -11.26
C SER C 123 13.17 20.11 -10.20
N LEU C 124 13.34 19.46 -9.02
CA LEU C 124 12.36 19.50 -7.92
C LEU C 124 12.29 20.87 -7.31
N GLY C 125 13.50 21.40 -7.11
CA GLY C 125 13.60 22.74 -6.59
C GLY C 125 12.91 23.78 -7.45
N SER C 126 13.10 23.70 -8.76
CA SER C 126 12.48 24.75 -9.59
C SER C 126 11.00 24.62 -9.52
N TRP C 127 10.55 23.37 -9.59
CA TRP C 127 9.12 23.17 -9.51
C TRP C 127 8.56 23.65 -8.22
N TRP C 128 9.40 23.58 -7.18
CA TRP C 128 8.91 24.06 -5.88
C TRP C 128 8.59 25.53 -5.98
N ILE C 129 9.53 26.22 -6.55
CA ILE C 129 9.37 27.65 -6.73
C ILE C 129 8.04 28.00 -7.40
N ARG C 130 7.70 27.19 -8.41
CA ARG C 130 6.49 27.43 -9.16
C ARG C 130 5.26 27.36 -8.29
N VAL C 131 5.28 26.38 -7.43
CA VAL C 131 4.16 26.06 -6.57
C VAL C 131 3.92 27.14 -5.56
N TYR C 132 5.06 27.62 -5.05
CA TYR C 132 5.05 28.64 -4.04
C TYR C 132 4.65 29.98 -4.67
N SER C 133 5.39 30.31 -5.73
CA SER C 133 5.16 31.55 -6.44
C SER C 133 3.77 31.68 -7.05
N ARG C 134 3.20 30.66 -7.67
CA ARG C 134 1.85 30.89 -8.25
C ARG C 134 0.82 31.09 -7.18
N ALA C 135 1.17 30.73 -6.00
CA ALA C 135 0.23 30.87 -4.93
C ALA C 135 0.25 32.33 -4.54
N ARG C 136 1.49 32.80 -4.37
CA ARG C 136 1.76 34.17 -3.95
C ARG C 136 1.17 35.19 -4.94
N ALA C 137 1.32 34.91 -6.21
CA ALA C 137 0.76 35.71 -7.27
C ALA C 137 -0.75 35.83 -7.22
N LEU C 138 -1.46 34.76 -6.88
CA LEU C 138 -2.93 34.84 -6.90
C LEU C 138 -3.50 35.27 -5.57
N GLY C 139 -2.60 35.67 -4.67
CA GLY C 139 -3.00 36.12 -3.35
C GLY C 139 -3.53 35.06 -2.41
N LEU C 140 -2.97 33.84 -2.56
CA LEU C 140 -3.26 32.68 -1.79
C LEU C 140 -2.16 32.41 -0.71
N GLY C 141 -2.44 31.56 0.30
CA GLY C 141 -1.41 31.20 1.28
C GLY C 141 -0.43 30.14 0.71
N THR C 142 0.69 29.91 1.40
CA THR C 142 1.74 29.02 0.98
C THR C 142 1.56 27.55 1.41
N HIS C 143 0.47 27.25 2.07
CA HIS C 143 0.18 25.90 2.48
C HIS C 143 0.55 24.74 1.53
N ILE C 144 0.16 24.77 0.26
CA ILE C 144 0.50 23.65 -0.61
C ILE C 144 2.03 23.59 -0.72
N ALA C 145 2.67 24.73 -0.87
CA ALA C 145 4.10 24.71 -1.02
C ALA C 145 4.81 24.12 0.18
N TRP C 146 4.30 24.43 1.37
CA TRP C 146 4.84 23.90 2.57
C TRP C 146 4.65 22.37 2.71
N ASN C 147 3.63 21.77 2.14
CA ASN C 147 3.50 20.31 2.17
C ASN C 147 4.44 19.64 1.18
N PHE C 148 4.56 20.33 0.10
CA PHE C 148 5.42 19.91 -0.95
C PHE C 148 6.87 19.90 -0.50
N ALA C 149 7.30 20.93 0.18
CA ALA C 149 8.69 20.93 0.66
C ALA C 149 8.98 19.67 1.48
N ALA C 150 8.01 19.27 2.31
CA ALA C 150 8.18 18.05 3.11
C ALA C 150 8.47 16.81 2.25
N ALA C 151 7.78 16.72 1.08
CA ALA C 151 7.95 15.63 0.15
C ALA C 151 9.33 15.76 -0.52
N ILE C 152 9.72 16.99 -0.94
CA ILE C 152 11.03 17.19 -1.50
C ILE C 152 12.06 16.65 -0.52
N PHE C 153 11.87 17.08 0.69
CA PHE C 153 12.77 16.71 1.72
C PHE C 153 12.98 15.21 1.93
N PHE C 154 11.93 14.45 1.93
CA PHE C 154 12.04 13.04 2.10
C PHE C 154 12.87 12.51 0.95
N VAL C 155 12.49 12.92 -0.28
CA VAL C 155 13.20 12.46 -1.44
C VAL C 155 14.69 12.76 -1.26
N LEU C 156 14.97 13.97 -0.81
CA LEU C 156 16.38 14.33 -0.60
C LEU C 156 16.98 13.47 0.45
N CYS C 157 16.15 13.15 1.42
CA CYS C 157 16.64 12.36 2.52
C CYS C 157 17.21 11.06 2.08
N ILE C 158 16.43 10.34 1.35
CA ILE C 158 16.76 9.00 0.92
C ILE C 158 17.68 8.95 -0.28
N GLY C 159 17.94 10.12 -0.87
CA GLY C 159 18.80 10.22 -2.05
C GLY C 159 20.20 10.74 -1.78
N CYS C 160 20.32 11.86 -1.09
CA CYS C 160 21.58 12.48 -0.77
C CYS C 160 21.84 12.38 0.70
N ILE C 161 20.94 12.94 1.47
CA ILE C 161 21.20 13.06 2.89
C ILE C 161 21.57 11.84 3.72
N HIS C 162 20.80 10.76 3.59
CA HIS C 162 21.19 9.56 4.33
C HIS C 162 22.52 9.06 3.83
N PRO C 163 22.73 8.97 2.49
CA PRO C 163 24.05 8.53 1.96
C PRO C 163 25.17 9.47 2.45
N THR C 164 24.85 10.74 2.67
CA THR C 164 25.82 11.66 3.15
C THR C 164 26.21 11.52 4.59
N LEU C 165 25.29 11.02 5.38
CA LEU C 165 25.56 10.89 6.78
C LEU C 165 26.45 9.72 7.09
N VAL C 166 26.05 8.59 6.53
CA VAL C 166 26.74 7.35 6.77
C VAL C 166 28.06 7.27 5.94
N GLY C 167 28.16 8.18 4.95
CA GLY C 167 29.33 8.29 4.08
C GLY C 167 29.46 7.29 2.94
N SER C 168 28.38 6.90 2.24
CA SER C 168 28.42 5.97 1.09
C SER C 168 27.28 6.20 0.08
N TRP C 169 27.68 6.72 -1.07
CA TRP C 169 26.73 6.92 -2.11
C TRP C 169 26.15 5.55 -2.47
N SER C 170 26.84 4.49 -2.09
CA SER C 170 26.30 3.20 -2.42
C SER C 170 24.89 2.94 -1.86
N GLU C 171 24.30 3.82 -1.01
CA GLU C 171 23.00 3.59 -0.41
C GLU C 171 21.84 4.35 -1.04
N GLY C 172 22.16 5.18 -2.02
CA GLY C 172 21.06 5.91 -2.57
C GLY C 172 20.17 4.90 -3.27
N VAL C 173 19.06 5.44 -3.81
CA VAL C 173 17.98 4.79 -4.51
C VAL C 173 18.32 4.77 -6.02
N PRO C 174 18.30 3.60 -6.64
CA PRO C 174 18.56 3.53 -8.06
C PRO C 174 17.33 4.10 -8.72
N PHE C 175 17.39 4.30 -10.08
CA PHE C 175 16.30 4.79 -10.95
C PHE C 175 15.82 3.70 -11.87
N GLY C 176 14.53 3.42 -11.90
CA GLY C 176 14.05 2.36 -12.77
C GLY C 176 12.80 1.80 -12.13
N ILE C 177 11.98 1.12 -12.92
CA ILE C 177 10.78 0.57 -12.34
C ILE C 177 11.00 -0.53 -11.33
N TRP C 178 11.64 -1.64 -11.66
CA TRP C 178 11.85 -2.61 -10.56
C TRP C 178 13.00 -2.25 -9.66
N PRO C 179 14.04 -1.62 -10.22
CA PRO C 179 15.17 -1.35 -9.38
C PRO C 179 14.88 -0.49 -8.16
N HIS C 180 14.19 0.65 -8.30
CA HIS C 180 13.91 1.45 -7.11
C HIS C 180 13.19 0.69 -6.04
N ILE C 181 12.61 -0.42 -6.49
CA ILE C 181 11.83 -1.24 -5.63
C ILE C 181 12.68 -2.20 -4.86
N ASP C 182 13.55 -2.87 -5.55
CA ASP C 182 14.42 -3.76 -4.81
C ASP C 182 15.24 -2.99 -3.77
N TRP C 183 15.39 -1.67 -3.98
CA TRP C 183 16.14 -0.92 -2.99
C TRP C 183 15.48 -1.02 -1.60
N LEU C 184 14.19 -0.96 -1.58
CA LEU C 184 13.40 -1.06 -0.38
C LEU C 184 13.75 -2.20 0.46
N THR C 185 13.96 -3.34 -0.23
CA THR C 185 14.22 -4.57 0.45
C THR C 185 15.63 -4.61 0.92
N ALA C 186 16.52 -4.18 0.05
CA ALA C 186 17.91 -4.17 0.42
C ALA C 186 18.09 -3.19 1.59
N PHE C 187 17.41 -2.04 1.56
CA PHE C 187 17.52 -1.10 2.63
C PHE C 187 17.00 -1.63 3.96
N SER C 188 15.84 -2.26 3.88
CA SER C 188 15.26 -2.81 5.08
C SER C 188 16.09 -3.98 5.62
N ILE C 189 16.45 -4.83 4.68
CA ILE C 189 17.23 -5.96 5.10
C ILE C 189 18.41 -5.59 5.98
N ARG C 190 19.23 -4.70 5.47
CA ARG C 190 20.45 -4.16 6.02
C ARG C 190 20.29 -3.44 7.36
N TYR C 191 19.17 -2.77 7.51
CA TYR C 191 18.95 -2.04 8.72
C TYR C 191 18.10 -2.79 9.71
N GLY C 192 17.89 -4.13 9.48
CA GLY C 192 17.14 -4.92 10.48
C GLY C 192 15.64 -4.84 10.54
N ASN C 193 15.04 -4.92 9.35
CA ASN C 193 13.60 -4.97 9.24
C ASN C 193 12.97 -3.67 9.48
N PHE C 194 12.58 -2.98 8.46
CA PHE C 194 11.93 -1.67 8.73
C PHE C 194 10.60 -1.74 9.51
N TYR C 195 10.02 -2.88 9.72
CA TYR C 195 8.76 -2.87 10.41
C TYR C 195 8.97 -2.43 11.88
N TYR C 196 10.21 -2.61 12.33
CA TYR C 196 10.61 -2.27 13.67
C TYR C 196 11.06 -0.86 13.86
N CYS C 197 11.02 -0.06 12.81
CA CYS C 197 11.37 1.35 12.94
C CYS C 197 10.15 2.14 13.36
N PRO C 198 10.17 2.75 14.51
CA PRO C 198 8.99 3.45 14.89
C PRO C 198 8.50 4.49 13.92
N TRP C 199 9.39 5.08 13.14
CA TRP C 199 9.02 6.16 12.21
C TRP C 199 8.38 5.63 10.96
N HIS C 200 8.66 4.38 10.67
CA HIS C 200 8.02 3.73 9.57
C HIS C 200 6.59 3.59 10.10
N GLY C 201 6.49 3.09 11.34
CA GLY C 201 5.19 2.92 12.04
C GLY C 201 4.41 4.27 12.06
N PHE C 202 5.08 5.42 12.40
CA PHE C 202 4.40 6.73 12.35
C PHE C 202 3.92 7.12 10.97
N SER C 203 4.80 6.99 10.01
CA SER C 203 4.46 7.26 8.63
C SER C 203 3.24 6.50 8.16
N ILE C 204 3.23 5.18 8.44
CA ILE C 204 2.14 4.29 8.06
C ILE C 204 0.82 4.72 8.63
N GLY C 205 0.83 5.12 9.90
CA GLY C 205 -0.37 5.56 10.54
C GLY C 205 -0.97 6.75 9.86
N PHE C 206 -0.10 7.66 9.50
CA PHE C 206 -0.49 8.87 8.82
C PHE C 206 -0.96 8.59 7.43
N ALA C 207 -0.34 7.60 6.78
CA ALA C 207 -0.73 7.22 5.47
C ALA C 207 -2.09 6.52 5.46
N TYR C 208 -2.27 5.60 6.40
CA TYR C 208 -3.51 4.98 6.52
C TYR C 208 -4.48 6.07 6.96
N GLY C 209 -4.02 6.95 7.88
CA GLY C 209 -4.97 7.94 8.36
C GLY C 209 -5.42 8.84 7.21
N CYS C 210 -4.47 8.98 6.30
CA CYS C 210 -4.77 9.76 5.13
C CYS C 210 -5.95 9.22 4.32
N GLY C 211 -5.91 7.88 4.22
CA GLY C 211 -6.90 7.05 3.56
C GLY C 211 -8.24 7.16 4.26
N LEU C 212 -8.16 6.98 5.53
CA LEU C 212 -9.33 7.08 6.34
C LEU C 212 -9.99 8.48 6.16
N LEU C 213 -9.23 9.53 6.35
CA LEU C 213 -9.71 10.90 6.28
C LEU C 213 -10.20 11.37 4.95
N PHE C 214 -9.54 11.00 3.82
CA PHE C 214 -10.05 11.49 2.55
C PHE C 214 -11.34 10.79 2.21
N ALA C 215 -11.39 9.53 2.58
CA ALA C 215 -12.57 8.76 2.38
C ALA C 215 -13.75 9.34 3.15
N ALA C 216 -13.52 9.68 4.39
CA ALA C 216 -14.55 10.27 5.24
C ALA C 216 -14.89 11.72 4.90
N HIS C 217 -13.87 12.46 4.52
CA HIS C 217 -14.07 13.85 4.16
C HIS C 217 -14.81 13.90 2.84
N GLY C 218 -14.38 13.07 1.88
CA GLY C 218 -15.01 13.04 0.61
C GLY C 218 -16.46 12.66 0.74
N ALA C 219 -16.66 11.52 1.38
CA ALA C 219 -17.99 11.02 1.56
C ALA C 219 -18.87 12.02 2.30
N THR C 220 -18.30 12.66 3.32
CA THR C 220 -19.04 13.65 4.06
C THR C 220 -19.48 14.77 3.08
N ILE C 221 -18.56 15.21 2.26
CA ILE C 221 -18.99 16.22 1.34
C ILE C 221 -20.06 15.83 0.36
N LEU C 222 -20.01 14.63 -0.18
CA LEU C 222 -21.08 14.26 -1.10
C LEU C 222 -22.37 14.10 -0.38
N ALA C 223 -22.25 13.67 0.85
CA ALA C 223 -23.43 13.39 1.59
C ALA C 223 -24.27 14.66 1.87
N VAL C 224 -23.61 15.86 1.87
CA VAL C 224 -24.21 17.21 2.05
C VAL C 224 -24.18 18.01 0.77
N ALA C 225 -23.84 17.30 -0.29
CA ALA C 225 -23.79 18.00 -1.55
C ALA C 225 -25.03 18.83 -1.78
N ARG C 226 -26.17 18.25 -1.40
CA ARG C 226 -27.47 18.88 -1.52
C ARG C 226 -27.63 20.24 -0.90
N PHE C 227 -26.83 20.59 0.12
CA PHE C 227 -26.92 21.86 0.83
C PHE C 227 -25.80 22.77 0.42
N GLY C 228 -25.12 22.37 -0.63
CA GLY C 228 -24.04 23.12 -1.18
C GLY C 228 -22.77 22.94 -0.39
N GLY C 229 -22.65 21.78 0.26
CA GLY C 229 -21.53 21.40 1.09
C GLY C 229 -20.17 21.60 0.42
N ASP C 230 -20.15 21.55 -0.91
CA ASP C 230 -19.00 21.68 -1.78
C ASP C 230 -18.41 23.09 -1.85
N ARG C 231 -19.21 24.11 -1.63
CA ARG C 231 -18.63 25.41 -1.64
C ARG C 231 -18.01 25.68 -0.27
N GLU C 232 -16.92 24.92 -0.04
CA GLU C 232 -16.25 24.92 1.21
C GLU C 232 -15.93 26.32 1.68
N ILE C 233 -15.33 27.17 0.83
CA ILE C 233 -14.96 28.51 1.26
C ILE C 233 -16.04 29.33 1.96
N GLU C 234 -17.16 29.54 1.26
CA GLU C 234 -18.23 30.26 1.86
C GLU C 234 -18.84 29.51 3.03
N GLN C 235 -18.71 28.15 3.09
CA GLN C 235 -19.20 27.46 4.28
C GLN C 235 -18.32 27.82 5.52
N ILE C 236 -17.09 28.30 5.30
CA ILE C 236 -16.22 28.70 6.41
C ILE C 236 -16.56 30.10 6.93
N THR C 237 -16.58 31.12 6.06
CA THR C 237 -16.94 32.49 6.40
C THR C 237 -18.39 32.60 6.80
N ASP C 238 -19.19 31.63 6.43
CA ASP C 238 -20.60 31.69 6.79
C ASP C 238 -21.26 30.32 6.89
N ARG C 239 -21.10 29.70 8.05
CA ARG C 239 -21.55 28.37 8.32
C ARG C 239 -22.99 28.16 7.87
N GLY C 240 -23.22 26.98 7.33
CA GLY C 240 -24.53 26.64 6.77
C GLY C 240 -25.03 25.26 7.11
N THR C 241 -26.23 24.93 6.64
CA THR C 241 -26.70 23.67 7.12
C THR C 241 -25.83 22.51 6.77
N ALA C 242 -25.34 22.59 5.57
CA ALA C 242 -24.47 21.61 5.08
C ALA C 242 -23.43 21.32 6.14
N VAL C 243 -22.63 22.31 6.55
CA VAL C 243 -21.58 21.98 7.53
C VAL C 243 -22.16 21.68 8.89
N GLU C 244 -23.24 22.35 9.22
CA GLU C 244 -23.85 22.03 10.50
C GLU C 244 -24.16 20.58 10.53
N ARG C 245 -24.82 20.12 9.45
CA ARG C 245 -25.16 18.71 9.41
C ARG C 245 -23.93 17.84 9.41
N ALA C 246 -23.00 18.19 8.55
CA ALA C 246 -21.79 17.38 8.53
C ALA C 246 -21.10 17.33 9.88
N ALA C 247 -21.25 18.37 10.69
CA ALA C 247 -20.63 18.34 11.99
C ALA C 247 -21.27 17.48 13.04
N LEU C 248 -22.58 17.49 13.03
CA LEU C 248 -23.30 16.72 13.98
C LEU C 248 -23.26 15.26 13.57
N PHE C 249 -23.11 14.99 12.25
CA PHE C 249 -23.04 13.59 11.90
C PHE C 249 -21.87 12.94 12.64
N TRP C 250 -20.74 13.64 12.59
CA TRP C 250 -19.47 13.19 13.19
C TRP C 250 -19.55 13.37 14.71
N ARG C 251 -20.28 14.36 15.16
CA ARG C 251 -20.40 14.52 16.57
C ARG C 251 -21.15 13.37 17.18
N TRP C 252 -22.22 13.00 16.52
CA TRP C 252 -23.05 11.91 17.05
C TRP C 252 -22.47 10.50 16.88
N THR C 253 -21.51 10.36 15.99
CA THR C 253 -20.89 9.07 15.81
C THR C 253 -19.73 8.88 16.74
N ILE C 254 -18.75 9.79 16.61
CA ILE C 254 -17.54 9.68 17.37
C ILE C 254 -17.47 10.48 18.63
N GLY C 255 -18.48 11.34 18.90
CA GLY C 255 -18.41 12.05 20.16
C GLY C 255 -17.79 13.45 20.04
N PHE C 256 -17.02 13.67 18.98
CA PHE C 256 -16.43 14.94 18.76
C PHE C 256 -16.52 15.34 17.32
N ASN C 257 -16.16 16.57 17.02
CA ASN C 257 -16.21 16.95 15.65
C ASN C 257 -15.26 18.10 15.28
N ALA C 258 -15.03 18.31 13.99
CA ALA C 258 -14.17 19.35 13.45
C ALA C 258 -15.09 20.41 12.89
N THR C 259 -14.49 21.39 12.22
CA THR C 259 -15.27 22.39 11.49
C THR C 259 -14.98 22.18 10.00
N ILE C 260 -15.67 22.87 9.18
CA ILE C 260 -15.29 22.76 7.79
C ILE C 260 -13.90 23.23 7.52
N GLU C 261 -13.39 24.24 8.23
CA GLU C 261 -12.03 24.65 7.95
C GLU C 261 -11.07 23.63 8.56
N SER C 262 -11.29 23.36 9.85
CA SER C 262 -10.35 22.47 10.59
C SER C 262 -10.15 21.10 9.99
N VAL C 263 -11.16 20.54 9.36
CA VAL C 263 -10.92 19.26 8.78
C VAL C 263 -9.77 19.24 7.76
N HIS C 264 -9.60 20.32 6.98
CA HIS C 264 -8.60 20.55 5.96
C HIS C 264 -7.24 20.66 6.60
N ARG C 265 -7.30 21.24 7.77
CA ARG C 265 -6.10 21.29 8.57
C ARG C 265 -5.74 19.85 9.02
N TRP C 266 -6.69 19.09 9.55
CA TRP C 266 -6.31 17.73 9.95
C TRP C 266 -5.84 16.98 8.69
N GLY C 267 -6.43 17.23 7.55
CA GLY C 267 -5.98 16.55 6.36
C GLY C 267 -4.54 16.93 5.94
N TRP C 268 -4.31 18.20 5.94
CA TRP C 268 -3.03 18.78 5.58
C TRP C 268 -2.00 18.27 6.56
N PHE C 269 -2.36 18.29 7.83
CA PHE C 269 -1.36 17.88 8.81
C PHE C 269 -1.04 16.45 8.66
N PHE C 270 -2.09 15.66 8.50
CA PHE C 270 -1.83 14.22 8.36
C PHE C 270 -0.85 13.95 7.21
N SER C 271 -1.12 14.56 6.06
CA SER C 271 -0.35 14.45 4.83
C SER C 271 1.09 14.77 5.02
N LEU C 272 1.31 16.01 5.45
CA LEU C 272 2.62 16.49 5.80
C LEU C 272 3.34 15.45 6.67
N MET C 273 2.59 14.85 7.56
CA MET C 273 3.18 14.03 8.58
C MET C 273 3.70 12.73 8.16
N VAL C 274 3.08 12.26 7.09
CA VAL C 274 3.53 11.06 6.49
C VAL C 274 4.97 11.26 6.08
N MET C 275 5.25 12.39 5.44
CA MET C 275 6.55 12.69 4.91
C MET C 275 7.51 13.11 6.00
N VAL C 276 7.02 13.90 6.95
CA VAL C 276 7.90 14.31 8.05
C VAL C 276 8.39 13.10 8.82
N SER C 277 7.44 12.22 9.28
CA SER C 277 7.80 11.02 10.04
C SER C 277 8.79 10.17 9.29
N ALA C 278 8.64 10.12 7.96
CA ALA C 278 9.54 9.29 7.16
C ALA C 278 10.93 9.87 7.22
N SER C 279 11.05 11.20 6.96
CA SER C 279 12.38 11.80 7.03
C SER C 279 13.08 11.51 8.36
N VAL C 280 12.37 11.65 9.50
CA VAL C 280 13.00 11.39 10.76
C VAL C 280 13.65 10.00 10.81
N GLY C 281 12.87 9.01 10.48
CA GLY C 281 13.31 7.62 10.52
C GLY C 281 14.48 7.34 9.59
N ILE C 282 14.47 7.94 8.41
CA ILE C 282 15.60 7.75 7.53
C ILE C 282 16.88 8.45 8.06
N LEU C 283 16.72 9.64 8.57
CA LEU C 283 17.84 10.34 9.15
C LEU C 283 18.33 9.57 10.34
N LEU C 284 17.46 8.89 11.03
CA LEU C 284 18.02 8.15 12.18
C LEU C 284 18.67 6.80 11.86
N THR C 285 18.51 6.28 10.63
CA THR C 285 18.96 4.91 10.30
C THR C 285 20.38 4.87 9.88
N GLY C 286 21.19 4.02 10.48
CA GLY C 286 22.58 4.02 10.00
C GLY C 286 23.44 5.02 10.78
N THR C 287 22.94 6.22 10.96
CA THR C 287 23.57 7.25 11.75
C THR C 287 23.53 6.83 13.19
N PHE C 288 22.34 6.42 13.66
CA PHE C 288 22.28 6.01 15.04
C PHE C 288 21.64 4.73 15.33
N VAL C 289 21.09 4.10 14.36
CA VAL C 289 20.48 2.80 14.70
C VAL C 289 20.94 1.79 13.68
N ASP C 290 21.53 0.69 14.13
CA ASP C 290 22.04 -0.18 13.05
C ASP C 290 21.03 -1.24 12.68
N ASN C 291 20.36 -1.77 13.70
CA ASN C 291 19.36 -2.78 13.54
C ASN C 291 18.09 -2.48 14.34
N TRP C 292 17.06 -2.11 13.61
CA TRP C 292 15.78 -1.73 14.15
C TRP C 292 15.14 -2.77 15.02
N TYR C 293 15.15 -4.03 14.58
CA TYR C 293 14.57 -5.06 15.42
C TYR C 293 15.31 -5.17 16.76
N LEU C 294 16.59 -5.15 16.70
CA LEU C 294 17.42 -5.31 17.87
C LEU C 294 17.36 -4.14 18.80
N TRP C 295 17.07 -3.01 18.23
CA TRP C 295 16.94 -1.77 18.93
C TRP C 295 15.65 -1.87 19.62
N CYS C 296 14.73 -2.55 18.97
CA CYS C 296 13.42 -2.74 19.62
C CYS C 296 13.46 -3.70 20.78
N VAL C 297 14.20 -4.78 20.60
CA VAL C 297 14.45 -5.78 21.59
C VAL C 297 15.28 -5.13 22.69
N LYS C 298 16.24 -4.26 22.26
CA LYS C 298 17.09 -3.59 23.25
C LYS C 298 16.18 -2.89 24.22
N HIS C 299 15.10 -2.33 23.67
CA HIS C 299 14.24 -1.56 24.51
C HIS C 299 12.99 -2.28 24.99
N GLY C 300 12.93 -3.62 24.84
CA GLY C 300 11.80 -4.46 25.31
C GLY C 300 10.48 -4.59 24.54
N ALA C 301 10.30 -4.03 23.32
CA ALA C 301 9.01 -4.13 22.65
C ALA C 301 8.79 -5.31 21.67
N ALA C 302 9.82 -5.89 21.16
CA ALA C 302 9.55 -7.00 20.26
C ALA C 302 8.83 -8.19 20.86
N PRO C 303 7.88 -8.68 20.09
CA PRO C 303 7.16 -9.88 20.45
C PRO C 303 8.07 -11.06 20.24
N ASP C 304 7.76 -12.15 20.93
CA ASP C 304 8.51 -13.38 20.74
C ASP C 304 7.51 -14.53 20.74
N TYR C 305 7.89 -15.60 20.05
CA TYR C 305 7.05 -16.78 19.86
C TYR C 305 7.80 -18.06 20.16
N PRO C 306 7.04 -19.11 20.42
CA PRO C 306 7.50 -20.45 20.66
C PRO C 306 8.13 -21.04 19.47
N ALA C 307 8.86 -22.14 19.63
CA ALA C 307 9.31 -22.73 18.40
C ALA C 307 8.21 -23.62 17.87
N TYR C 308 8.17 -23.73 16.57
CA TYR C 308 7.23 -24.67 15.97
C TYR C 308 8.07 -25.84 15.57
N LEU C 309 8.85 -25.68 14.49
CA LEU C 309 9.85 -26.70 14.18
C LEU C 309 10.96 -26.42 15.22
N PRO C 310 11.82 -27.38 15.45
CA PRO C 310 12.82 -27.21 16.49
C PRO C 310 13.80 -26.05 16.33
N ALA C 311 14.12 -25.42 17.49
CA ALA C 311 15.11 -24.35 17.56
C ALA C 311 16.34 -24.74 16.83
N THR C 312 16.91 -23.82 16.10
CA THR C 312 18.08 -24.19 15.33
C THR C 312 19.29 -23.27 15.55
N PRO C 313 20.29 -23.81 16.20
CA PRO C 313 21.48 -23.08 16.50
C PRO C 313 22.28 -22.76 15.28
N ASP C 314 22.96 -21.63 15.33
CA ASP C 314 23.78 -21.13 14.25
C ASP C 314 24.98 -22.05 14.03
N PRO C 315 24.95 -22.82 12.95
CA PRO C 315 25.99 -23.76 12.65
C PRO C 315 27.39 -23.16 12.70
N ALA C 316 27.51 -21.91 12.28
CA ALA C 316 28.82 -21.24 12.27
C ALA C 316 29.48 -21.15 13.65
N SER C 317 28.63 -20.89 14.65
CA SER C 317 28.93 -20.74 16.07
C SER C 317 29.11 -22.06 16.76
N LEU C 318 29.45 -23.08 15.99
CA LEU C 318 29.65 -24.44 16.55
C LEU C 318 31.15 -24.68 16.48
N PRO C 319 31.58 -25.76 17.11
CA PRO C 319 32.98 -26.18 17.21
C PRO C 319 33.54 -26.77 15.91
N GLY C 320 34.57 -26.11 15.39
CA GLY C 320 35.22 -26.59 14.18
C GLY C 320 34.26 -26.78 13.00
N ALA C 321 33.44 -25.77 12.83
CA ALA C 321 32.53 -25.73 11.71
C ALA C 321 33.28 -24.76 10.83
N PRO C 322 33.30 -25.02 9.56
CA PRO C 322 34.05 -24.20 8.63
C PRO C 322 33.61 -22.76 8.65
N LYS C 323 34.31 -21.95 7.94
CA LYS C 323 33.89 -20.57 7.92
C LYS C 323 32.89 -20.38 6.80
N FME D 1 32.26 1.09 21.30
CN FME D 1 32.20 0.45 22.46
O1 FME D 1 32.23 -0.78 22.36
CA FME D 1 31.62 2.37 21.27
CB FME D 1 32.56 3.53 21.50
CG FME D 1 33.49 3.28 22.69
SD FME D 1 34.86 4.44 22.64
CE FME D 1 34.13 5.64 21.49
C FME D 1 30.56 2.52 20.18
O FME D 1 30.81 2.38 18.99
N TYR D 2 29.31 2.82 20.60
CA TYR D 2 28.36 2.99 19.55
C TYR D 2 28.03 4.42 19.32
N HIS D 3 27.53 4.67 18.10
CA HIS D 3 27.04 5.93 17.65
C HIS D 3 25.64 5.98 18.15
N GLY D 4 25.26 7.06 18.80
CA GLY D 4 23.89 7.17 19.27
C GLY D 4 23.78 6.82 20.72
N ALA D 5 24.77 6.08 21.20
CA ALA D 5 24.80 5.77 22.63
C ALA D 5 24.91 7.10 23.39
N LEU D 6 24.12 7.28 24.45
CA LEU D 6 24.16 8.55 25.18
C LEU D 6 24.68 8.36 26.59
N ALA D 7 23.88 7.66 27.36
CA ALA D 7 24.27 7.33 28.70
C ALA D 7 24.49 5.86 28.50
N GLN D 8 24.60 5.17 29.63
CA GLN D 8 24.83 3.74 29.68
C GLN D 8 23.65 2.91 29.16
N HIS D 9 22.46 3.49 29.23
CA HIS D 9 21.29 2.81 28.71
C HIS D 9 20.31 3.80 28.07
N LEU D 10 20.83 4.65 27.21
CA LEU D 10 19.99 5.64 26.61
C LEU D 10 20.47 5.98 25.23
N ASP D 11 19.58 6.07 24.24
CA ASP D 11 20.04 6.44 22.91
C ASP D 11 19.24 7.52 22.31
N ILE D 12 19.79 8.18 21.26
CA ILE D 12 19.07 9.32 20.70
C ILE D 12 17.82 8.94 20.01
N ALA D 13 17.72 7.68 19.70
CA ALA D 13 16.50 7.26 19.05
C ALA D 13 15.38 7.20 20.06
N GLN D 14 15.71 6.92 21.29
CA GLN D 14 14.70 6.87 22.34
C GLN D 14 14.11 8.23 22.62
N LEU D 15 15.00 9.18 22.79
CA LEU D 15 14.63 10.56 23.09
C LEU D 15 13.81 11.07 21.94
N VAL D 16 14.20 10.68 20.74
CA VAL D 16 13.39 11.18 19.63
C VAL D 16 12.04 10.53 19.57
N TRP D 17 11.95 9.42 20.28
CA TRP D 17 10.72 8.73 20.22
C TRP D 17 9.64 9.48 20.98
N TYR D 18 10.02 9.96 22.15
CA TYR D 18 9.22 10.82 22.99
C TYR D 18 9.08 12.19 22.41
N ALA D 19 10.08 12.71 21.72
CA ALA D 19 9.80 14.07 21.26
C ALA D 19 8.74 14.01 20.19
N GLN D 20 8.82 12.98 19.40
CA GLN D 20 7.84 12.84 18.36
C GLN D 20 6.43 12.78 18.99
N TRP D 21 6.29 11.93 19.98
CA TRP D 21 4.97 11.79 20.59
C TRP D 21 4.50 13.10 21.12
N LEU D 22 5.35 13.72 21.87
CA LEU D 22 5.00 15.00 22.43
C LEU D 22 4.64 16.01 21.36
N VAL D 23 5.36 16.02 20.25
CA VAL D 23 5.04 16.97 19.18
C VAL D 23 3.64 16.70 18.60
N ILE D 24 3.35 15.41 18.40
CA ILE D 24 2.08 14.98 17.93
C ILE D 24 0.91 15.41 18.84
N TRP D 25 1.00 15.05 20.14
CA TRP D 25 -0.03 15.47 21.09
C TRP D 25 -0.19 16.98 21.24
N THR D 26 0.88 17.70 21.09
CA THR D 26 0.79 19.11 21.20
C THR D 26 -0.07 19.73 20.10
N VAL D 27 0.19 19.29 18.90
CA VAL D 27 -0.51 19.80 17.78
C VAL D 27 -1.94 19.33 17.85
N VAL D 28 -2.13 18.02 18.06
CA VAL D 28 -3.48 17.50 18.05
C VAL D 28 -4.45 18.12 19.09
N LEU D 29 -4.00 18.14 20.33
CA LEU D 29 -4.70 18.67 21.49
C LEU D 29 -4.77 20.20 21.61
N LEU D 30 -3.64 20.86 21.74
CA LEU D 30 -3.60 22.31 21.88
C LEU D 30 -3.84 23.09 20.58
N TYR D 31 -3.54 22.50 19.41
CA TYR D 31 -3.82 23.23 18.18
C TYR D 31 -5.15 22.76 17.54
N LEU D 32 -5.13 21.59 16.88
CA LEU D 32 -6.33 21.08 16.19
C LEU D 32 -7.59 20.98 16.98
N ARG D 33 -7.46 20.50 18.19
CA ARG D 33 -8.64 20.42 19.00
C ARG D 33 -9.29 21.78 19.24
N ARG D 34 -8.52 22.81 19.46
CA ARG D 34 -9.11 24.11 19.67
C ARG D 34 -9.69 24.68 18.39
N GLU D 35 -8.96 24.50 17.31
CA GLU D 35 -9.49 24.92 16.00
C GLU D 35 -10.87 24.29 15.69
N ASP D 36 -11.11 23.05 16.08
CA ASP D 36 -12.38 22.45 15.72
C ASP D 36 -13.54 23.12 16.41
N ARG D 37 -13.22 23.93 17.42
CA ARG D 37 -14.23 24.58 18.22
C ARG D 37 -14.44 26.02 17.83
N ARG D 38 -14.17 26.36 16.60
CA ARG D 38 -14.46 27.68 16.14
C ARG D 38 -15.94 27.89 15.80
N GLU D 39 -16.74 26.83 15.58
CA GLU D 39 -18.16 27.08 15.33
C GLU D 39 -19.02 26.30 16.32
N GLY D 40 -20.04 26.89 16.85
CA GLY D 40 -20.91 26.10 17.70
C GLY D 40 -20.61 26.13 19.16
N TYR D 41 -19.46 26.71 19.49
CA TYR D 41 -19.01 26.86 20.86
C TYR D 41 -19.16 28.33 21.25
N PRO D 42 -19.42 28.55 22.51
CA PRO D 42 -19.50 27.52 23.53
C PRO D 42 -20.84 26.80 23.59
N LEU D 43 -20.78 25.58 24.13
CA LEU D 43 -21.92 24.69 24.26
C LEU D 43 -23.12 25.31 24.97
N VAL D 44 -24.28 24.65 24.89
CA VAL D 44 -25.49 25.15 25.56
C VAL D 44 -26.16 24.20 26.56
N GLU D 45 -26.80 24.89 27.56
CA GLU D 45 -27.58 24.51 28.76
C GLU D 45 -27.77 25.75 29.71
N PRO D 46 -28.69 25.69 30.73
CA PRO D 46 -29.06 26.81 31.64
C PRO D 46 -28.04 27.73 32.32
N LEU D 47 -28.62 28.90 32.63
CA LEU D 47 -28.00 30.00 33.34
C LEU D 47 -28.67 30.09 34.68
N GLY D 48 -27.96 30.68 35.61
CA GLY D 48 -28.54 30.92 36.91
C GLY D 48 -29.18 32.26 36.69
N LEU D 49 -29.51 32.94 37.76
CA LEU D 49 -30.08 34.25 37.59
C LEU D 49 -28.94 35.22 37.31
N VAL D 50 -28.14 35.42 38.35
CA VAL D 50 -26.98 36.30 38.35
C VAL D 50 -25.79 35.61 37.69
N LYS D 51 -25.97 34.32 37.41
CA LYS D 51 -24.98 33.47 36.78
C LYS D 51 -24.71 33.88 35.34
N LEU D 52 -23.90 34.93 35.20
CA LEU D 52 -23.47 35.47 33.92
C LEU D 52 -22.09 34.93 33.66
N ALA D 53 -21.39 34.90 34.79
CA ALA D 53 -20.02 34.45 35.00
C ALA D 53 -19.46 33.52 33.95
N PRO D 54 -18.16 33.72 33.73
CA PRO D 54 -17.40 32.89 32.80
C PRO D 54 -17.27 31.49 33.43
N GLU D 55 -17.23 30.40 32.62
CA GLU D 55 -17.02 29.03 33.11
C GLU D 55 -15.60 28.61 32.70
N ASP D 56 -14.71 28.52 33.67
CA ASP D 56 -13.31 28.24 33.46
C ASP D 56 -12.96 27.40 32.24
N GLY D 57 -13.36 26.11 32.27
CA GLY D 57 -13.11 25.17 31.18
C GLY D 57 -13.57 25.63 29.78
N GLN D 58 -14.48 26.60 29.70
CA GLN D 58 -15.04 27.11 28.47
C GLN D 58 -14.17 28.05 27.69
N VAL D 59 -13.24 28.71 28.38
CA VAL D 59 -12.27 29.66 27.85
C VAL D 59 -11.06 28.87 27.34
N TYR D 60 -10.61 27.93 28.19
CA TYR D 60 -9.47 27.15 27.79
C TYR D 60 -9.69 26.36 26.50
N GLU D 61 -10.90 25.93 26.30
CA GLU D 61 -11.08 25.11 25.14
C GLU D 61 -11.12 25.84 23.82
N LEU D 62 -11.33 27.15 23.85
CA LEU D 62 -11.46 27.81 22.57
C LEU D 62 -10.19 28.45 22.08
N PRO D 63 -10.02 28.60 20.79
CA PRO D 63 -8.81 29.27 20.36
C PRO D 63 -8.99 30.81 20.41
N TYR D 64 -8.00 31.56 20.02
CA TYR D 64 -8.19 33.00 19.90
C TYR D 64 -8.99 33.29 18.66
N PRO D 65 -9.77 34.34 18.76
CA PRO D 65 -10.52 34.86 17.65
C PRO D 65 -9.59 35.12 16.47
N LYS D 66 -10.14 34.77 15.33
CA LYS D 66 -9.65 34.83 13.94
C LYS D 66 -10.57 35.79 13.18
N THR D 67 -10.00 36.70 12.41
CA THR D 67 -10.86 37.58 11.60
C THR D 67 -10.73 37.30 10.12
N PHE D 68 -11.86 37.11 9.48
CA PHE D 68 -11.71 36.84 8.06
C PHE D 68 -12.01 38.11 7.28
N VAL D 69 -11.08 38.62 6.47
CA VAL D 69 -11.58 39.78 5.76
C VAL D 69 -12.19 39.33 4.44
N LEU D 70 -13.48 39.61 4.28
CA LEU D 70 -14.21 39.10 3.16
C LEU D 70 -13.90 39.76 1.81
N PRO D 71 -14.03 38.98 0.72
CA PRO D 71 -13.70 39.43 -0.61
C PRO D 71 -14.45 40.67 -1.05
N HIS D 72 -15.75 40.73 -0.81
CA HIS D 72 -16.47 41.91 -1.26
C HIS D 72 -16.88 42.86 -0.15
N GLY D 73 -16.03 42.89 0.90
CA GLY D 73 -16.16 43.76 2.04
C GLY D 73 -16.93 43.23 3.22
N GLY D 74 -16.37 43.64 4.35
CA GLY D 74 -16.90 43.27 5.60
C GLY D 74 -15.84 42.38 6.20
N THR D 75 -16.13 41.82 7.40
CA THR D 75 -15.29 40.87 8.12
C THR D 75 -16.18 39.92 8.91
N VAL D 76 -15.54 38.86 9.36
CA VAL D 76 -16.17 37.86 10.18
C VAL D 76 -15.19 37.37 11.23
N THR D 77 -15.69 37.31 12.44
CA THR D 77 -14.81 36.91 13.48
C THR D 77 -15.33 35.60 14.00
N VAL D 78 -14.43 34.65 14.23
CA VAL D 78 -14.77 33.34 14.79
C VAL D 78 -13.70 32.97 15.77
N PRO D 79 -14.10 32.29 16.83
CA PRO D 79 -15.50 31.93 17.06
C PRO D 79 -16.24 33.10 17.67
N ARG D 80 -17.54 33.05 17.65
CA ARG D 80 -18.20 34.17 18.26
C ARG D 80 -19.56 33.74 18.72
N ARG D 81 -20.14 34.51 19.66
CA ARG D 81 -21.46 34.25 20.24
C ARG D 81 -22.50 34.37 19.14
N ARG D 82 -23.12 33.25 18.84
CA ARG D 82 -24.13 33.14 17.80
C ARG D 82 -25.29 32.27 18.33
N PRO D 83 -26.17 32.80 19.21
CA PRO D 83 -27.32 32.04 19.70
C PRO D 83 -28.44 31.94 18.64
N GLU D 84 -29.17 30.83 18.75
CA GLU D 84 -30.29 30.58 17.86
C GLU D 84 -31.54 31.15 18.52
N THR D 85 -31.90 32.34 18.03
CA THR D 85 -33.00 33.17 18.47
C THR D 85 -34.38 32.56 18.13
N ARG D 86 -34.55 32.19 16.85
CA ARG D 86 -35.75 31.57 16.29
C ARG D 86 -36.44 30.53 17.16
N GLU D 87 -37.74 30.71 17.39
CA GLU D 87 -38.59 29.80 18.17
C GLU D 87 -38.73 28.54 17.34
N LEU D 88 -38.59 27.37 17.98
CA LEU D 88 -38.69 26.09 17.27
C LEU D 88 -39.95 25.31 17.57
N LYS D 89 -40.69 24.98 16.50
CA LYS D 89 -41.92 24.21 16.62
C LYS D 89 -41.63 22.74 16.93
N LEU D 90 -41.13 22.48 18.18
CA LEU D 90 -40.74 21.17 18.68
C LEU D 90 -41.01 20.99 20.18
N ALA D 91 -41.30 19.76 20.62
CA ALA D 91 -41.55 19.47 21.99
C ALA D 91 -40.77 18.26 22.41
N GLN D 92 -40.27 18.29 23.66
CA GLN D 92 -39.52 17.19 24.17
C GLN D 92 -40.48 16.09 24.51
N THR D 93 -40.14 14.92 24.00
CA THR D 93 -40.88 13.66 24.11
C THR D 93 -40.68 12.90 25.40
N ASP D 94 -39.79 13.34 26.30
CA ASP D 94 -39.54 12.61 27.54
C ASP D 94 -38.69 13.42 28.51
N GLY D 95 -38.35 12.79 29.65
CA GLY D 95 -37.54 13.40 30.71
C GLY D 95 -36.04 13.49 30.39
N PHE D 96 -35.44 12.38 29.82
CA PHE D 96 -34.01 12.30 29.49
C PHE D 96 -33.44 13.63 28.88
N GLU D 97 -32.28 14.04 29.38
CA GLU D 97 -31.68 15.21 28.75
C GLU D 97 -31.34 14.85 27.30
N GLY D 98 -31.19 13.58 26.98
CA GLY D 98 -30.82 13.28 25.61
C GLY D 98 -31.88 12.62 24.77
N ALA D 99 -33.15 12.85 25.10
CA ALA D 99 -34.23 12.22 24.37
C ALA D 99 -34.48 13.05 23.16
N PRO D 100 -35.07 12.50 22.10
CA PRO D 100 -35.29 13.34 20.93
C PRO D 100 -36.46 14.32 21.11
N LEU D 101 -36.67 15.16 20.10
CA LEU D 101 -37.69 16.20 20.05
C LEU D 101 -38.66 15.88 18.96
N GLN D 102 -39.85 16.46 19.10
CA GLN D 102 -40.81 16.16 18.10
C GLN D 102 -41.45 17.38 17.51
N PRO D 103 -41.61 17.39 16.21
CA PRO D 103 -42.27 18.50 15.59
C PRO D 103 -43.70 18.62 16.10
N THR D 104 -44.08 19.87 16.31
CA THR D 104 -45.44 20.11 16.77
C THR D 104 -46.35 20.61 15.67
N GLY D 105 -45.77 20.97 14.52
CA GLY D 105 -46.55 21.47 13.40
C GLY D 105 -46.25 20.65 12.18
N ASN D 106 -46.13 21.38 11.06
CA ASN D 106 -45.72 20.81 9.82
C ASN D 106 -44.26 21.17 9.76
N PRO D 107 -43.40 20.22 10.18
CA PRO D 107 -41.93 20.38 10.20
C PRO D 107 -41.30 20.99 8.93
N LEU D 108 -41.94 20.81 7.78
CA LEU D 108 -41.39 21.36 6.53
C LEU D 108 -41.49 22.85 6.52
N VAL D 109 -42.65 23.29 6.93
CA VAL D 109 -42.89 24.69 6.99
C VAL D 109 -42.16 25.33 8.16
N ASP D 110 -42.26 24.66 9.32
CA ASP D 110 -41.62 25.18 10.53
C ASP D 110 -40.08 25.12 10.52
N ALA D 111 -39.53 24.39 9.54
CA ALA D 111 -38.10 24.21 9.39
C ALA D 111 -37.35 23.66 10.63
N VAL D 112 -37.76 22.42 11.05
CA VAL D 112 -37.14 21.74 12.16
C VAL D 112 -36.59 20.37 11.74
N GLY D 113 -35.62 19.77 12.48
CA GLY D 113 -35.05 18.47 12.10
C GLY D 113 -34.45 18.57 10.70
N PRO D 114 -34.48 17.53 9.89
CA PRO D 114 -33.87 17.59 8.58
C PRO D 114 -34.21 18.76 7.71
N ALA D 115 -35.29 19.47 8.06
CA ALA D 115 -35.83 20.62 7.29
C ALA D 115 -35.35 22.01 7.76
N SER D 116 -34.32 22.01 8.64
CA SER D 116 -33.68 23.17 9.26
C SER D 116 -32.69 23.94 8.45
N TYR D 117 -32.64 25.22 8.68
CA TYR D 117 -31.63 25.98 8.02
C TYR D 117 -30.76 26.67 9.04
N ALA D 118 -29.67 27.10 8.55
CA ALA D 118 -28.71 27.79 9.28
C ALA D 118 -29.09 29.22 9.10
N GLU D 119 -28.62 30.07 9.99
CA GLU D 119 -28.90 31.46 9.79
C GLU D 119 -27.77 31.96 8.97
N ARG D 120 -27.89 31.71 7.69
CA ARG D 120 -26.86 32.18 6.77
C ARG D 120 -27.15 33.66 6.52
N ALA D 121 -26.18 34.36 6.00
CA ALA D 121 -26.32 35.78 5.77
C ALA D 121 -27.41 36.16 4.75
N GLU D 122 -28.12 37.25 4.93
CA GLU D 122 -29.10 37.53 3.87
C GLU D 122 -28.45 38.22 2.69
N VAL D 123 -27.43 37.57 2.11
CA VAL D 123 -26.76 38.15 0.95
C VAL D 123 -26.62 37.21 -0.22
N VAL D 124 -26.56 37.83 -1.39
CA VAL D 124 -26.37 37.09 -2.61
C VAL D 124 -24.90 36.71 -2.62
N ASP D 125 -24.61 35.46 -2.96
CA ASP D 125 -23.22 35.04 -3.01
C ASP D 125 -22.67 35.63 -4.28
N ALA D 126 -21.47 36.18 -4.23
CA ALA D 126 -21.01 36.82 -5.45
C ALA D 126 -19.95 36.05 -6.17
N THR D 127 -19.75 36.40 -7.44
CA THR D 127 -18.65 35.94 -8.27
C THR D 127 -17.46 36.78 -7.86
N VAL D 128 -16.25 36.48 -8.37
CA VAL D 128 -15.05 37.22 -8.00
C VAL D 128 -15.12 38.66 -8.47
N ASP D 129 -15.93 38.82 -9.52
CA ASP D 129 -16.27 40.02 -10.27
C ASP D 129 -17.13 41.02 -9.56
N GLY D 130 -17.91 40.50 -8.62
CA GLY D 130 -18.84 41.26 -7.85
C GLY D 130 -20.26 41.07 -8.31
N LYS D 131 -20.44 40.27 -9.40
CA LYS D 131 -21.78 39.94 -9.97
C LYS D 131 -22.46 38.80 -9.15
N ALA D 132 -23.77 38.51 -9.28
CA ALA D 132 -24.38 37.41 -8.55
C ALA D 132 -23.90 36.06 -9.08
N LYS D 133 -23.54 35.10 -8.21
CA LYS D 133 -23.02 33.78 -8.64
C LYS D 133 -24.09 32.88 -9.20
N ILE D 134 -25.19 32.81 -8.50
CA ILE D 134 -26.21 31.85 -8.91
C ILE D 134 -27.46 32.51 -9.35
N VAL D 135 -27.63 32.40 -10.66
CA VAL D 135 -28.70 33.03 -11.36
C VAL D 135 -29.31 32.13 -12.40
N PRO D 136 -30.52 32.44 -12.82
CA PRO D 136 -31.21 31.66 -13.82
C PRO D 136 -30.58 31.88 -15.17
N LEU D 137 -30.81 30.95 -16.08
CA LEU D 137 -30.28 30.99 -17.41
C LEU D 137 -30.81 32.20 -18.09
N ARG D 138 -32.07 32.46 -17.76
CA ARG D 138 -32.80 33.61 -18.26
C ARG D 138 -31.92 34.83 -18.30
N VAL D 139 -31.07 34.92 -17.30
CA VAL D 139 -30.21 36.06 -17.11
C VAL D 139 -28.78 35.82 -17.55
N ALA D 140 -28.30 34.65 -17.22
CA ALA D 140 -26.95 34.31 -17.57
C ALA D 140 -26.94 33.80 -18.99
N THR D 141 -27.19 34.73 -19.85
CA THR D 141 -27.26 34.58 -21.25
C THR D 141 -25.96 34.03 -21.86
N ASP D 142 -24.85 34.16 -21.18
CA ASP D 142 -23.60 33.72 -21.77
C ASP D 142 -23.42 32.18 -21.70
N PHE D 143 -24.20 31.58 -20.78
CA PHE D 143 -24.25 30.17 -20.46
C PHE D 143 -25.29 29.33 -21.25
N SER D 144 -24.98 28.05 -21.41
CA SER D 144 -25.81 27.11 -22.14
C SER D 144 -25.69 25.72 -21.59
N ILE D 145 -26.62 24.85 -22.04
CA ILE D 145 -26.57 23.44 -21.67
C ILE D 145 -25.68 22.74 -22.67
N ALA D 146 -24.70 21.99 -22.23
CA ALA D 146 -23.78 21.27 -23.12
C ALA D 146 -24.41 20.35 -24.20
N GLU D 147 -23.72 20.19 -25.32
CA GLU D 147 -24.23 19.32 -26.38
C GLU D 147 -24.41 17.90 -25.84
N GLY D 148 -25.64 17.41 -25.93
CA GLY D 148 -25.92 16.05 -25.54
C GLY D 148 -26.61 15.81 -24.22
N ASP D 149 -26.73 16.82 -23.37
CA ASP D 149 -27.37 16.57 -22.12
C ASP D 149 -28.83 16.93 -22.25
N VAL D 150 -29.65 16.59 -21.25
CA VAL D 150 -31.06 16.92 -21.34
C VAL D 150 -31.31 18.41 -21.12
N ASP D 151 -32.21 18.98 -21.91
CA ASP D 151 -32.62 20.38 -21.77
C ASP D 151 -33.96 20.22 -21.11
N PRO D 152 -33.92 20.30 -19.80
CA PRO D 152 -35.07 20.05 -18.98
C PRO D 152 -36.15 21.14 -19.03
N ARG D 153 -35.87 22.20 -19.78
CA ARG D 153 -36.81 23.30 -19.91
C ARG D 153 -38.06 22.87 -20.65
N GLY D 154 -39.21 22.91 -19.98
CA GLY D 154 -40.45 22.47 -20.59
C GLY D 154 -40.92 21.08 -20.09
N LEU D 155 -40.06 20.30 -19.39
CA LEU D 155 -40.52 19.01 -18.92
C LEU D 155 -41.29 19.11 -17.63
N PRO D 156 -42.08 18.09 -17.41
CA PRO D 156 -42.86 18.05 -16.19
C PRO D 156 -42.08 17.48 -15.00
N VAL D 157 -42.39 18.05 -13.84
CA VAL D 157 -41.84 17.56 -12.60
C VAL D 157 -42.82 16.63 -11.95
N VAL D 158 -42.38 15.43 -11.71
CA VAL D 158 -43.19 14.39 -11.12
C VAL D 158 -42.72 14.12 -9.69
N ALA D 159 -43.67 14.27 -8.72
CA ALA D 159 -43.43 14.19 -7.30
C ALA D 159 -43.40 12.78 -6.76
N ALA D 160 -43.19 12.58 -5.47
CA ALA D 160 -43.15 11.18 -5.16
C ALA D 160 -44.53 10.55 -5.22
N ASP D 161 -45.61 11.35 -5.28
CA ASP D 161 -46.91 10.74 -5.36
C ASP D 161 -47.15 10.21 -6.75
N GLY D 162 -46.17 10.41 -7.54
CA GLY D 162 -46.26 9.95 -8.90
C GLY D 162 -47.02 10.95 -9.75
N VAL D 163 -47.46 12.08 -9.16
CA VAL D 163 -48.30 13.12 -9.78
C VAL D 163 -47.60 14.31 -10.49
N GLU D 164 -48.02 14.80 -11.67
CA GLU D 164 -47.31 15.96 -12.23
C GLU D 164 -47.40 17.13 -11.22
N ALA D 165 -46.27 17.75 -10.86
CA ALA D 165 -46.32 18.85 -9.92
C ALA D 165 -46.06 20.19 -10.55
N GLY D 166 -45.62 20.20 -11.81
CA GLY D 166 -45.37 21.49 -12.43
C GLY D 166 -44.44 21.29 -13.57
N THR D 167 -44.11 22.35 -14.25
CA THR D 167 -43.23 22.17 -15.39
C THR D 167 -42.00 23.07 -15.25
N VAL D 168 -40.81 22.49 -15.49
CA VAL D 168 -39.50 23.16 -15.40
C VAL D 168 -39.45 24.32 -16.32
N THR D 169 -39.03 25.44 -15.78
CA THR D 169 -39.02 26.68 -16.50
C THR D 169 -37.66 27.21 -16.80
N ASP D 170 -36.74 26.92 -15.95
CA ASP D 170 -35.40 27.41 -16.18
C ASP D 170 -34.36 26.67 -15.31
N LEU D 171 -33.13 27.06 -15.45
CA LEU D 171 -32.10 26.39 -14.65
C LEU D 171 -31.27 27.45 -13.94
N TRP D 172 -30.77 27.15 -12.76
CA TRP D 172 -29.91 28.16 -12.19
C TRP D 172 -28.45 27.74 -12.24
N VAL D 173 -27.62 28.49 -12.93
CA VAL D 173 -26.19 28.19 -13.02
C VAL D 173 -25.36 28.93 -11.98
N ASP D 174 -24.21 28.38 -11.63
CA ASP D 174 -23.23 28.95 -10.72
C ASP D 174 -22.25 29.49 -11.74
N ARG D 175 -22.19 30.82 -11.88
CA ARG D 175 -21.36 31.55 -12.86
C ARG D 175 -19.91 31.50 -12.53
N SER D 176 -19.70 31.06 -11.31
CA SER D 176 -18.42 31.07 -10.72
C SER D 176 -17.71 29.73 -10.87
N GLU D 177 -18.48 28.68 -10.98
CA GLU D 177 -17.92 27.34 -11.12
C GLU D 177 -18.54 26.54 -12.27
N HIS D 178 -19.31 27.22 -13.10
CA HIS D 178 -19.93 26.59 -14.25
C HIS D 178 -20.59 25.27 -13.90
N TYR D 179 -21.57 25.32 -13.04
CA TYR D 179 -22.20 24.08 -12.61
C TYR D 179 -23.65 24.43 -12.34
N PHE D 180 -24.57 23.61 -12.83
CA PHE D 180 -25.96 23.90 -12.56
C PHE D 180 -26.27 23.55 -11.13
N ARG D 181 -26.97 24.39 -10.36
CA ARG D 181 -27.27 24.07 -8.99
C ARG D 181 -28.77 23.89 -8.67
N TYR D 182 -29.65 24.51 -9.44
CA TYR D 182 -31.10 24.34 -9.31
C TYR D 182 -31.84 24.38 -10.61
N LEU D 183 -33.02 23.76 -10.59
CA LEU D 183 -34.03 23.83 -11.64
C LEU D 183 -35.15 24.73 -11.11
N GLU D 184 -35.72 25.51 -12.01
CA GLU D 184 -36.80 26.38 -11.61
C GLU D 184 -38.02 25.81 -12.30
N LEU D 185 -39.08 25.67 -11.55
CA LEU D 185 -40.28 25.16 -12.18
C LEU D 185 -41.43 26.00 -11.76
N SER D 186 -42.41 25.90 -12.57
CA SER D 186 -43.63 26.58 -12.36
C SER D 186 -44.60 25.56 -11.77
N VAL D 187 -45.16 25.95 -10.65
CA VAL D 187 -46.05 25.10 -9.93
C VAL D 187 -47.49 25.10 -10.46
N ALA D 188 -48.02 23.87 -10.58
CA ALA D 188 -49.36 23.57 -11.05
C ALA D 188 -50.45 24.10 -10.15
N GLY D 189 -51.44 24.72 -10.79
CA GLY D 189 -52.60 25.26 -10.08
C GLY D 189 -52.23 26.14 -8.92
N SER D 190 -51.24 27.02 -9.20
CA SER D 190 -50.71 28.01 -8.26
C SER D 190 -50.12 29.22 -8.99
N ALA D 191 -49.69 30.19 -8.22
CA ALA D 191 -49.16 31.40 -8.79
C ALA D 191 -47.66 31.37 -8.92
N ARG D 192 -47.00 30.85 -7.89
CA ARG D 192 -45.55 30.83 -7.72
C ARG D 192 -44.77 29.88 -8.58
N THR D 193 -43.48 29.98 -8.30
CA THR D 193 -42.40 29.19 -8.86
C THR D 193 -41.52 28.80 -7.71
N ALA D 194 -41.01 27.61 -7.87
CA ALA D 194 -40.10 27.09 -6.91
C ALA D 194 -38.83 26.67 -7.59
N LEU D 195 -37.83 26.49 -6.74
CA LEU D 195 -36.53 25.99 -7.09
C LEU D 195 -36.34 24.70 -6.40
N ILE D 196 -35.56 23.86 -7.00
CA ILE D 196 -35.28 22.59 -6.37
C ILE D 196 -33.87 22.23 -6.79
N PRO D 197 -33.04 21.98 -5.79
CA PRO D 197 -31.63 21.68 -5.95
C PRO D 197 -31.45 20.49 -6.83
N LEU D 198 -30.44 20.60 -7.64
CA LEU D 198 -30.24 19.53 -8.55
C LEU D 198 -30.07 18.21 -7.89
N GLY D 199 -29.54 18.19 -6.68
CA GLY D 199 -29.36 16.86 -6.10
C GLY D 199 -30.65 16.10 -5.86
N PHE D 200 -31.79 16.79 -5.82
CA PHE D 200 -33.04 16.14 -5.58
C PHE D 200 -33.81 15.72 -6.81
N CYS D 201 -33.32 16.07 -7.98
CA CYS D 201 -33.97 15.76 -9.20
C CYS D 201 -33.30 14.63 -9.91
N ASP D 202 -34.07 13.63 -10.37
CA ASP D 202 -33.56 12.56 -11.19
C ASP D 202 -33.81 12.97 -12.65
N VAL D 203 -32.85 13.60 -13.33
CA VAL D 203 -33.10 14.07 -14.72
C VAL D 203 -33.23 12.95 -15.77
N LYS D 204 -34.43 12.74 -16.37
CA LYS D 204 -34.73 11.76 -17.42
C LYS D 204 -35.08 12.53 -18.70
N LYS D 205 -35.17 11.86 -19.87
CA LYS D 205 -35.43 12.56 -21.14
C LYS D 205 -36.82 13.20 -21.25
N ASP D 206 -37.81 12.68 -20.49
CA ASP D 206 -39.23 13.02 -20.53
C ASP D 206 -39.90 13.56 -19.25
N LYS D 207 -39.23 13.39 -18.11
CA LYS D 207 -39.75 13.87 -16.83
C LYS D 207 -38.54 14.15 -16.00
N ILE D 208 -38.75 14.82 -14.90
CA ILE D 208 -37.75 15.03 -13.87
C ILE D 208 -38.40 14.40 -12.62
N VAL D 209 -37.85 13.27 -12.10
CA VAL D 209 -38.46 12.68 -10.90
C VAL D 209 -37.88 13.28 -9.60
N VAL D 210 -38.73 13.66 -8.69
CA VAL D 210 -38.35 14.16 -7.44
C VAL D 210 -39.15 13.32 -6.48
N THR D 211 -38.49 12.41 -5.76
CA THR D 211 -39.05 11.54 -4.73
C THR D 211 -39.11 12.16 -3.31
N SER D 212 -38.38 13.22 -3.07
CA SER D 212 -38.29 13.88 -1.78
C SER D 212 -39.64 14.22 -1.19
N ILE D 213 -40.45 14.93 -1.94
CA ILE D 213 -41.75 15.35 -1.43
C ILE D 213 -42.93 15.06 -2.35
N LEU D 214 -44.13 15.33 -1.85
CA LEU D 214 -45.31 15.06 -2.63
C LEU D 214 -45.80 16.28 -3.38
N SER D 215 -46.43 16.04 -4.51
CA SER D 215 -46.95 17.16 -5.30
C SER D 215 -47.57 18.29 -4.48
N GLU D 216 -48.48 17.90 -3.60
CA GLU D 216 -49.22 18.79 -2.72
C GLU D 216 -48.23 19.68 -2.00
N GLN D 217 -47.07 19.11 -1.70
CA GLN D 217 -46.07 19.86 -0.95
C GLN D 217 -45.22 20.83 -1.74
N PHE D 218 -45.37 20.85 -3.04
CA PHE D 218 -44.54 21.83 -3.74
C PHE D 218 -44.99 23.23 -3.38
N ALA D 219 -46.27 23.36 -3.14
CA ALA D 219 -46.84 24.65 -2.84
C ALA D 219 -46.19 25.36 -1.67
N ASN D 220 -45.51 24.64 -0.77
CA ASN D 220 -44.95 25.34 0.36
C ASN D 220 -43.45 25.63 0.36
N VAL D 221 -42.81 25.27 -0.74
CA VAL D 221 -41.42 25.52 -0.90
C VAL D 221 -41.16 26.96 -0.63
N PRO D 222 -40.06 27.25 0.07
CA PRO D 222 -39.73 28.61 0.38
C PRO D 222 -39.63 29.47 -0.86
N ARG D 223 -40.27 30.63 -0.77
CA ARG D 223 -40.33 31.61 -1.83
C ARG D 223 -39.14 32.52 -1.67
N LEU D 224 -38.52 32.83 -2.80
CA LEU D 224 -37.40 33.73 -2.91
C LEU D 224 -37.87 35.16 -2.82
N GLN D 225 -36.94 36.08 -2.78
CA GLN D 225 -37.46 37.41 -2.71
C GLN D 225 -37.31 38.24 -3.96
N SER D 226 -36.11 38.27 -4.56
CA SER D 226 -35.99 38.85 -5.86
C SER D 226 -36.26 37.62 -6.72
N ARG D 227 -36.79 37.77 -7.91
CA ARG D 227 -37.14 36.69 -8.81
C ARG D 227 -35.94 36.11 -9.63
N ASP D 228 -34.80 36.87 -9.71
CA ASP D 228 -33.63 36.49 -10.47
C ASP D 228 -32.34 36.54 -9.65
N GLN D 229 -32.47 36.22 -8.37
CA GLN D 229 -31.29 36.16 -7.55
C GLN D 229 -31.64 35.52 -6.25
N ILE D 230 -30.67 34.83 -5.62
CA ILE D 230 -30.94 34.10 -4.36
C ILE D 230 -29.83 34.32 -3.33
N THR D 231 -30.23 34.71 -2.12
CA THR D 231 -29.40 34.98 -0.97
C THR D 231 -28.85 33.68 -0.38
N LEU D 232 -27.77 33.75 0.40
CA LEU D 232 -27.31 32.46 0.90
C LEU D 232 -28.29 31.83 1.85
N ARG D 233 -28.99 32.64 2.65
CA ARG D 233 -29.90 31.96 3.57
C ARG D 233 -31.00 31.17 2.82
N GLU D 234 -31.47 31.83 1.76
CA GLU D 234 -32.46 31.28 0.87
C GLU D 234 -32.02 29.92 0.30
N GLU D 235 -30.76 29.82 -0.15
CA GLU D 235 -30.32 28.51 -0.60
C GLU D 235 -30.55 27.47 0.49
N ASP D 236 -30.23 27.81 1.74
CA ASP D 236 -30.39 26.84 2.82
C ASP D 236 -31.88 26.57 3.01
N LYS D 237 -32.68 27.56 2.84
CA LYS D 237 -34.07 27.33 3.08
C LYS D 237 -34.70 26.30 2.21
N VAL D 238 -34.44 26.52 0.92
CA VAL D 238 -34.90 25.75 -0.22
C VAL D 238 -34.41 24.31 -0.23
N SER D 239 -33.14 24.17 0.07
CA SER D 239 -32.48 22.89 0.11
C SER D 239 -33.03 22.10 1.30
N ALA D 240 -33.12 22.76 2.42
CA ALA D 240 -33.61 22.00 3.56
C ALA D 240 -35.06 21.57 3.42
N TYR D 241 -35.81 22.38 2.70
CA TYR D 241 -37.19 22.09 2.47
C TYR D 241 -37.31 20.66 1.99
N TYR D 242 -36.66 20.37 0.86
CA TYR D 242 -36.73 19.05 0.28
C TYR D 242 -36.06 17.92 1.08
N ALA D 243 -35.07 18.27 1.89
CA ALA D 243 -34.41 17.19 2.64
C ALA D 243 -35.37 16.74 3.72
N GLY D 244 -36.00 17.75 4.28
CA GLY D 244 -37.03 17.52 5.26
C GLY D 244 -38.05 16.52 4.75
N GLY D 245 -38.41 16.57 3.47
CA GLY D 245 -39.45 15.62 3.07
C GLY D 245 -38.94 14.16 3.07
N LEU D 246 -37.68 13.97 3.20
CA LEU D 246 -37.11 12.66 3.13
C LEU D 246 -37.43 11.93 4.36
N LEU D 247 -37.66 12.74 5.41
CA LEU D 247 -37.98 12.16 6.68
C LEU D 247 -39.43 12.32 6.98
N TYR D 248 -39.98 13.45 6.52
CA TYR D 248 -41.32 13.85 6.84
C TYR D 248 -42.35 13.87 5.70
N ALA D 249 -42.04 13.47 4.46
CA ALA D 249 -43.11 13.65 3.47
C ALA D 249 -44.34 12.80 3.76
N THR D 250 -44.18 11.69 4.43
CA THR D 250 -45.25 10.72 4.72
C THR D 250 -45.15 10.31 6.15
N PRO D 251 -46.24 9.85 6.79
CA PRO D 251 -46.05 9.50 8.17
C PRO D 251 -45.09 8.36 8.40
N GLU D 252 -44.89 7.48 7.40
CA GLU D 252 -43.96 6.35 7.60
C GLU D 252 -42.51 6.70 7.39
N ARG D 253 -42.22 7.82 6.73
CA ARG D 253 -40.82 8.09 6.59
C ARG D 253 -40.00 8.11 7.87
N ALA D 254 -40.54 8.75 8.90
CA ALA D 254 -39.80 8.86 10.14
C ALA D 254 -39.58 7.54 10.87
N GLU D 255 -40.36 6.52 10.51
CA GLU D 255 -40.22 5.21 11.20
C GLU D 255 -39.16 4.27 10.68
N SER D 256 -39.07 3.23 11.45
CA SER D 256 -38.10 2.24 11.23
C SER D 256 -38.38 1.56 9.92
N LEU D 257 -37.31 1.34 9.16
CA LEU D 257 -37.36 0.76 7.85
C LEU D 257 -37.72 -0.70 7.83
N LEU D 258 -37.48 -1.35 8.99
CA LEU D 258 -37.67 -2.77 9.25
C LEU D 258 -38.21 -3.09 10.66
FE HEC E . 34.14 -48.64 -16.88
CHA HEC E . 37.02 -49.16 -15.07
CHB HEC E . 33.89 -51.82 -17.55
CHC HEC E . 31.11 -48.05 -18.43
CHD HEC E . 34.39 -45.39 -16.26
NA HEC E . 35.29 -50.21 -16.39
C1A HEC E . 36.47 -50.21 -15.76
C2A HEC E . 37.05 -51.49 -15.90
C3A HEC E . 36.15 -52.27 -16.61
C4A HEC E . 35.06 -51.44 -16.91
CMA HEC E . 36.34 -53.74 -17.00
CAA HEC E . 38.39 -52.00 -15.40
CBA HEC E . 39.38 -52.19 -16.59
CGA HEC E . 40.83 -52.39 -16.15
O1A HEC E . 41.28 -51.52 -15.51
O2A HEC E . 41.47 -53.60 -16.33
NB HEC E . 32.72 -49.71 -17.81
C1B HEC E . 32.80 -51.05 -17.93
C2B HEC E . 31.64 -51.48 -18.59
C3B HEC E . 30.87 -50.38 -18.86
C4B HEC E . 31.52 -49.32 -18.29
CMB HEC E . 31.29 -52.88 -18.97
CAB HEC E . 29.47 -50.43 -19.41
CBB HEC E . 28.65 -51.43 -18.62
NC HEC E . 32.95 -47.04 -17.19
C1C HEC E . 31.81 -46.99 -17.93
C2C HEC E . 31.40 -45.73 -18.15
C3C HEC E . 32.40 -44.96 -17.55
C4C HEC E . 33.36 -45.78 -17.06
CMC HEC E . 30.17 -45.32 -18.96
CAC HEC E . 32.44 -43.48 -17.52
CBC HEC E . 31.24 -42.79 -16.86
ND HEC E . 35.48 -47.47 -15.84
C1D HEC E . 35.35 -46.15 -15.67
C2D HEC E . 36.40 -45.69 -14.83
C3D HEC E . 37.16 -46.74 -14.53
C4D HEC E . 36.53 -47.87 -15.09
CMD HEC E . 36.69 -44.29 -14.34
CAD HEC E . 38.33 -46.62 -13.60
CBD HEC E . 37.85 -47.29 -12.25
CGD HEC E . 38.66 -47.00 -11.04
O1D HEC E . 38.34 -47.47 -10.00
O2D HEC E . 39.79 -46.26 -11.25
FE HEC F . 29.44 -35.95 -13.08
CHA HEC F . 30.85 -34.22 -15.71
CHB HEC F . 30.59 -38.86 -14.37
CHC HEC F . 28.52 -37.67 -10.24
CHD HEC F . 28.33 -33.03 -11.77
NA HEC F . 30.52 -36.41 -14.71
C1A HEC F . 30.94 -35.58 -15.68
C2A HEC F . 31.40 -36.34 -16.75
C3A HEC F . 31.31 -37.68 -16.36
C4A HEC F . 30.77 -37.69 -15.10
CMA HEC F . 31.73 -38.87 -17.14
CAA HEC F . 31.94 -35.83 -18.00
CBA HEC F . 30.91 -35.79 -19.09
CGA HEC F . 31.35 -34.83 -20.26
O1A HEC F . 31.10 -35.12 -21.44
O2A HEC F . 32.04 -33.73 -19.92
NB HEC F . 29.55 -37.91 -12.40
C1B HEC F . 30.03 -38.95 -13.12
C2B HEC F . 29.93 -40.13 -12.37
C3B HEC F . 29.32 -39.78 -11.16
C4B HEC F . 29.14 -38.41 -11.20
CMB HEC F . 30.44 -41.50 -12.77
CAB HEC F . 28.95 -40.72 -10.09
CBB HEC F . 30.15 -41.47 -9.50
NC HEC F . 28.63 -35.46 -11.35
C1C HEC F . 28.28 -36.31 -10.36
C2C HEC F . 27.60 -35.54 -9.45
C3C HEC F . 27.52 -34.24 -9.92
C4C HEC F . 28.08 -34.22 -11.12
CMC HEC F . 26.98 -36.02 -8.20
CAC HEC F . 26.84 -33.09 -9.26
CBC HEC F . 27.51 -32.85 -7.91
ND HEC F . 29.60 -34.02 -13.62
C1D HEC F . 29.03 -32.97 -12.96
C2D HEC F . 29.37 -31.80 -13.61
C3D HEC F . 30.06 -32.16 -14.75
C4D HEC F . 30.25 -33.51 -14.70
CMD HEC F . 28.97 -30.42 -13.23
CAD HEC F . 30.77 -31.17 -15.66
CBD HEC F . 30.11 -30.67 -16.89
CGD HEC F . 30.36 -31.62 -17.97
O1D HEC F . 31.48 -32.20 -18.04
O2D HEC F . 29.29 -31.97 -18.64
FE HEC G . 18.03 -16.69 3.55
CHA HEC G . 20.90 -15.72 5.27
CHB HEC G . 17.07 -13.51 3.34
CHC HEC G . 15.33 -17.73 1.75
CHD HEC G . 18.83 -19.95 4.11
NA HEC G . 18.84 -14.96 4.14
C1A HEC G . 19.99 -14.75 4.87
C2A HEC G . 20.10 -13.37 5.11
C3A HEC G . 19.05 -12.76 4.58
C4A HEC G . 18.23 -13.75 4.02
CMA HEC G . 18.87 -11.28 4.71
CAA HEC G . 21.05 -12.54 5.81
CBA HEC G . 21.68 -13.26 6.92
CGA HEC G . 22.49 -12.41 7.88
O1A HEC G . 22.84 -11.23 7.53
O2A HEC G . 22.73 -12.97 9.14
NB HEC G . 16.50 -15.84 2.75
C1B HEC G . 16.30 -14.48 2.74
C2B HEC G . 15.18 -14.16 1.93
C3B HEC G . 14.75 -15.37 1.44
C4B HEC G . 15.58 -16.38 1.92
CMB HEC G . 14.65 -12.76 1.67
CAB HEC G . 13.65 -15.61 0.51
CBB HEC G . 13.90 -15.07 -0.85
NC HEC G . 17.23 -18.53 3.03
C1C HEC G . 16.11 -18.75 2.30
C2C HEC G . 15.77 -20.10 2.32
C3C HEC G . 16.79 -20.74 2.97
C4C HEC G . 17.61 -19.73 3.52
CMC HEC G . 14.60 -20.76 1.62
CAC HEC G . 16.89 -22.23 3.24
CBC HEC G . 16.89 -23.25 2.15
ND HEC G . 19.57 -17.64 4.49
C1D HEC G . 19.72 -18.99 4.53
C2D HEC G . 21.00 -19.27 5.07
C3D HEC G . 21.58 -18.08 5.44
C4D HEC G . 20.70 -17.07 5.07
CMD HEC G . 21.62 -20.63 5.29
CAD HEC G . 22.96 -17.97 6.06
CBD HEC G . 24.17 -17.93 5.01
CGD HEC G . 25.62 -17.95 5.56
O1D HEC G . 26.57 -17.88 4.79
O2D HEC G . 25.83 -17.99 6.89
FE HEC H . 20.80 -29.67 -0.59
CHA HEC H . 18.73 -31.45 1.38
CHB HEC H . 19.52 -26.74 0.78
CHC HEC H . 22.78 -27.85 -2.58
CHD HEC H . 21.99 -32.53 -2.02
NA HEC H . 19.35 -29.17 0.80
C1A HEC H . 18.63 -30.07 1.51
C2A HEC H . 17.78 -29.44 2.43
C3A HEC H . 18.00 -28.12 2.30
C4A HEC H . 19.01 -27.94 1.26
CMA HEC H . 17.26 -27.08 3.14
CAA HEC H . 16.88 -30.15 3.44
CBA HEC H . 15.39 -30.01 3.23
CGA HEC H . 14.49 -30.70 4.21
O1A HEC H . 14.90 -30.92 5.35
O2A HEC H . 13.22 -30.95 3.85
NB HEC H . 21.16 -27.67 -0.82
C1B HEC H . 20.49 -26.65 -0.20
C2B HEC H . 20.99 -25.41 -0.71
C3B HEC H . 21.95 -25.72 -1.67
C4B HEC H . 22.03 -27.13 -1.69
CMB HEC H . 20.69 -24.04 -0.19
CAB HEC H . 22.84 -24.71 -2.46
CBB HEC H . 23.80 -23.88 -1.58
NC HEC H . 22.19 -30.11 -2.02
C1C HEC H . 22.87 -29.19 -2.73
C2C HEC H . 23.58 -29.80 -3.76
C3C HEC H . 23.38 -31.20 -3.63
C4C HEC H . 22.52 -31.35 -2.51
CMC HEC H . 24.37 -29.03 -4.80
CAC HEC H . 23.96 -32.35 -4.51
CBC HEC H . 25.45 -32.63 -4.60
ND HEC H . 20.43 -31.63 -0.36
C1D HEC H . 21.07 -32.65 -1.01
C2D HEC H . 20.53 -33.84 -0.50
C3D HEC H . 19.61 -33.50 0.54
C4D HEC H . 19.55 -32.13 0.53
CMD HEC H . 20.92 -35.23 -0.94
CAD HEC H . 18.64 -34.43 1.32
CBD HEC H . 18.59 -34.60 2.85
CGD HEC H . 17.58 -35.76 3.23
O1D HEC H . 17.24 -36.05 4.44
O2D HEC H . 17.08 -36.42 2.19
MG BCB I . 2.18 -3.83 1.48
CHA BCB I . -1.07 -4.70 1.75
CHB BCB I . 1.24 -0.61 1.15
CHC BCB I . 5.49 -2.98 1.39
CHD BCB I . 3.07 -7.07 2.34
NA BCB I . 0.35 -2.81 1.45
C1A BCB I . -0.91 -3.36 1.59
C2A BCB I . -1.98 -2.32 1.30
C3A BCB I . -1.24 -1.01 1.38
C4A BCB I . 0.20 -1.48 1.30
CMA BCB I . -1.65 -0.23 0.19
CAA BCB I . -3.23 -2.25 2.16
CBA BCB I . -3.02 -2.39 3.66
CGA BCB I . -4.12 -3.31 4.16
O1A BCB I . -4.69 -4.06 3.42
O2A BCB I . -4.50 -3.21 5.44
NB BCB I . 3.20 -2.11 1.28
C1B BCB I . 2.61 -0.88 1.12
C2B BCB I . 3.60 0.06 0.96
C3B BCB I . 4.81 -0.57 1.04
C4B BCB I . 4.55 -1.97 1.24
CMB BCB I . 3.31 1.54 0.82
CAB BCB I . 6.14 0.00 0.80
OBB BCB I . 7.05 -0.71 0.60
CBB BCB I . 6.39 1.52 0.73
NC BCB I . 3.96 -4.84 1.84
C1C BCB I . 5.21 -4.34 1.67
C2C BCB I . 6.28 -5.44 1.77
C3C BCB I . 5.52 -6.58 2.40
C4C BCB I . 4.07 -6.19 2.18
CMC BCB I . 6.83 -5.81 0.38
CAC BCB I . 5.98 -7.63 3.01
CBC BCB I . 7.54 -7.80 3.00
ND BCB I . 1.25 -5.54 1.93
C1D BCB I . 1.70 -6.82 2.24
C2D BCB I . 0.64 -7.74 2.37
C3D BCB I . -0.48 -6.95 2.10
C4D BCB I . -0.07 -5.64 1.88
CMD BCB I . 0.73 -9.20 2.62
CAD BCB I . -1.78 -7.05 1.69
OBD BCB I . -2.53 -8.03 1.55
CBD BCB I . -2.29 -5.58 1.44
CGD BCB I . -2.76 -5.59 0.00
O1D BCB I . -3.69 -5.05 -0.46
O2D BCB I . -1.96 -6.33 -0.71
CED BCB I . -2.42 -6.42 -1.99
C1 BCB I . -5.92 -3.50 5.74
C2 BCB I . -6.44 -2.52 6.80
C3 BCB I . -7.59 -2.81 7.39
C4 BCB I . -8.33 -4.09 6.89
C5 BCB I . -8.22 -1.84 8.41
C6 BCB I . -9.45 -2.36 9.18
C7 BCB I . -10.05 -1.19 10.02
C8 BCB I . -11.42 -1.62 10.55
C9 BCB I . -12.34 -1.57 9.31
C10 BCB I . -11.86 -0.66 11.71
C11 BCB I . -11.10 -1.10 12.97
C12 BCB I . -11.30 -0.20 14.16
C13 BCB I . -10.35 -0.53 15.33
C14 BCB I . -10.39 -2.02 15.61
C15 BCB I . -10.83 0.02 16.62
C16 BCB I . -10.06 1.29 17.05
C17 BCB I . -11.06 2.30 17.65
C18 BCB I . -10.38 3.15 18.68
C19 BCB I . -11.40 4.15 19.22
C20 BCB I . -9.28 3.92 17.98
MG BCB J . -2.27 -2.61 11.10
CHA BCB J . 0.20 -0.19 11.92
CHB BCB J . -4.18 -1.27 13.66
CHC BCB J . -4.84 -4.36 10.01
CHD BCB J . -0.41 -3.37 8.31
NA BCB J . -2.02 -0.97 12.55
C1A BCB J . -0.90 -0.14 12.74
C2A BCB J . -1.13 0.90 13.82
C3A BCB J . -2.37 0.22 14.57
C4A BCB J . -2.91 -0.72 13.55
CMA BCB J . -1.86 -0.53 15.75
CAA BCB J . -1.51 2.27 13.20
CBA BCB J . -2.90 2.26 12.52
CGA BCB J . -3.32 3.57 11.95
O1A BCB J . -3.04 4.51 12.42
O2A BCB J . -4.21 3.58 10.94
NB BCB J . -4.16 -2.80 11.72
C1B BCB J . -4.78 -2.18 12.84
C2B BCB J . -6.14 -2.61 12.96
C3B BCB J . -6.35 -3.56 11.92
C4B BCB J . -5.09 -3.61 11.11
CMB BCB J . -7.16 -1.83 13.74
CAB BCB J . -7.56 -4.29 11.55
OBB BCB J . -8.41 -4.59 12.35
CBB BCB J . -7.82 -4.67 10.14
NC BCB J . -2.56 -3.65 9.44
C1C BCB J . -3.67 -4.43 9.23
C2C BCB J . -3.46 -5.36 8.13
C3C BCB J . -2.21 -4.91 7.50
C4C BCB J . -1.65 -3.94 8.46
CMC BCB J . -3.29 -6.75 8.78
CAC BCB J . -1.67 -5.23 6.34
CBC BCB J . -2.37 -5.99 5.26
ND BCB J . -0.50 -1.91 10.21
C1D BCB J . 0.19 -2.40 9.14
C2D BCB J . 1.47 -1.82 9.05
C3D BCB J . 1.52 -0.88 10.11
C4D BCB J . 0.31 -0.99 10.78
CMD BCB J . 2.55 -2.34 8.14
CAD BCB J . 2.35 0.05 10.84
OBD BCB J . 3.56 0.31 10.70
CBD BCB J . 1.51 0.57 12.08
CGD BCB J . 2.23 0.40 13.44
O1D BCB J . 2.79 1.25 14.05
O2D BCB J . 2.06 -0.86 13.92
CED BCB J . 2.54 -1.24 15.19
C1 BCB J . -5.04 4.83 10.68
C2 BCB J . -6.06 5.09 11.78
C3 BCB J . -5.99 6.22 12.43
C4 BCB J . -4.93 7.23 12.04
C5 BCB J . -6.97 6.54 13.64
C6 BCB J . -6.44 5.88 14.95
C7 BCB J . -6.63 4.35 14.92
C8 BCB J . -5.94 3.64 16.15
C9 BCB J . -4.48 3.84 15.93
C10 BCB J . -6.15 2.03 16.13
C11 BCB J . -5.72 1.42 17.47
C12 BCB J . -5.91 -0.16 17.52
C13 BCB J . -5.72 -0.62 19.00
C14 BCB J . -4.45 -0.09 19.66
C15 BCB J . -5.98 -2.08 19.38
C16 BCB J . -7.53 -2.23 19.38
C17 BCB J . -8.25 -1.39 20.41
C18 BCB J . -8.43 -2.27 21.69
C19 BCB J . -9.14 -3.54 21.29
C20 BCB J . -9.22 -1.51 22.76
C1 BPB K . -16.43 0.47 16.56
C2 BPB K . -15.47 -0.47 17.25
C3 BPB K . -14.66 -0.16 18.27
C4 BPB K . -14.54 1.29 18.78
C5 BPB K . -13.73 -1.19 18.95
C6 BPB K . -14.08 -2.68 18.65
C7 BPB K . -12.90 -3.51 19.26
C8 BPB K . -12.90 -4.98 18.76
C9 BPB K . -14.18 -5.74 19.05
NA BPB K . -11.69 3.63 11.02
NB BPB K . -9.41 2.59 9.75
NC BPB K . -10.50 3.25 6.95
ND BPB K . -12.73 4.22 8.27
C10 BPB K . -11.85 -5.81 19.46
C11 BPB K . -10.47 -5.66 18.69
C12 BPB K . -10.61 -6.33 17.36
C13 BPB K . -9.37 -6.15 16.42
C14 BPB K . -9.21 -7.56 15.79
C15 BPB K . -8.01 -5.75 17.12
C16 BPB K . -6.83 -5.98 16.13
C17 BPB K . -5.80 -4.99 16.42
C18 BPB K . -4.33 -5.38 16.00
C19 BPB K . -3.45 -4.13 16.47
C1A BPB K . -13.01 3.90 11.39
O1A BPB K . -15.46 0.12 14.45
C1B BPB K . -8.94 2.48 11.07
C1C BPB K . -9.32 2.68 6.56
C1D BPB K . -13.13 4.68 7.02
O1D BPB K . -15.96 6.25 12.70
C20 BPB K . -4.03 -5.40 14.49
C2A BPB K . -13.17 3.84 12.86
O2A BPB K . -15.76 1.63 15.90
C2B BPB K . -7.72 1.75 11.02
C2C BPB K . -9.14 2.66 5.12
C2D BPB K . -14.31 5.48 7.08
O2D BPB K . -14.40 6.94 11.41
C3A BPB K . -11.83 3.44 13.38
C3B BPB K . -7.32 1.66 9.71
C3C BPB K . -10.41 3.40 4.62
C3D BPB K . -14.69 5.42 8.42
C4A BPB K . -11.06 3.18 12.12
C4B BPB K . -8.39 2.20 8.89
C4C BPB K . -11.23 3.64 5.85
C4D BPB K . -13.63 4.71 9.13
CAA BPB K . -14.45 3.16 13.55
CAB BPB K . -6.06 1.04 9.15
CAC BPB K . -10.80 3.58 3.35
CAD BPB K . -15.77 5.53 9.35
CBA BPB K . -14.06 1.95 14.38
CBB BPB K . -5.57 1.36 7.71
OBB BPB K . -5.31 0.33 9.83
CBC BPB K . -10.02 2.92 2.13
CBD BPB K . -15.27 4.92 10.76
OBD BPB K . -16.85 6.15 9.35
CED BPB K . -14.28 7.84 12.41
CGA BPB K . -15.21 1.19 14.84
CGD BPB K . -15.30 6.08 11.73
CHA BPB K . -13.84 4.48 10.49
CHB BPB K . -9.76 2.68 12.18
CHC BPB K . -8.37 2.22 7.51
CHD BPB K . -12.42 4.31 5.92
CMA BPB K . -11.32 4.70 13.93
CMB BPB K . -7.07 1.07 12.21
CMC BPB K . -7.86 3.46 4.72
CMD BPB K . -14.80 6.28 5.95
C1 UQ1 L . -9.54 21.23 -7.21
O1 UQ1 L . -9.97 21.36 -8.35
C2 UQ1 L . -10.37 21.60 -6.05
O2 UQ1 L . -11.57 22.08 -6.35
CM2 UQ1 L . -11.71 23.22 -7.24
C3 UQ1 L . -9.92 21.45 -4.79
O3 UQ1 L . -10.58 21.73 -3.65
CM3 UQ1 L . -11.84 22.46 -3.62
C4 UQ1 L . -8.55 20.89 -4.60
O4 UQ1 L . -8.14 20.77 -3.46
C5 UQ1 L . -7.72 20.53 -5.78
CM5 UQ1 L . -6.34 19.98 -5.58
C6 UQ1 L . -8.20 20.69 -7.01
C7 UQ1 L . -7.39 20.33 -8.22
C8 UQ1 L . -7.10 18.83 -8.29
C9 UQ1 L . -6.52 18.32 -9.39
C10 UQ1 L . -6.15 19.23 -10.54
C11 UQ1 L . -6.22 16.81 -9.47
FE FE M . -12.79 19.68 1.35
S SO4 N . -2.73 29.56 8.81
O1 SO4 N . -3.66 28.66 8.05
O2 SO4 N . -2.24 30.67 7.88
O3 SO4 N . -1.58 28.76 9.31
O4 SO4 N . -3.50 30.13 9.98
S SO4 O . -32.57 10.02 -1.53
O1 SO4 O . -32.27 8.74 -2.24
O2 SO4 O . -33.66 10.80 -2.24
O3 SO4 O . -32.97 9.70 -0.10
O4 SO4 O . -31.33 10.87 -1.50
S SO4 P . 7.63 31.99 -12.13
O1 SO4 P . 7.68 33.21 -13.01
O2 SO4 P . 7.02 30.84 -12.88
O3 SO4 P . 6.81 32.31 -10.93
O4 SO4 P . 9.03 31.62 -11.73
S SO4 Q . -14.79 14.29 -25.65
O1 SO4 Q . -15.61 13.33 -26.51
O2 SO4 Q . -15.27 15.71 -25.93
O3 SO4 Q . -13.31 14.14 -25.96
O4 SO4 Q . -14.97 13.95 -24.18
MG BCB R . 8.05 4.56 -6.27
CHA BCB R . 5.43 2.60 -7.33
CHB BCB R . 7.63 6.53 -9.10
CHC BCB R . 10.12 6.95 -4.97
CHD BCB R . 8.01 2.96 -3.18
NA BCB R . 6.71 4.57 -7.90
C1A BCB R . 5.78 3.57 -8.21
C2A BCB R . 5.04 3.87 -9.46
C3A BCB R . 5.93 4.92 -10.14
C4A BCB R . 6.83 5.39 -9.00
CMA BCB R . 6.71 4.21 -11.21
CAA BCB R . 3.76 4.48 -8.98
CBA BCB R . 3.98 5.82 -8.27
CGA BCB R . 2.55 6.44 -8.09
O1A BCB R . 1.65 5.92 -8.63
O2A BCB R . 2.42 7.46 -7.21
NB BCB R . 8.71 6.46 -6.86
C1B BCB R . 8.49 7.05 -8.12
C2B BCB R . 9.35 8.23 -8.24
C3B BCB R . 10.04 8.38 -7.08
C4B BCB R . 9.63 7.22 -6.19
CMB BCB R . 9.52 9.13 -9.42
CAB BCB R . 11.03 9.47 -6.81
OBB BCB R . 11.50 10.18 -7.74
CBB BCB R . 11.49 9.92 -5.43
NC BCB R . 8.87 4.92 -4.37
C1C BCB R . 9.80 5.89 -4.12
C2C BCB R . 10.56 5.62 -2.84
C3C BCB R . 9.62 4.61 -2.14
C4C BCB R . 8.82 4.05 -3.27
CMC BCB R . 11.83 4.89 -3.32
CAC BCB R . 9.37 4.44 -0.85
CBC BCB R . 10.39 4.80 0.29
ND BCB R . 6.91 3.18 -5.35
C1D BCB R . 7.07 2.50 -4.15
C2D BCB R . 6.24 1.32 -4.10
C3D BCB R . 5.56 1.33 -5.33
C4D BCB R . 5.99 2.48 -6.05
CMD BCB R . 6.24 0.29 -3.04
CAD BCB R . 4.68 0.59 -6.18
OBD BCB R . 4.24 -0.57 -6.05
CBD BCB R . 4.47 1.43 -7.48
CGD BCB R . 4.88 0.47 -8.59
O1D BCB R . 4.26 0.18 -9.47
O2D BCB R . 6.11 -0.02 -8.51
CED BCB R . 6.43 -1.03 -9.49
C1 BCB R . 1.17 8.26 -7.17
C2 BCB R . 1.19 9.10 -8.45
C3 BCB R . 1.09 10.39 -8.57
C4 BCB R . 0.87 11.27 -7.34
C5 BCB R . 1.25 10.99 -10.00
C6 BCB R . 0.06 11.76 -10.63
C7 BCB R . 0.38 11.91 -12.15
C8 BCB R . 0.07 13.35 -12.54
C9 BCB R . -1.31 13.72 -11.98
C10 BCB R . 0.08 13.53 -14.06
C11 BCB R . 0.01 15.02 -14.39
C12 BCB R . 0.02 15.21 -15.92
C13 BCB R . 0.09 16.71 -16.27
C14 BCB R . -1.07 17.46 -15.57
C15 BCB R . 0.00 16.89 -17.79
C16 BCB R . 0.26 18.36 -18.17
C17 BCB R . 0.17 18.54 -19.70
C18 BCB R . 0.51 20.00 -20.09
C19 BCB R . 0.29 20.20 -21.60
C20 BCB R . 1.97 20.32 -19.72
MG BCB S . 7.53 0.84 4.13
CHA BCB S . 8.76 3.94 3.82
CHB BCB S . 4.41 2.11 4.12
CHC BCB S . 6.17 -2.28 4.32
CHD BCB S . 10.63 -0.51 3.33
NA BCB S . 6.76 2.64 3.92
C1A BCB S . 7.42 3.85 3.97
C2A BCB S . 6.47 5.05 4.10
C3A BCB S . 5.15 4.46 3.80
C4A BCB S . 5.47 2.98 3.97
CMA BCB S . 4.06 4.87 4.75
CAA BCB S . 6.95 5.67 2.90
CBA BCB S . 6.69 7.10 2.77
CGA BCB S . 6.33 7.24 1.30
O1A BCB S . 5.30 7.53 0.97
O2A BCB S . 7.23 7.16 0.39
NB BCB S . 5.60 0.03 4.12
C1B BCB S . 4.44 0.75 4.19
C2B BCB S . 3.32 -0.06 4.39
C3B BCB S . 3.81 -1.31 4.47
C4B BCB S . 5.27 -1.25 4.34
CMB BCB S . 1.89 0.41 4.22
CAB BCB S . 3.01 -2.50 4.59
OBB BCB S . 3.40 -3.44 5.11
CBB BCB S . 1.57 -2.53 4.20
NC BCB S . 8.26 -1.07 3.85
C1C BCB S . 7.57 -2.19 4.10
C2C BCB S . 8.57 -3.40 4.19
C3C BCB S . 9.80 -2.87 3.49
C4C BCB S . 9.60 -1.40 3.56
CMC BCB S . 8.82 -3.73 5.66
CAC BCB S . 10.73 -3.47 2.81
CBC BCB S . 10.89 -5.04 2.76
ND BCB S . 9.31 1.50 3.63
C1D BCB S . 10.52 0.89 3.33
C2D BCB S . 11.54 1.82 3.14
C3D BCB S . 10.92 3.08 3.35
C4D BCB S . 9.56 2.83 3.65
CMD BCB S . 12.94 1.49 2.76
CAD BCB S . 11.12 4.47 3.52
OBD BCB S . 12.17 5.15 3.36
CBD BCB S . 9.73 5.12 4.04
CGD BCB S . 9.89 5.55 5.55
O1D BCB S . 9.10 5.98 6.25
O2D BCB S . 11.00 5.21 6.08
CED BCB S . 11.03 5.30 7.51
C1 BCB S . 6.55 7.69 -0.88
C2 BCB S . 6.59 9.20 -1.14
C3 BCB S . 7.52 9.77 -1.91
C4 BCB S . 8.61 8.87 -2.50
C5 BCB S . 7.52 11.30 -2.14
C6 BCB S . 8.29 11.77 -3.37
C7 BCB S . 7.96 13.31 -3.54
C8 BCB S . 8.54 13.92 -4.88
C9 BCB S . 8.44 15.44 -4.87
C10 BCB S . 7.87 13.39 -6.20
C11 BCB S . 8.88 13.72 -7.40
C12 BCB S . 8.12 13.46 -8.72
C13 BCB S . 8.92 13.87 -9.93
C14 BCB S . 7.98 13.91 -11.13
C15 BCB S . 9.94 12.82 -10.20
C16 BCB S . 10.53 13.01 -11.59
C17 BCB S . 11.64 11.94 -11.80
C18 BCB S . 12.61 12.35 -12.96
C19 BCB S . 13.88 11.56 -12.78
C20 BCB S . 12.91 13.85 -13.01
C1 BPB T . 9.08 18.13 -12.14
C2 BPB T . 8.79 18.16 -13.72
C3 BPB T . 9.34 17.38 -14.72
C4 BPB T . 10.39 16.31 -14.51
C5 BPB T . 8.93 17.52 -16.20
C6 BPB T . 9.14 16.25 -17.06
C7 BPB T . 8.51 16.38 -18.54
C8 BPB T . 8.77 15.09 -19.40
C9 BPB T . 10.11 14.46 -18.93
NA BPB T . 3.96 15.29 -6.91
NB BPB T . 4.18 12.65 -5.57
NC BPB T . 3.42 13.73 -2.89
ND BPB T . 3.22 16.18 -4.13
C10 BPB T . 8.79 15.30 -20.97
C11 BPB T . 9.40 14.03 -21.68
C12 BPB T . 9.68 14.24 -23.22
C13 BPB T . 10.97 15.06 -23.57
C14 BPB T . 10.80 16.47 -22.98
C15 BPB T . 11.04 15.20 -25.11
C16 BPB T . 11.81 16.47 -25.47
C17 BPB T . 11.91 16.63 -27.00
C18 BPB T . 12.61 17.96 -27.34
C19 BPB T . 11.75 19.13 -26.83
C1A BPB T . 3.86 16.63 -7.21
O1A BPB T . 8.44 18.60 -9.42
C1B BPB T . 4.45 12.33 -6.88
C1C BPB T . 3.64 12.42 -2.54
C1D BPB T . 2.83 16.66 -2.85
O1D BPB T . 2.85 20.27 -8.42
C20 BPB T . 12.80 18.08 -28.86
C2A BPB T . 4.19 16.85 -8.70
O2A BPB T . 7.75 18.01 -11.40
C2B BPB T . 4.78 10.92 -6.93
C2C BPB T . 3.63 12.33 -1.07
C2D BPB T . 2.52 18.06 -2.87
O2D BPB T . 1.38 18.97 -7.38
C3A BPB T . 4.16 15.41 -9.30
C3B BPB T . 4.71 10.41 -5.69
C3C BPB T . 2.90 13.58 -0.63
C3D BPB T . 2.83 18.47 -4.19
C4A BPB T . 4.22 14.56 -8.02
C4B BPB T . 4.30 11.50 -4.80
C4C BPB T . 3.00 14.44 -1.76
C4D BPB T . 3.21 17.29 -4.92
CAA BPB T . 5.38 17.75 -9.09
CAB BPB T . 5.07 9.04 -5.27
CAC BPB T . 2.42 13.87 0.56
CAD BPB T . 2.89 19.62 -5.06
CBA BPB T . 6.68 17.08 -9.46
CBB BPB T . 4.43 8.34 -4.09
OBB BPB T . 5.89 8.35 -5.82
CBC BPB T . 2.64 12.86 1.74
CBD BPB T . 3.44 19.12 -6.40
OBD BPB T . 2.43 20.76 -4.92
CED BPB T . 0.43 19.10 -8.51
CGA BPB T . 7.68 17.99 -10.08
CGD BPB T . 2.57 19.58 -7.48
CHA BPB T . 3.50 17.57 -6.26
CHB BPB T . 4.47 13.21 -7.97
CHC BPB T . 4.03 11.39 -3.45
CHD BPB T . 2.73 15.79 -1.75
CMA BPB T . 2.93 15.22 -10.15
CMB BPB T . 5.18 10.21 -8.22
CMC BPB T . 3.00 11.03 -0.57
CMD BPB T . 1.78 18.82 -1.86
C1 MQ7 U . -15.73 16.02 7.85
O1 MQ7 U . -15.73 16.01 6.64
C2 MQ7 U . -15.11 14.97 8.69
C2M MQ7 U . -14.60 13.83 7.85
C3 MQ7 U . -15.16 15.05 10.01
C4 MQ7 U . -15.80 16.18 10.60
O4 MQ7 U . -15.76 16.26 11.85
C5 MQ7 U . -16.33 17.27 9.77
C6 MQ7 U . -16.82 18.41 10.32
C7 MQ7 U . -17.25 19.46 9.49
C8 MQ7 U . -17.21 19.32 8.15
C9 MQ7 U . -16.69 18.18 7.61
C10 MQ7 U . -16.27 17.19 8.43
C11 MQ7 U . -14.68 14.16 11.09
C12 MQ7 U . -13.20 14.42 11.28
C13 MQ7 U . -12.66 14.84 12.47
C14 MQ7 U . -13.55 15.12 13.68
C15 MQ7 U . -11.14 15.02 12.59
C16 MQ7 U . -10.48 13.97 13.52
C17 MQ7 U . -10.79 12.55 13.00
C18 MQ7 U . -9.81 11.65 12.77
C19 MQ7 U . -8.34 11.92 13.05
C20 MQ7 U . -10.20 10.28 12.26
C21 MQ7 U . -9.93 9.23 13.36
C22 MQ7 U . -11.01 9.23 14.46
C23 MQ7 U . -10.65 8.75 15.67
C24 MQ7 U . -9.20 8.24 15.87
C25 MQ7 U . -11.65 8.73 16.82
C26 MQ7 U . -12.26 7.31 16.91
C27 MQ7 U . -13.34 7.36 17.98
C28 MQ7 U . -14.26 6.42 18.14
C29 MQ7 U . -14.27 5.16 17.30
C30 MQ7 U . -15.34 6.63 19.21
C31 MQ7 U . -15.39 5.46 20.17
C32 MQ7 U . -16.56 5.83 21.10
C33 MQ7 U . -17.49 4.93 21.43
C34 MQ7 U . -17.32 3.48 20.96
C35 MQ7 U . -18.65 5.36 22.34
C36 MQ7 U . -20.01 5.03 21.67
C37 MQ7 U . -21.16 5.39 22.68
C38 MQ7 U . -22.40 4.96 22.37
C39 MQ7 U . -22.55 4.17 21.06
C40 MQ7 U . -23.59 5.23 23.32
C41 MQ7 U . -23.29 4.64 24.73
C42 MQ7 U . -24.44 4.91 25.73
C43 MQ7 U . -24.72 4.04 26.73
C44 MQ7 U . -23.67 2.99 27.16
C45 MQ7 U . -26.08 4.10 27.45
C1 NS1 V . 10.25 10.10 -23.95
CM1 NS1 V . 10.46 11.24 -24.97
CM2 NS1 V . 9.30 8.95 -24.29
C2 NS1 V . 10.90 10.12 -22.79
C3 NS1 V . 10.69 8.98 -21.78
C4 NS1 V . 11.56 9.20 -20.52
C5 NS1 V . 11.29 8.08 -19.50
C6 NS1 V . 10.34 6.93 -19.87
C7 NS1 V . 11.87 8.09 -18.30
C8 NS1 V . 11.57 6.95 -17.31
C9 NS1 V . 12.50 7.07 -16.10
C10 NS1 V . 12.11 6.12 -14.95
C11 NS1 V . 11.19 4.96 -15.22
C12 NS1 V . 12.59 6.33 -13.67
C13 NS1 V . 11.93 5.85 -12.55
C14 NS1 V . 12.44 6.18 -11.31
C15 NS1 V . 11.77 5.76 -10.18
C16 NS1 V . 10.46 5.01 -10.41
C17 NS1 V . 12.14 6.16 -8.89
C18 NS1 V . 13.45 6.52 -8.54
C19 NS1 V . 13.68 7.11 -7.28
C20 NS1 V . 14.93 7.53 -6.87
C21 NS1 V . 15.39 8.55 -6.00
C22 NS1 V . 14.38 9.31 -5.09
C23 NS1 V . 16.76 8.88 -5.91
C24 NS1 V . 17.15 10.18 -5.46
C25 NS1 V . 18.46 10.68 -5.67
C26 NS1 V . 18.89 12.00 -5.37
C27 NS1 V . 17.85 13.03 -4.87
C28 NS1 V . 20.26 12.34 -5.43
C29 NS1 V . 20.79 13.64 -5.32
C30 NS1 V . 22.18 13.91 -5.42
C31 NS1 V . 22.70 15.22 -5.21
C32 NS1 V . 21.72 16.38 -4.98
C33 NS1 V . 24.21 15.55 -5.21
C34 NS1 V . 24.37 17.04 -4.87
C35 NS1 V . 25.83 17.49 -5.04
C36 NS1 V . 25.98 18.97 -4.62
CM3 NS1 V . 25.08 19.87 -5.50
CM4 NS1 V . 27.45 19.41 -4.77
N1 LDA W . -9.90 13.72 21.53
O1 LDA W . -9.31 14.78 21.44
CM1 LDA W . -10.01 13.28 22.91
CM2 LDA W . -11.30 13.96 21.32
C1 LDA W . -9.29 12.60 20.80
C2 LDA W . -8.70 13.03 19.45
C3 LDA W . -8.30 11.76 18.61
C4 LDA W . -6.90 12.05 18.06
C5 LDA W . -6.44 11.07 16.98
C6 LDA W . -4.98 11.50 16.68
C7 LDA W . -4.25 10.24 16.23
C8 LDA W . -2.73 10.47 16.00
C9 LDA W . -2.43 9.41 14.96
C10 LDA W . -0.97 8.98 15.05
C11 LDA W . -0.93 7.58 14.46
C12 LDA W . 0.19 7.49 13.44
S SO4 X . -16.17 18.76 23.42
O1 SO4 X . -17.42 18.03 22.94
O2 SO4 X . -15.69 19.63 22.29
O3 SO4 X . -15.08 17.77 23.81
O4 SO4 X . -16.49 19.64 24.61
S SO4 Y . -36.07 34.23 9.11
O1 SO4 Y . -37.07 34.64 8.05
O2 SO4 Y . -34.81 33.84 8.40
O3 SO4 Y . -36.61 33.02 9.91
O4 SO4 Y . -35.85 35.39 10.08
S SO4 Z . -3.02 27.64 26.65
O1 SO4 Z . -2.50 27.77 25.23
O2 SO4 Z . -4.35 28.37 26.77
O3 SO4 Z . -3.10 26.16 26.95
O4 SO4 Z . -2.06 28.30 27.63
N1 LDA AA . 12.14 3.90 27.84
O1 LDA AA . 12.44 5.01 27.42
CM1 LDA AA . 12.93 3.58 29.00
CM2 LDA AA . 10.74 3.80 28.24
C1 LDA AA . 12.37 2.94 26.78
C2 LDA AA . 11.80 3.48 25.46
C3 LDA AA . 10.98 2.39 24.78
C4 LDA AA . 10.81 2.75 23.26
C5 LDA AA . 10.03 1.61 22.54
C6 LDA AA . 9.58 2.04 21.14
C7 LDA AA . 8.95 0.83 20.42
C8 LDA AA . 8.55 1.23 18.97
C9 LDA AA . 7.95 0.04 18.19
C10 LDA AA . 7.38 0.58 16.88
C11 LDA AA . 7.24 -0.51 15.80
C12 LDA AA . 6.53 0.16 14.60
#